data_5T0D
#
_entry.id   5T0D
#
_cell.length_a   185.056
_cell.length_b   98.733
_cell.length_c   132.787
_cell.angle_alpha   90.00
_cell.angle_beta   126.76
_cell.angle_gamma   90.00
#
_symmetry.space_group_name_H-M   'C 1 2 1'
#
loop_
_entity.id
_entity.type
_entity.pdbx_description
1 polymer Hemagglutinin
2 polymer 'Hemagglutinin HA2 chain'
3 branched 'N-acetyl-alpha-neuraminic acid-(2-3)-beta-D-galactopyranose-(1-4)-2-acetamido-2-deoxy-beta-D-glucopyranose'
4 non-polymer 2-acetamido-2-deoxy-beta-D-glucopyranose
5 water water
#
loop_
_entity_poly.entity_id
_entity_poly.type
_entity_poly.pdbx_seq_one_letter_code
_entity_poly.pdbx_strand_id
1 'polypeptide(L)'
;ADPGDKICIGYHANNSTTQVDTLLEKNVTVTHSVELLENQKEKRFCKIMNKAPLDLKDCTIEGWILGNPKCDLLLGDQSW
SYIVERPNAQNGICYPGVLNELEELKAFIGSGERVERFEMFPKSTWAGVDTSRGVTNACPSYTIDSSFYRNLVWIVKTDS
ATYPVIKGTYNNTGTQPILYFWGVHHPLDTTVQDNLYGSGDKYVRMGTESMNFAKSPEIAARPAVNDQRSRIDYYWSVLR
PGETLNVESNGNLIAPWYAYKFVSTNKKGAVFKSDLPIENCDATCQTITGVLRTNKTFQNVSPLWIGECPKYVKSESLRL
ATGLRNVPQIATR
;
A,C,E
2 'polypeptide(L)'
;GIFGAIAGFIEGGWTGMIDGWYGYHHENSQGSGYAADRESTQKAIDGITNKVNSIINKMNTQFEAVDHEFSNLERRIGNL
NKRMEDGFLDVWTYNAELLVLLENERTLDLHDANVKNLYEKVKSQLRDNANDLGNGCFEFWHKCDNECMESVKNGTYDYP
KYQKESKLNRQGIEGRLVPR
;
B,D,F
#
# COMPACT_ATOMS: atom_id res chain seq x y z
N PRO A 3 -46.12 8.64 -51.46
CA PRO A 3 -45.03 8.47 -50.49
C PRO A 3 -43.76 9.24 -50.87
N GLY A 4 -42.97 9.62 -49.87
CA GLY A 4 -41.73 10.38 -50.06
C GLY A 4 -40.51 9.64 -49.57
N ASP A 5 -39.40 9.80 -50.27
CA ASP A 5 -38.14 9.14 -49.96
C ASP A 5 -37.50 9.55 -48.63
N LYS A 6 -37.11 8.57 -47.81
CA LYS A 6 -36.54 8.76 -46.46
C LYS A 6 -35.13 8.26 -46.33
N ILE A 7 -34.38 8.87 -45.45
CA ILE A 7 -33.06 8.42 -45.07
C ILE A 7 -32.94 8.73 -43.60
N CYS A 8 -32.69 7.71 -42.80
CA CYS A 8 -32.61 7.79 -41.35
C CYS A 8 -31.20 7.53 -40.82
N ILE A 9 -30.82 8.25 -39.78
CA ILE A 9 -29.57 7.97 -39.11
C ILE A 9 -29.85 7.31 -37.76
N GLY A 10 -29.24 6.16 -37.51
CA GLY A 10 -29.54 5.45 -36.28
C GLY A 10 -28.43 4.54 -35.82
N TYR A 11 -28.76 3.51 -35.05
CA TYR A 11 -27.70 2.69 -34.51
C TYR A 11 -28.13 1.25 -34.28
N HIS A 12 -27.13 0.41 -33.96
CA HIS A 12 -27.32 -1.00 -33.71
C HIS A 12 -28.08 -1.31 -32.42
N ALA A 13 -28.82 -2.40 -32.46
CA ALA A 13 -29.53 -2.94 -31.30
C ALA A 13 -29.48 -4.45 -31.46
N ASN A 14 -29.66 -5.18 -30.37
CA ASN A 14 -29.65 -6.63 -30.42
C ASN A 14 -30.41 -7.22 -29.24
N ASN A 15 -30.48 -8.55 -29.17
CA ASN A 15 -31.28 -9.26 -28.17
C ASN A 15 -30.55 -9.41 -26.84
N SER A 16 -29.39 -8.77 -26.71
CA SER A 16 -28.60 -8.83 -25.50
C SER A 16 -29.35 -8.33 -24.28
N THR A 17 -29.19 -9.02 -23.17
CA THR A 17 -29.83 -8.68 -21.92
C THR A 17 -28.78 -8.41 -20.87
N THR A 18 -27.52 -8.36 -21.31
CA THR A 18 -26.37 -8.10 -20.48
C THR A 18 -26.19 -6.62 -20.10
N GLN A 19 -26.11 -6.34 -18.80
CA GLN A 19 -25.98 -4.98 -18.29
C GLN A 19 -24.62 -4.58 -17.71
N VAL A 20 -24.38 -3.27 -17.68
CA VAL A 20 -23.21 -2.70 -17.05
C VAL A 20 -23.67 -1.59 -16.12
N ASP A 21 -22.81 -1.13 -15.21
CA ASP A 21 -23.13 0.05 -14.46
C ASP A 21 -22.23 1.19 -14.91
N THR A 22 -22.66 2.41 -14.67
CA THR A 22 -21.83 3.57 -14.94
C THR A 22 -21.94 4.43 -13.68
N LEU A 23 -21.20 5.52 -13.61
CA LEU A 23 -21.26 6.39 -12.45
C LEU A 23 -22.59 7.10 -12.37
N LEU A 24 -23.26 7.24 -13.52
CA LEU A 24 -24.51 8.02 -13.61
C LEU A 24 -25.71 7.10 -13.60
N GLU A 25 -25.52 5.85 -13.99
CA GLU A 25 -26.65 4.97 -14.13
C GLU A 25 -26.25 3.52 -13.96
N LYS A 26 -26.97 2.82 -13.08
CA LYS A 26 -26.83 1.38 -12.90
C LYS A 26 -27.67 0.60 -13.90
N ASN A 27 -27.34 -0.67 -14.08
CA ASN A 27 -28.18 -1.61 -14.82
C ASN A 27 -28.50 -1.17 -16.22
N VAL A 28 -27.51 -0.65 -16.94
CA VAL A 28 -27.72 -0.24 -18.34
C VAL A 28 -27.49 -1.42 -19.27
N THR A 29 -28.46 -1.72 -20.12
CA THR A 29 -28.27 -2.77 -21.11
C THR A 29 -27.46 -2.25 -22.29
N VAL A 30 -26.49 -3.04 -22.73
CA VAL A 30 -25.61 -2.62 -23.80
C VAL A 30 -25.45 -3.78 -24.77
N THR A 31 -25.07 -3.45 -26.01
CA THR A 31 -25.02 -4.43 -27.09
C THR A 31 -23.82 -5.36 -26.94
N HIS A 32 -22.67 -4.80 -26.65
CA HIS A 32 -21.46 -5.60 -26.50
C HIS A 32 -20.66 -5.19 -25.29
N SER A 33 -20.17 -6.19 -24.57
CA SER A 33 -19.36 -5.89 -23.43
C SER A 33 -18.40 -7.03 -23.15
N VAL A 34 -17.36 -6.75 -22.37
CA VAL A 34 -16.38 -7.76 -21.97
C VAL A 34 -16.48 -7.94 -20.46
N GLU A 35 -16.49 -9.18 -19.99
CA GLU A 35 -16.30 -9.44 -18.56
C GLU A 35 -14.81 -9.56 -18.21
N LEU A 36 -14.35 -8.70 -17.30
CA LEU A 36 -12.94 -8.59 -17.02
C LEU A 36 -12.48 -9.39 -15.80
N LEU A 37 -13.42 -9.90 -15.01
CA LEU A 37 -13.06 -10.60 -13.78
C LEU A 37 -13.49 -12.06 -13.87
N GLU A 38 -12.67 -12.92 -13.28
CA GLU A 38 -12.89 -14.36 -13.28
C GLU A 38 -13.22 -14.88 -11.89
N ASN A 39 -14.33 -15.60 -11.74
CA ASN A 39 -14.66 -16.20 -10.45
C ASN A 39 -14.74 -17.72 -10.50
N GLN A 40 -14.34 -18.30 -11.62
CA GLN A 40 -14.39 -19.75 -11.82
C GLN A 40 -13.02 -20.33 -11.53
N LYS A 41 -13.01 -21.53 -10.97
CA LYS A 41 -11.83 -22.11 -10.39
C LYS A 41 -11.91 -23.63 -10.42
N GLU A 42 -10.78 -24.30 -10.50
CA GLU A 42 -10.76 -25.77 -10.39
C GLU A 42 -10.27 -26.17 -9.02
N LYS A 43 -11.14 -26.77 -8.21
CA LYS A 43 -10.78 -27.09 -6.83
C LYS A 43 -9.86 -28.28 -6.78
N ARG A 44 -8.61 -28.04 -7.14
CA ARG A 44 -7.57 -29.06 -7.13
C ARG A 44 -6.17 -28.45 -7.29
N PHE A 45 -5.16 -29.27 -7.08
CA PHE A 45 -3.78 -28.83 -7.22
C PHE A 45 -3.10 -29.52 -8.39
N CYS A 46 -2.44 -28.71 -9.24
CA CYS A 46 -1.84 -29.19 -10.48
C CYS A 46 -0.37 -28.84 -10.60
N LYS A 47 0.35 -29.67 -11.33
CA LYS A 47 1.75 -29.40 -11.70
C LYS A 47 1.84 -28.02 -12.32
N ILE A 48 2.91 -27.29 -12.03
CA ILE A 48 3.03 -25.93 -12.55
C ILE A 48 4.11 -25.72 -13.62
N MET A 49 5.35 -26.12 -13.37
CA MET A 49 6.33 -25.97 -14.44
C MET A 49 6.59 -27.34 -15.05
N ASN A 50 5.52 -28.11 -15.18
CA ASN A 50 5.56 -29.55 -15.43
C ASN A 50 6.20 -30.28 -14.25
N LYS A 51 6.33 -29.57 -13.14
CA LYS A 51 6.93 -30.12 -11.94
C LYS A 51 5.83 -30.30 -10.93
N ALA A 52 5.70 -31.51 -10.39
CA ALA A 52 4.63 -31.80 -9.45
C ALA A 52 4.92 -31.19 -8.08
N PRO A 53 3.86 -30.75 -7.38
CA PRO A 53 4.05 -30.24 -6.02
C PRO A 53 4.48 -31.36 -5.06
N LEU A 54 4.73 -31.02 -3.81
CA LEU A 54 5.03 -32.03 -2.81
C LEU A 54 3.87 -32.20 -1.84
N ASP A 55 3.35 -33.44 -1.77
CA ASP A 55 2.20 -33.74 -0.90
C ASP A 55 2.69 -34.39 0.38
N LEU A 56 2.69 -33.62 1.46
CA LEU A 56 3.20 -34.10 2.74
C LEU A 56 2.25 -35.12 3.35
N LYS A 57 1.06 -35.23 2.78
CA LYS A 57 0.07 -36.20 3.21
C LYS A 57 -0.21 -36.10 4.69
N ASP A 58 0.05 -37.17 5.43
CA ASP A 58 -0.28 -37.23 6.85
C ASP A 58 0.85 -36.74 7.78
N CYS A 59 1.86 -36.08 7.19
CA CYS A 59 2.96 -35.46 7.92
C CYS A 59 2.86 -33.93 7.91
N THR A 60 3.43 -33.29 8.91
CA THR A 60 3.58 -31.83 8.86
C THR A 60 4.92 -31.46 8.22
N ILE A 61 5.20 -30.18 8.08
CA ILE A 61 6.50 -29.72 7.58
C ILE A 61 7.62 -30.15 8.53
N GLU A 62 7.40 -29.99 9.82
CA GLU A 62 8.35 -30.41 10.84
C GLU A 62 8.53 -31.93 10.82
N GLY A 63 7.44 -32.68 10.73
CA GLY A 63 7.54 -34.12 10.71
C GLY A 63 8.34 -34.63 9.53
N TRP A 64 8.41 -33.81 8.48
CA TRP A 64 9.02 -34.26 7.23
C TRP A 64 10.54 -34.11 7.25
N ILE A 65 11.04 -32.93 7.63
CA ILE A 65 12.48 -32.69 7.58
C ILE A 65 13.23 -33.12 8.85
N LEU A 66 12.51 -33.39 9.95
CA LEU A 66 13.16 -33.97 11.12
C LEU A 66 13.33 -35.44 10.85
N GLY A 67 12.45 -35.97 10.00
CA GLY A 67 12.49 -37.37 9.67
C GLY A 67 11.74 -38.24 10.67
N ASN A 68 10.57 -37.77 11.11
CA ASN A 68 9.64 -38.59 11.87
C ASN A 68 9.57 -39.97 11.22
N PRO A 69 9.53 -41.02 12.05
CA PRO A 69 9.45 -42.38 11.52
C PRO A 69 8.24 -42.61 10.60
N LYS A 70 7.07 -42.12 10.99
CA LYS A 70 5.86 -42.39 10.21
C LYS A 70 5.84 -41.65 8.87
N CYS A 71 6.88 -40.86 8.60
CA CYS A 71 6.95 -40.07 7.37
C CYS A 71 7.92 -40.69 6.37
N ASP A 72 8.10 -42.00 6.45
CA ASP A 72 9.12 -42.66 5.65
C ASP A 72 8.83 -42.61 4.15
N LEU A 73 7.57 -42.39 3.81
CA LEU A 73 7.13 -42.26 2.43
C LEU A 73 7.81 -41.08 1.79
N LEU A 74 8.01 -40.03 2.59
CA LEU A 74 8.65 -38.81 2.12
C LEU A 74 10.16 -38.84 2.26
N LEU A 75 10.69 -39.91 2.83
CA LEU A 75 12.12 -40.01 3.05
C LEU A 75 12.93 -39.98 1.78
N GLY A 76 14.09 -39.35 1.85
CA GLY A 76 14.96 -39.24 0.70
C GLY A 76 14.85 -37.93 -0.05
N ASP A 77 15.41 -37.92 -1.25
CA ASP A 77 15.40 -36.74 -2.10
C ASP A 77 14.02 -36.33 -2.54
N GLN A 78 13.82 -35.02 -2.65
CA GLN A 78 12.55 -34.47 -3.08
C GLN A 78 12.73 -33.23 -3.95
N SER A 79 11.81 -33.03 -4.88
CA SER A 79 11.84 -31.84 -5.74
C SER A 79 10.41 -31.37 -5.91
N TRP A 80 10.20 -30.07 -6.05
CA TRP A 80 8.85 -29.53 -6.04
C TRP A 80 8.70 -28.09 -6.50
N SER A 81 7.52 -27.77 -7.01
CA SER A 81 7.19 -26.44 -7.48
C SER A 81 6.39 -25.66 -6.45
N TYR A 82 5.80 -26.39 -5.50
CA TYR A 82 5.25 -25.80 -4.28
C TYR A 82 4.87 -26.92 -3.32
N ILE A 83 4.47 -26.56 -2.11
CA ILE A 83 4.23 -27.54 -1.06
C ILE A 83 2.77 -27.54 -0.58
N VAL A 84 2.18 -28.72 -0.51
CA VAL A 84 0.84 -28.85 0.06
C VAL A 84 0.91 -29.62 1.37
N GLU A 85 0.44 -28.98 2.43
CA GLU A 85 0.48 -29.54 3.78
C GLU A 85 -0.94 -29.67 4.31
N ARG A 86 -1.35 -30.88 4.68
CA ARG A 86 -2.75 -31.12 5.02
C ARG A 86 -3.09 -30.60 6.40
N PRO A 87 -4.22 -29.89 6.52
CA PRO A 87 -4.63 -29.18 7.74
C PRO A 87 -4.78 -30.05 9.00
N ASN A 88 -4.99 -31.36 8.85
CA ASN A 88 -5.12 -32.19 10.05
C ASN A 88 -4.14 -33.35 10.07
N ALA A 89 -2.96 -33.12 9.52
CA ALA A 89 -1.91 -34.12 9.46
C ALA A 89 -1.40 -34.41 10.85
N GLN A 90 -1.35 -35.69 11.21
CA GLN A 90 -1.06 -36.07 12.58
C GLN A 90 0.43 -36.06 12.91
N ASN A 91 1.23 -36.69 12.08
CA ASN A 91 2.63 -36.92 12.39
C ASN A 91 3.55 -35.71 12.19
N GLY A 92 3.86 -35.04 13.30
CA GLY A 92 4.84 -33.96 13.30
C GLY A 92 5.99 -34.16 14.28
N ILE A 93 6.01 -33.33 15.31
CA ILE A 93 7.02 -33.41 16.35
C ILE A 93 6.54 -34.39 17.42
N CYS A 94 7.02 -35.63 17.35
CA CYS A 94 6.48 -36.72 18.14
C CYS A 94 6.97 -36.69 19.59
N TYR A 95 8.21 -36.29 19.80
CA TYR A 95 8.76 -36.04 21.14
C TYR A 95 8.65 -34.58 21.55
N PRO A 96 7.75 -34.27 22.49
CA PRO A 96 7.32 -32.92 22.88
C PRO A 96 8.46 -31.92 23.05
N GLY A 97 8.30 -30.73 22.50
CA GLY A 97 9.31 -29.71 22.58
C GLY A 97 9.24 -28.75 21.42
N VAL A 98 9.91 -27.62 21.54
CA VAL A 98 9.87 -26.56 20.53
C VAL A 98 10.95 -26.69 19.44
N LEU A 99 10.51 -26.62 18.18
CA LEU A 99 11.43 -26.33 17.08
C LEU A 99 11.55 -24.81 17.01
N ASN A 100 12.76 -24.31 17.21
CA ASN A 100 12.96 -22.88 17.39
C ASN A 100 13.10 -22.17 16.08
N GLU A 101 12.72 -20.90 16.07
CA GLU A 101 12.66 -20.13 14.84
C GLU A 101 11.90 -20.91 13.73
N LEU A 102 10.73 -21.45 14.09
CA LEU A 102 9.92 -22.29 13.20
C LEU A 102 9.33 -21.55 11.98
N GLU A 103 8.68 -20.42 12.22
CA GLU A 103 8.10 -19.61 11.17
C GLU A 103 9.15 -19.22 10.17
N GLU A 104 10.38 -19.07 10.65
CA GLU A 104 11.44 -18.67 9.76
C GLU A 104 12.00 -19.88 8.99
N LEU A 105 11.80 -21.09 9.52
CA LEU A 105 12.21 -22.32 8.85
C LEU A 105 11.23 -22.70 7.77
N LYS A 106 9.93 -22.53 8.06
CA LYS A 106 8.87 -22.78 7.11
C LYS A 106 9.08 -21.80 5.92
N ALA A 107 9.34 -20.53 6.22
CA ALA A 107 9.64 -19.59 5.16
C ALA A 107 10.89 -20.00 4.37
N PHE A 108 11.92 -20.47 5.05
CA PHE A 108 13.11 -20.92 4.33
C PHE A 108 12.86 -22.16 3.47
N ILE A 109 12.12 -23.12 4.00
CA ILE A 109 11.82 -24.35 3.28
C ILE A 109 11.05 -24.01 2.02
N GLY A 110 10.11 -23.08 2.15
CA GLY A 110 9.36 -22.63 1.00
C GLY A 110 10.44 -21.83 0.29
N SER A 111 10.33 -21.63 -1.01
CA SER A 111 11.36 -20.92 -1.75
C SER A 111 12.53 -21.83 -2.04
N GLY A 112 12.34 -23.12 -1.80
CA GLY A 112 13.37 -24.08 -2.08
C GLY A 112 12.78 -25.05 -3.08
N GLU A 113 13.39 -25.15 -4.25
CA GLU A 113 12.95 -26.07 -5.29
C GLU A 113 13.14 -27.56 -5.01
N ARG A 114 14.26 -27.94 -4.38
CA ARG A 114 14.52 -29.34 -4.10
C ARG A 114 15.52 -29.60 -2.96
N VAL A 115 15.50 -30.82 -2.41
CA VAL A 115 16.45 -31.22 -1.37
C VAL A 115 17.01 -32.63 -1.57
N GLU A 116 18.32 -32.78 -1.44
CA GLU A 116 18.94 -34.10 -1.42
C GLU A 116 19.31 -34.51 0.00
N ARG A 117 18.85 -35.68 0.41
CA ARG A 117 19.17 -36.18 1.74
C ARG A 117 20.47 -36.98 1.73
N PHE A 118 21.31 -36.71 2.72
CA PHE A 118 22.60 -37.39 2.85
C PHE A 118 22.96 -37.49 4.31
N GLU A 119 23.96 -38.31 4.61
CA GLU A 119 24.42 -38.49 5.98
C GLU A 119 25.52 -37.50 6.30
N MET A 120 25.16 -36.43 7.00
CA MET A 120 26.14 -35.40 7.38
C MET A 120 27.13 -35.85 8.47
N PHE A 121 26.62 -36.49 9.51
CA PHE A 121 27.42 -37.01 10.62
C PHE A 121 27.13 -38.48 10.81
N PRO A 122 28.15 -39.33 10.64
CA PRO A 122 27.93 -40.76 10.87
C PRO A 122 27.98 -41.08 12.37
N LYS A 123 27.24 -42.11 12.79
CA LYS A 123 27.21 -42.48 14.20
C LYS A 123 28.61 -42.69 14.81
N SER A 124 29.58 -43.10 13.99
CA SER A 124 30.95 -43.26 14.45
C SER A 124 31.61 -41.94 14.88
N THR A 125 31.04 -40.82 14.46
CA THR A 125 31.60 -39.49 14.71
C THR A 125 31.84 -39.23 16.19
N TRP A 126 31.00 -39.85 17.01
CA TRP A 126 31.02 -39.62 18.45
C TRP A 126 31.64 -40.81 19.15
N ALA A 127 32.69 -40.56 19.92
CA ALA A 127 33.42 -41.63 20.58
C ALA A 127 33.13 -41.70 22.07
N GLY A 128 32.86 -42.90 22.55
CA GLY A 128 32.74 -43.16 23.97
C GLY A 128 31.31 -43.13 24.44
N VAL A 129 30.37 -43.04 23.49
CA VAL A 129 28.96 -42.90 23.84
C VAL A 129 28.06 -43.89 23.12
N ASP A 130 26.84 -44.06 23.62
CA ASP A 130 25.92 -45.03 23.05
C ASP A 130 24.96 -44.41 22.05
N THR A 131 25.16 -44.75 20.80
CA THR A 131 24.23 -44.37 19.75
C THR A 131 22.90 -45.16 19.75
N SER A 132 22.97 -46.45 20.06
CA SER A 132 21.90 -47.37 19.70
C SER A 132 20.75 -47.46 20.69
N ARG A 133 20.80 -46.67 21.75
CA ARG A 133 19.76 -46.67 22.76
C ARG A 133 18.76 -45.52 22.48
N GLY A 134 19.06 -44.69 21.49
CA GLY A 134 18.32 -43.45 21.30
C GLY A 134 17.01 -43.61 20.53
N VAL A 135 16.01 -44.03 21.29
CA VAL A 135 14.69 -44.42 20.79
C VAL A 135 13.64 -44.07 21.85
N THR A 136 12.46 -43.65 21.41
CA THR A 136 11.32 -43.48 22.30
C THR A 136 10.04 -44.03 21.71
N ASN A 137 9.02 -44.17 22.55
CA ASN A 137 7.76 -44.68 22.05
C ASN A 137 6.71 -43.59 21.99
N ALA A 138 7.20 -42.36 21.95
CA ALA A 138 6.41 -41.20 21.58
C ALA A 138 6.64 -41.01 20.07
N CYS A 139 7.65 -41.69 19.56
CA CYS A 139 8.02 -41.68 18.15
C CYS A 139 8.00 -43.06 17.51
N PRO A 140 6.83 -43.69 17.43
CA PRO A 140 6.86 -44.97 16.72
C PRO A 140 7.01 -44.81 15.22
N SER A 141 7.51 -45.85 14.56
CA SER A 141 7.31 -45.99 13.13
C SER A 141 6.01 -46.74 12.99
N TYR A 142 5.64 -47.09 11.76
CA TYR A 142 4.47 -47.91 11.56
C TYR A 142 4.77 -49.36 11.95
N THR A 143 6.03 -49.73 11.92
CA THR A 143 6.41 -51.11 12.20
C THR A 143 6.88 -51.35 13.66
N ILE A 144 7.66 -50.43 14.21
CA ILE A 144 8.22 -50.60 15.56
C ILE A 144 7.69 -49.59 16.57
N ASP A 145 7.23 -50.09 17.71
CA ASP A 145 6.54 -49.30 18.72
C ASP A 145 7.42 -48.20 19.31
N SER A 146 8.73 -48.45 19.31
CA SER A 146 9.68 -47.48 19.82
C SER A 146 10.76 -47.15 18.80
N SER A 147 10.78 -45.90 18.37
CA SER A 147 11.71 -45.45 17.35
C SER A 147 12.10 -43.99 17.59
N PHE A 148 12.69 -43.36 16.59
CA PHE A 148 13.11 -41.96 16.71
C PHE A 148 13.29 -41.38 15.32
N TYR A 149 13.27 -40.05 15.23
CA TYR A 149 13.47 -39.34 13.96
C TYR A 149 14.58 -39.93 13.12
N ARG A 150 14.45 -39.82 11.81
CA ARG A 150 15.38 -40.43 10.88
C ARG A 150 16.60 -39.56 10.65
N ASN A 151 16.55 -38.31 11.12
CA ASN A 151 17.63 -37.37 10.81
C ASN A 151 18.39 -36.93 12.08
N LEU A 152 18.11 -37.58 13.19
CA LEU A 152 18.73 -37.21 14.44
C LEU A 152 19.13 -38.44 15.24
N VAL A 153 20.24 -38.33 15.98
CA VAL A 153 20.57 -39.36 16.97
C VAL A 153 20.38 -38.83 18.38
N TRP A 154 19.62 -39.58 19.17
CA TRP A 154 19.58 -39.36 20.61
C TRP A 154 20.77 -40.06 21.26
N ILE A 155 21.79 -39.28 21.58
CA ILE A 155 22.99 -39.86 22.14
C ILE A 155 22.88 -39.95 23.66
N VAL A 156 23.13 -41.16 24.14
CA VAL A 156 23.00 -41.50 25.55
C VAL A 156 24.36 -42.07 25.91
N LYS A 157 24.50 -42.59 27.12
CA LYS A 157 25.78 -42.76 27.79
C LYS A 157 26.09 -44.25 27.76
N THR A 158 27.30 -44.64 28.10
CA THR A 158 27.62 -46.04 28.04
C THR A 158 27.65 -46.60 29.46
N ASP A 159 27.93 -47.90 29.60
CA ASP A 159 27.86 -48.55 30.91
C ASP A 159 28.80 -47.89 31.90
N SER A 160 29.95 -47.41 31.43
CA SER A 160 30.81 -46.58 32.26
C SER A 160 30.04 -45.32 32.62
N ALA A 161 30.15 -44.89 33.87
CA ALA A 161 29.29 -43.83 34.40
C ALA A 161 29.47 -42.52 33.64
N THR A 162 30.69 -42.19 33.25
CA THR A 162 30.94 -40.94 32.52
C THR A 162 30.42 -40.86 31.08
N TYR A 163 29.87 -39.71 30.74
CA TYR A 163 29.56 -39.35 29.37
C TYR A 163 30.73 -38.53 28.87
N PRO A 164 31.53 -39.10 27.96
CA PRO A 164 32.76 -38.39 27.59
C PRO A 164 32.46 -37.20 26.70
N VAL A 165 33.40 -36.27 26.60
CA VAL A 165 33.24 -35.20 25.62
C VAL A 165 33.31 -35.80 24.23
N ILE A 166 32.45 -35.33 23.34
CA ILE A 166 32.40 -35.83 21.99
C ILE A 166 32.49 -34.66 21.02
N LYS A 167 33.13 -34.89 19.89
CA LYS A 167 33.35 -33.83 18.92
C LYS A 167 33.05 -34.36 17.54
N GLY A 168 32.55 -33.46 16.69
CA GLY A 168 32.30 -33.77 15.30
C GLY A 168 32.52 -32.55 14.44
N THR A 169 33.13 -32.77 13.29
CA THR A 169 33.31 -31.69 12.33
C THR A 169 32.77 -32.09 10.97
N TYR A 170 32.01 -31.18 10.36
CA TYR A 170 31.64 -31.36 8.96
C TYR A 170 32.04 -30.13 8.15
N ASN A 171 32.72 -30.38 7.04
CA ASN A 171 33.14 -29.31 6.15
C ASN A 171 32.38 -29.34 4.85
N ASN A 172 31.76 -28.21 4.48
CA ASN A 172 30.94 -28.16 3.28
C ASN A 172 31.81 -27.78 2.12
N THR A 173 32.25 -28.81 1.40
CA THR A 173 33.21 -28.66 0.33
C THR A 173 32.65 -27.87 -0.86
N GLY A 174 31.41 -28.12 -1.24
CA GLY A 174 30.89 -27.50 -2.46
C GLY A 174 29.43 -27.13 -2.67
N THR A 175 29.20 -25.86 -3.02
CA THR A 175 28.15 -25.46 -3.98
C THR A 175 26.71 -25.36 -3.46
N GLN A 176 26.39 -25.92 -2.31
CA GLN A 176 24.99 -25.95 -1.87
C GLN A 176 24.84 -25.63 -0.42
N PRO A 177 23.81 -24.84 -0.09
CA PRO A 177 23.52 -24.71 1.33
C PRO A 177 23.04 -26.04 1.90
N ILE A 178 23.40 -26.33 3.15
CA ILE A 178 22.95 -27.55 3.80
C ILE A 178 22.04 -27.18 4.96
N LEU A 179 20.82 -27.72 4.94
CA LEU A 179 19.87 -27.50 6.00
C LEU A 179 20.01 -28.67 6.96
N TYR A 180 20.28 -28.38 8.23
CA TYR A 180 20.49 -29.45 9.18
C TYR A 180 19.86 -29.15 10.51
N PHE A 181 19.63 -30.20 11.29
CA PHE A 181 18.97 -30.06 12.59
C PHE A 181 19.73 -30.76 13.74
N TRP A 182 19.52 -30.25 14.94
CA TRP A 182 20.12 -30.78 16.16
C TRP A 182 19.23 -30.43 17.32
N GLY A 183 19.52 -31.01 18.48
CA GLY A 183 18.66 -30.73 19.63
C GLY A 183 19.37 -30.75 20.95
N VAL A 184 18.74 -30.16 21.95
CA VAL A 184 19.15 -30.28 23.35
C VAL A 184 18.05 -30.95 24.16
N HIS A 185 18.38 -32.02 24.86
CA HIS A 185 17.39 -32.76 25.64
C HIS A 185 17.24 -32.16 27.03
N HIS A 186 16.00 -32.04 27.50
CA HIS A 186 15.68 -31.52 28.82
C HIS A 186 14.87 -32.52 29.65
N PRO A 187 15.55 -33.35 30.48
CA PRO A 187 14.80 -34.31 31.29
C PRO A 187 13.90 -33.68 32.35
N LEU A 188 12.96 -34.47 32.88
CA LEU A 188 12.03 -34.01 33.90
C LEU A 188 12.68 -34.14 35.28
N ASP A 189 13.69 -35.01 35.33
CA ASP A 189 14.39 -35.36 36.56
C ASP A 189 15.85 -35.04 36.49
N THR A 190 16.47 -34.94 37.66
CA THR A 190 17.90 -35.07 37.76
C THR A 190 18.23 -36.55 37.76
N THR A 191 17.26 -37.36 38.19
CA THR A 191 17.38 -38.81 38.14
C THR A 191 17.58 -39.30 36.72
N VAL A 192 16.72 -38.81 35.83
CA VAL A 192 16.80 -39.15 34.42
C VAL A 192 18.04 -38.53 33.79
N GLN A 193 18.35 -37.30 34.16
CA GLN A 193 19.58 -36.65 33.76
C GLN A 193 20.79 -37.51 34.10
N ASP A 194 20.94 -37.88 35.37
CA ASP A 194 22.06 -38.69 35.81
C ASP A 194 22.03 -40.06 35.11
N ASN A 195 20.84 -40.62 34.94
CA ASN A 195 20.71 -41.94 34.35
C ASN A 195 21.13 -41.96 32.87
N LEU A 196 20.59 -41.02 32.10
CA LEU A 196 20.88 -40.91 30.66
C LEU A 196 22.28 -40.36 30.37
N TYR A 197 22.75 -39.42 31.17
CA TYR A 197 24.00 -38.73 30.88
C TYR A 197 24.87 -38.66 32.13
N GLY A 198 26.12 -38.27 31.96
CA GLY A 198 27.03 -38.21 33.08
C GLY A 198 26.57 -37.16 34.09
N SER A 199 26.98 -37.34 35.34
CA SER A 199 26.69 -36.37 36.38
C SER A 199 27.49 -35.10 36.12
N GLY A 200 27.05 -33.98 36.70
CA GLY A 200 27.73 -32.72 36.55
C GLY A 200 27.24 -31.82 35.44
N ASP A 201 27.84 -30.65 35.29
CA ASP A 201 27.37 -29.63 34.36
C ASP A 201 27.44 -30.12 32.92
N LYS A 202 26.45 -29.78 32.10
CA LYS A 202 26.43 -30.24 30.71
C LYS A 202 26.23 -29.12 29.71
N TYR A 203 26.61 -29.37 28.45
CA TYR A 203 26.48 -28.34 27.43
C TYR A 203 26.45 -28.91 26.01
N VAL A 204 25.83 -28.16 25.13
CA VAL A 204 25.92 -28.35 23.69
C VAL A 204 26.52 -27.09 23.13
N ARG A 205 27.64 -27.22 22.42
CA ARG A 205 28.25 -26.07 21.77
C ARG A 205 28.54 -26.41 20.34
N MET A 206 28.22 -25.49 19.44
CA MET A 206 28.37 -25.69 18.01
C MET A 206 28.71 -24.37 17.35
N GLY A 207 29.50 -24.39 16.30
CA GLY A 207 29.87 -23.14 15.67
C GLY A 207 30.32 -23.30 14.23
N THR A 208 30.33 -22.18 13.53
CA THR A 208 30.82 -22.13 12.16
C THR A 208 31.56 -20.82 12.00
N GLU A 209 31.99 -20.53 10.78
CA GLU A 209 32.72 -19.30 10.50
C GLU A 209 31.85 -18.08 10.80
N SER A 210 30.54 -18.28 10.88
CA SER A 210 29.59 -17.17 11.03
C SER A 210 28.54 -17.39 12.10
N MET A 211 28.45 -18.61 12.65
CA MET A 211 27.42 -18.95 13.63
C MET A 211 27.99 -19.46 14.96
N ASN A 212 27.36 -19.04 16.06
CA ASN A 212 27.69 -19.57 17.39
C ASN A 212 26.50 -20.09 18.16
N PHE A 213 26.58 -21.34 18.64
CA PHE A 213 25.52 -21.86 19.49
C PHE A 213 26.03 -22.45 20.79
N ALA A 214 25.48 -21.98 21.91
CA ALA A 214 25.68 -22.61 23.21
C ALA A 214 24.37 -22.77 23.98
N LYS A 215 24.05 -23.99 24.41
CA LYS A 215 22.83 -24.21 25.19
C LYS A 215 23.11 -25.27 26.25
N SER A 216 22.46 -25.13 27.40
CA SER A 216 22.64 -26.04 28.54
C SER A 216 21.29 -26.56 28.98
N PRO A 217 21.23 -27.81 29.47
CA PRO A 217 19.92 -28.36 29.83
C PRO A 217 19.18 -27.60 30.94
N GLU A 218 17.87 -27.58 30.76
CA GLU A 218 16.93 -26.85 31.61
C GLU A 218 16.03 -27.90 32.20
N ILE A 219 16.43 -28.47 33.32
CA ILE A 219 15.73 -29.62 33.87
C ILE A 219 14.53 -29.22 34.71
N ALA A 220 13.37 -29.71 34.31
CA ALA A 220 12.11 -29.44 34.99
C ALA A 220 11.00 -30.38 34.52
N ALA A 221 10.03 -30.62 35.38
CA ALA A 221 8.88 -31.45 35.08
C ALA A 221 7.83 -30.67 34.28
N ARG A 222 7.54 -31.15 33.09
CA ARG A 222 6.60 -30.48 32.20
C ARG A 222 5.36 -31.33 31.95
N PRO A 223 4.20 -30.70 31.72
CA PRO A 223 2.93 -31.39 31.48
C PRO A 223 3.04 -32.51 30.45
N ALA A 224 2.43 -33.65 30.74
CA ALA A 224 2.59 -34.84 29.91
C ALA A 224 2.07 -34.59 28.51
N VAL A 225 2.94 -34.83 27.52
CA VAL A 225 2.59 -34.80 26.11
C VAL A 225 3.18 -36.04 25.48
N ASN A 226 2.34 -36.90 24.91
CA ASN A 226 2.78 -38.18 24.37
C ASN A 226 3.41 -39.04 25.45
N ASP A 227 2.81 -38.97 26.64
CA ASP A 227 3.29 -39.69 27.79
C ASP A 227 4.74 -39.28 28.12
N GLN A 228 5.07 -38.02 27.85
CA GLN A 228 6.39 -37.51 28.15
C GLN A 228 6.35 -36.18 28.90
N ARG A 229 7.03 -36.17 30.05
CA ARG A 229 7.12 -34.97 30.87
C ARG A 229 8.43 -34.23 30.61
N SER A 230 9.37 -34.89 29.93
CA SER A 230 10.59 -34.26 29.44
C SER A 230 10.32 -33.49 28.15
N ARG A 231 11.25 -32.63 27.75
CA ARG A 231 11.16 -31.90 26.48
C ARG A 231 12.47 -31.98 25.69
N ILE A 232 12.37 -31.87 24.37
CA ILE A 232 13.55 -31.60 23.55
C ILE A 232 13.45 -30.22 22.89
N ASP A 233 14.53 -29.45 22.94
CA ASP A 233 14.60 -28.27 22.10
C ASP A 233 15.22 -28.68 20.80
N TYR A 234 14.51 -28.46 19.71
CA TYR A 234 15.04 -28.75 18.39
C TYR A 234 15.54 -27.45 17.80
N TYR A 235 16.61 -27.52 17.01
CA TYR A 235 17.13 -26.34 16.32
C TYR A 235 17.39 -26.64 14.85
N TRP A 236 17.45 -25.59 14.04
CA TRP A 236 17.75 -25.73 12.61
C TRP A 236 18.77 -24.68 12.26
N SER A 237 19.55 -24.91 11.20
CA SER A 237 20.45 -23.90 10.67
C SER A 237 20.89 -24.30 9.28
N VAL A 238 21.48 -23.34 8.58
CA VAL A 238 21.85 -23.52 7.19
C VAL A 238 23.35 -23.27 7.06
N LEU A 239 24.10 -24.33 6.81
CA LEU A 239 25.55 -24.26 6.63
C LEU A 239 25.93 -23.90 5.19
N ARG A 240 26.22 -22.62 4.96
CA ARG A 240 26.62 -22.05 3.65
C ARG A 240 27.75 -22.82 2.95
N PRO A 241 27.95 -22.59 1.62
CA PRO A 241 29.07 -23.24 0.94
C PRO A 241 30.42 -22.77 1.46
N GLY A 242 31.36 -23.70 1.62
CA GLY A 242 32.70 -23.35 2.03
C GLY A 242 32.79 -23.01 3.50
N GLU A 243 31.72 -23.29 4.23
CA GLU A 243 31.70 -23.11 5.67
C GLU A 243 31.77 -24.46 6.36
N THR A 244 32.11 -24.46 7.65
CA THR A 244 32.41 -25.67 8.38
C THR A 244 31.68 -25.69 9.70
N LEU A 245 31.09 -26.82 10.07
CA LEU A 245 30.43 -26.91 11.37
C LEU A 245 31.23 -27.74 12.39
N ASN A 246 31.37 -27.22 13.61
CA ASN A 246 31.97 -27.98 14.71
C ASN A 246 30.93 -28.30 15.76
N VAL A 247 30.76 -29.58 16.06
CA VAL A 247 29.89 -30.02 17.14
C VAL A 247 30.69 -30.50 18.35
N GLU A 248 30.29 -30.08 19.55
CA GLU A 248 30.96 -30.53 20.77
C GLU A 248 29.99 -30.63 21.94
N SER A 249 29.98 -31.75 22.63
CA SER A 249 29.04 -31.89 23.73
C SER A 249 29.47 -32.73 24.93
N ASN A 250 29.20 -32.16 26.10
CA ASN A 250 29.29 -32.81 27.40
C ASN A 250 28.15 -33.81 27.62
N GLY A 251 27.08 -33.61 26.86
CA GLY A 251 25.86 -34.39 27.00
C GLY A 251 24.62 -33.65 26.55
N ASN A 252 23.51 -34.38 26.58
CA ASN A 252 22.19 -33.85 26.32
C ASN A 252 22.01 -33.44 24.84
N LEU A 253 22.98 -33.80 24.01
CA LEU A 253 22.95 -33.49 22.59
C LEU A 253 22.15 -34.51 21.83
N ILE A 254 21.11 -34.05 21.12
CA ILE A 254 20.49 -34.83 20.04
C ILE A 254 21.23 -34.44 18.78
N ALA A 255 22.06 -35.36 18.28
CA ALA A 255 23.06 -35.05 17.26
C ALA A 255 22.50 -35.06 15.86
N PRO A 256 23.05 -34.20 14.98
CA PRO A 256 22.69 -34.29 13.57
C PRO A 256 23.11 -35.63 12.99
N TRP A 257 22.21 -36.31 12.28
CA TRP A 257 22.56 -37.58 11.66
C TRP A 257 22.47 -37.46 10.16
N TYR A 258 21.34 -36.95 9.68
CA TYR A 258 21.14 -36.80 8.24
C TYR A 258 20.75 -35.36 7.94
N ALA A 259 21.20 -34.85 6.80
CA ALA A 259 21.02 -33.44 6.44
C ALA A 259 20.53 -33.26 5.00
N TYR A 260 20.11 -32.06 4.67
CA TYR A 260 19.61 -31.78 3.35
C TYR A 260 20.48 -30.81 2.55
N LYS A 261 20.98 -31.26 1.41
CA LYS A 261 21.55 -30.35 0.44
C LYS A 261 20.39 -29.60 -0.16
N PHE A 262 20.52 -28.28 -0.22
CA PHE A 262 19.36 -27.43 -0.44
C PHE A 262 19.57 -26.53 -1.63
N VAL A 263 18.79 -26.74 -2.68
CA VAL A 263 18.81 -25.79 -3.79
C VAL A 263 17.63 -24.86 -3.65
N SER A 264 17.91 -23.56 -3.66
CA SER A 264 16.90 -22.54 -3.56
C SER A 264 16.45 -22.18 -4.95
N THR A 265 15.23 -21.65 -5.07
CA THR A 265 14.63 -21.45 -6.39
C THR A 265 14.58 -20.01 -6.89
N ASN A 266 14.44 -19.94 -8.20
CA ASN A 266 14.38 -18.71 -8.91
C ASN A 266 12.96 -18.88 -9.28
N LYS A 267 12.11 -18.22 -8.53
CA LYS A 267 10.71 -18.37 -8.85
C LYS A 267 9.89 -17.93 -7.65
N LYS A 268 8.60 -18.21 -7.54
CA LYS A 268 8.04 -17.82 -6.25
C LYS A 268 7.84 -19.07 -5.39
N GLY A 269 8.45 -19.18 -4.20
CA GLY A 269 8.15 -20.40 -3.48
C GLY A 269 6.88 -20.26 -2.67
N ALA A 270 6.15 -21.34 -2.50
CA ALA A 270 4.93 -21.27 -1.70
C ALA A 270 4.55 -22.56 -0.98
N VAL A 271 3.87 -22.39 0.14
CA VAL A 271 3.32 -23.50 0.92
C VAL A 271 1.80 -23.33 1.06
N PHE A 272 1.06 -24.30 0.56
CA PHE A 272 -0.39 -24.30 0.69
C PHE A 272 -0.89 -25.26 1.75
N LYS A 273 -1.55 -24.71 2.77
CA LYS A 273 -2.24 -25.50 3.77
C LYS A 273 -3.68 -25.73 3.31
N SER A 274 -3.88 -26.74 2.48
CA SER A 274 -5.20 -27.02 1.93
C SER A 274 -5.51 -28.52 2.02
N ASP A 275 -6.76 -28.88 1.86
CA ASP A 275 -7.17 -30.28 1.86
C ASP A 275 -7.69 -30.71 0.48
N LEU A 276 -7.58 -29.81 -0.51
CA LEU A 276 -7.95 -30.11 -1.90
C LEU A 276 -7.06 -31.22 -2.46
N PRO A 277 -7.45 -31.83 -3.59
CA PRO A 277 -6.61 -32.92 -4.07
C PRO A 277 -5.58 -32.57 -5.15
N ILE A 278 -4.67 -33.51 -5.38
CA ILE A 278 -3.60 -33.35 -6.34
C ILE A 278 -3.78 -34.38 -7.44
N GLU A 279 -3.85 -33.92 -8.69
CA GLU A 279 -4.08 -34.83 -9.81
C GLU A 279 -3.05 -34.67 -10.92
N ASN A 280 -3.08 -35.56 -11.91
CA ASN A 280 -2.14 -35.50 -13.04
C ASN A 280 -2.57 -34.46 -14.07
N CYS A 281 -2.36 -33.20 -13.74
CA CYS A 281 -2.75 -32.10 -14.62
C CYS A 281 -1.73 -30.98 -14.56
N ASP A 282 -1.74 -30.11 -15.56
CA ASP A 282 -0.81 -29.00 -15.60
C ASP A 282 -1.55 -27.71 -15.35
N ALA A 283 -0.83 -26.65 -15.00
CA ALA A 283 -1.45 -25.35 -14.78
C ALA A 283 -0.49 -24.19 -14.98
N THR A 284 -1.05 -23.00 -15.18
CA THR A 284 -0.32 -21.76 -15.29
C THR A 284 -0.55 -20.89 -14.06
N CYS A 285 -1.73 -21.05 -13.48
CA CYS A 285 -2.11 -20.40 -12.22
C CYS A 285 -2.63 -21.38 -11.18
N GLN A 286 -2.02 -21.39 -10.01
CA GLN A 286 -2.53 -22.19 -8.90
C GLN A 286 -2.79 -21.29 -7.70
N THR A 287 -4.07 -21.08 -7.40
CA THR A 287 -4.47 -20.44 -6.15
C THR A 287 -4.53 -21.51 -5.06
N ILE A 288 -4.57 -21.04 -3.82
CA ILE A 288 -4.63 -21.92 -2.67
C ILE A 288 -5.97 -22.66 -2.63
N THR A 289 -7.00 -22.03 -3.19
CA THR A 289 -8.31 -22.66 -3.26
C THR A 289 -8.65 -23.24 -4.64
N GLY A 290 -7.77 -23.05 -5.63
CA GLY A 290 -7.91 -23.78 -6.89
C GLY A 290 -7.14 -23.27 -8.09
N VAL A 291 -7.22 -24.00 -9.20
CA VAL A 291 -6.58 -23.59 -10.45
C VAL A 291 -7.42 -22.54 -11.18
N LEU A 292 -6.80 -21.45 -11.58
CA LEU A 292 -7.46 -20.54 -12.50
C LEU A 292 -7.00 -20.86 -13.92
N ARG A 293 -7.95 -21.02 -14.82
CA ARG A 293 -7.65 -21.26 -16.22
C ARG A 293 -8.43 -20.26 -17.04
N THR A 294 -7.87 -19.07 -17.15
CA THR A 294 -8.60 -17.91 -17.59
C THR A 294 -7.75 -16.97 -18.44
N ASN A 295 -8.42 -16.07 -19.16
CA ASN A 295 -7.76 -15.06 -19.98
C ASN A 295 -7.98 -13.68 -19.37
N LYS A 296 -8.85 -13.62 -18.37
CA LYS A 296 -9.32 -12.37 -17.82
C LYS A 296 -8.23 -11.66 -16.98
N THR A 297 -8.50 -10.42 -16.60
CA THR A 297 -7.50 -9.52 -16.05
C THR A 297 -7.55 -9.51 -14.53
N PHE A 298 -8.68 -9.92 -13.98
CA PHE A 298 -8.89 -9.93 -12.54
C PHE A 298 -9.49 -11.24 -12.08
N GLN A 299 -9.30 -11.55 -10.81
CA GLN A 299 -9.95 -12.69 -10.21
C GLN A 299 -10.44 -12.33 -8.81
N ASN A 300 -11.42 -13.05 -8.31
CA ASN A 300 -11.89 -12.87 -6.94
C ASN A 300 -11.73 -14.14 -6.10
N VAL A 301 -11.03 -15.12 -6.65
CA VAL A 301 -10.82 -16.41 -6.02
C VAL A 301 -9.88 -16.42 -4.80
N SER A 302 -8.68 -15.86 -4.93
CA SER A 302 -7.71 -15.86 -3.82
C SER A 302 -6.58 -14.88 -4.07
N PRO A 303 -6.04 -14.27 -3.00
CA PRO A 303 -4.88 -13.41 -3.13
C PRO A 303 -3.57 -14.17 -3.01
N LEU A 304 -3.66 -15.47 -2.75
CA LEU A 304 -2.51 -16.33 -2.55
C LEU A 304 -2.36 -17.29 -3.69
N TRP A 305 -1.24 -17.20 -4.40
CA TRP A 305 -1.03 -18.07 -5.54
C TRP A 305 0.45 -18.23 -5.86
N ILE A 306 0.75 -19.21 -6.69
CA ILE A 306 2.04 -19.32 -7.32
C ILE A 306 1.78 -19.40 -8.82
N GLY A 307 2.66 -18.83 -9.64
CA GLY A 307 2.44 -18.78 -11.08
C GLY A 307 1.96 -17.43 -11.59
N GLU A 308 1.61 -17.37 -12.87
CA GLU A 308 1.11 -16.14 -13.49
C GLU A 308 -0.40 -16.04 -13.28
N CYS A 309 -0.85 -14.98 -12.62
CA CYS A 309 -2.25 -14.92 -12.21
C CYS A 309 -2.84 -13.55 -12.44
N PRO A 310 -4.15 -13.50 -12.64
CA PRO A 310 -4.89 -12.24 -12.57
C PRO A 310 -4.78 -11.56 -11.19
N LYS A 311 -4.78 -10.23 -11.23
CA LYS A 311 -4.80 -9.41 -10.05
C LYS A 311 -6.03 -9.74 -9.24
N TYR A 312 -5.87 -9.94 -7.95
CA TYR A 312 -7.00 -10.26 -7.10
C TYR A 312 -7.68 -9.00 -6.59
N VAL A 313 -9.02 -9.03 -6.58
CA VAL A 313 -9.89 -7.94 -6.11
C VAL A 313 -11.14 -8.55 -5.47
N LYS A 314 -11.81 -7.81 -4.60
CA LYS A 314 -13.01 -8.30 -3.93
C LYS A 314 -14.25 -8.27 -4.80
N SER A 315 -14.11 -7.67 -5.96
CA SER A 315 -15.22 -7.42 -6.83
C SER A 315 -15.93 -8.69 -7.27
N GLU A 316 -17.26 -8.63 -7.28
CA GLU A 316 -18.10 -9.67 -7.86
C GLU A 316 -18.03 -9.71 -9.37
N SER A 317 -17.98 -8.53 -9.98
CA SER A 317 -17.98 -8.41 -11.42
C SER A 317 -17.34 -7.11 -11.88
N LEU A 318 -16.76 -7.16 -13.05
CA LEU A 318 -16.11 -6.00 -13.67
C LEU A 318 -16.38 -6.00 -15.16
N ARG A 319 -17.57 -5.57 -15.57
CA ARG A 319 -17.95 -5.67 -16.98
C ARG A 319 -17.86 -4.34 -17.71
N LEU A 320 -16.90 -4.22 -18.60
CA LEU A 320 -16.70 -3.00 -19.37
C LEU A 320 -17.63 -3.00 -20.57
N ALA A 321 -18.27 -1.87 -20.85
CA ALA A 321 -19.05 -1.71 -22.06
C ALA A 321 -18.12 -1.58 -23.27
N THR A 322 -18.42 -2.26 -24.36
CA THR A 322 -17.69 -2.04 -25.60
C THR A 322 -18.68 -1.65 -26.68
N GLY A 323 -19.94 -2.00 -26.43
CA GLY A 323 -21.03 -1.64 -27.32
C GLY A 323 -21.74 -0.42 -26.77
N LEU A 324 -22.88 -0.11 -27.38
CA LEU A 324 -23.64 1.07 -27.01
C LEU A 324 -24.88 0.69 -26.23
N ARG A 325 -25.62 1.69 -25.78
CA ARG A 325 -26.88 1.44 -25.10
C ARG A 325 -27.78 0.61 -26.01
N ASN A 326 -28.38 -0.45 -25.48
CA ASN A 326 -29.17 -1.33 -26.30
C ASN A 326 -30.65 -1.05 -26.15
N VAL A 327 -31.21 -0.40 -27.17
CA VAL A 327 -32.62 -0.05 -27.16
C VAL A 327 -33.29 -0.73 -28.33
N PRO A 328 -33.52 -2.05 -28.22
CA PRO A 328 -34.17 -2.75 -29.32
C PRO A 328 -35.66 -2.44 -29.38
N GLN A 329 -36.21 -2.58 -30.57
CA GLN A 329 -37.63 -2.35 -30.85
C GLN A 329 -38.58 -3.27 -30.11
N ILE A 330 -39.66 -2.68 -29.60
CA ILE A 330 -40.71 -3.40 -28.89
C ILE A 330 -41.72 -4.11 -29.81
N ALA A 331 -41.49 -5.41 -30.03
CA ALA A 331 -42.46 -6.27 -30.71
C ALA A 331 -43.56 -6.61 -29.73
N THR A 332 -44.71 -7.03 -30.23
CA THR A 332 -45.80 -7.52 -29.39
C THR A 332 -46.61 -8.54 -30.19
N GLY B 1 -29.38 10.27 -23.33
CA GLY B 1 -27.98 10.05 -23.55
C GLY B 1 -27.51 11.46 -23.49
N ILE B 2 -26.20 11.69 -23.29
CA ILE B 2 -25.55 13.03 -23.21
C ILE B 2 -25.42 13.92 -24.48
N PHE B 3 -25.15 13.31 -25.64
CA PHE B 3 -25.09 14.05 -26.90
C PHE B 3 -26.51 14.13 -27.44
N GLY B 4 -27.40 13.40 -26.79
CA GLY B 4 -28.83 13.46 -27.05
C GLY B 4 -29.28 12.58 -28.18
N ALA B 5 -28.36 12.01 -28.93
CA ALA B 5 -28.71 11.11 -30.00
C ALA B 5 -29.22 9.71 -29.60
N ILE B 6 -28.55 9.02 -28.69
CA ILE B 6 -28.91 7.64 -28.44
C ILE B 6 -29.88 7.63 -27.30
N ALA B 7 -31.04 7.03 -27.55
CA ALA B 7 -32.14 7.03 -26.59
C ALA B 7 -32.48 8.48 -26.27
N GLY B 8 -32.29 9.33 -27.26
CA GLY B 8 -32.57 10.75 -27.13
C GLY B 8 -33.45 11.16 -28.28
N PHE B 9 -33.00 12.10 -29.12
CA PHE B 9 -33.79 12.50 -30.28
C PHE B 9 -33.99 11.34 -31.27
N ILE B 10 -33.03 10.43 -31.36
CA ILE B 10 -33.27 9.15 -32.03
C ILE B 10 -33.72 8.10 -30.97
N GLU B 11 -34.99 7.76 -31.00
CA GLU B 11 -35.63 6.97 -29.93
C GLU B 11 -35.09 5.57 -29.76
N GLY B 12 -34.74 4.91 -30.85
CA GLY B 12 -34.48 3.48 -30.75
C GLY B 12 -33.36 2.98 -31.61
N GLY B 13 -33.02 1.72 -31.42
CA GLY B 13 -31.99 1.06 -32.21
C GLY B 13 -32.59 0.11 -33.23
N TRP B 14 -31.75 -0.37 -34.13
CA TRP B 14 -32.20 -1.23 -35.19
C TRP B 14 -31.66 -2.63 -35.05
N THR B 15 -32.51 -3.56 -34.66
CA THR B 15 -32.16 -4.96 -34.74
C THR B 15 -31.89 -5.40 -36.18
N GLY B 16 -32.27 -4.58 -37.15
CA GLY B 16 -32.12 -4.90 -38.56
C GLY B 16 -30.75 -4.64 -39.13
N MET B 17 -30.11 -3.58 -38.66
CA MET B 17 -28.76 -3.25 -39.07
C MET B 17 -27.73 -4.12 -38.35
N ILE B 18 -27.23 -5.15 -39.04
CA ILE B 18 -26.43 -6.20 -38.40
C ILE B 18 -24.92 -6.10 -38.63
N ASP B 19 -24.51 -5.18 -39.50
CA ASP B 19 -23.10 -5.05 -39.88
C ASP B 19 -22.33 -3.90 -39.23
N GLY B 20 -22.98 -3.11 -38.39
CA GLY B 20 -22.34 -1.94 -37.81
C GLY B 20 -22.93 -1.42 -36.52
N TRP B 21 -22.15 -0.64 -35.78
CA TRP B 21 -22.66 0.11 -34.63
C TRP B 21 -23.55 1.30 -35.01
N TYR B 22 -23.10 2.10 -35.98
CA TYR B 22 -23.87 3.26 -36.43
C TYR B 22 -24.15 3.10 -37.91
N GLY B 23 -25.27 3.63 -38.37
CA GLY B 23 -25.74 3.35 -39.73
C GLY B 23 -26.84 4.23 -40.29
N TYR B 24 -27.23 3.90 -41.51
CA TYR B 24 -28.37 4.50 -42.20
C TYR B 24 -29.49 3.53 -42.50
N HIS B 25 -30.72 3.99 -42.34
CA HIS B 25 -31.90 3.36 -42.93
C HIS B 25 -32.46 4.17 -44.06
N HIS B 26 -32.71 3.54 -45.20
CA HIS B 26 -33.20 4.30 -46.34
C HIS B 26 -34.46 3.64 -46.90
N GLU B 27 -35.38 4.45 -47.39
CA GLU B 27 -36.51 3.94 -48.16
C GLU B 27 -36.59 4.62 -49.52
N ASN B 28 -36.70 3.78 -50.56
CA ASN B 28 -36.59 4.22 -51.94
C ASN B 28 -37.79 3.78 -52.73
N SER B 29 -37.97 4.35 -53.90
CA SER B 29 -38.93 3.76 -54.82
C SER B 29 -38.39 2.37 -55.17
N GLN B 30 -37.07 2.32 -55.37
CA GLN B 30 -36.32 1.10 -55.67
C GLN B 30 -36.32 0.08 -54.52
N GLY B 31 -36.28 0.52 -53.28
CA GLY B 31 -36.37 -0.41 -52.17
C GLY B 31 -36.07 0.17 -50.80
N SER B 32 -35.98 -0.68 -49.78
CA SER B 32 -35.54 -0.22 -48.47
C SER B 32 -34.49 -1.14 -47.84
N GLY B 33 -33.91 -0.69 -46.73
CA GLY B 33 -33.01 -1.54 -45.99
C GLY B 33 -32.10 -0.80 -45.03
N TYR B 34 -31.14 -1.55 -44.52
CA TYR B 34 -30.23 -1.06 -43.49
C TYR B 34 -28.79 -1.25 -43.95
N ALA B 35 -27.99 -0.23 -43.75
CA ALA B 35 -26.58 -0.30 -44.10
C ALA B 35 -25.77 0.49 -43.10
N ALA B 36 -24.75 -0.16 -42.53
CA ALA B 36 -23.89 0.45 -41.53
C ALA B 36 -22.92 1.40 -42.16
N ASP B 37 -22.70 2.54 -41.54
CA ASP B 37 -21.67 3.44 -42.03
C ASP B 37 -20.31 2.80 -41.70
N ARG B 38 -19.58 2.37 -42.74
CA ARG B 38 -18.42 1.49 -42.52
C ARG B 38 -17.19 2.17 -41.93
N GLU B 39 -17.04 3.45 -42.20
CA GLU B 39 -15.84 4.19 -41.81
C GLU B 39 -15.85 4.36 -40.31
N SER B 40 -17.01 4.73 -39.84
CA SER B 40 -17.22 5.09 -38.45
C SER B 40 -17.30 3.97 -37.43
N THR B 41 -17.81 2.81 -37.85
CA THR B 41 -17.90 1.72 -36.90
C THR B 41 -16.52 1.14 -36.74
N GLN B 42 -15.69 1.26 -37.77
CA GLN B 42 -14.34 0.75 -37.68
C GLN B 42 -13.48 1.65 -36.82
N LYS B 43 -13.71 2.94 -36.87
CA LYS B 43 -12.98 3.85 -36.00
C LYS B 43 -13.40 3.71 -34.54
N ALA B 44 -14.64 3.30 -34.31
CA ALA B 44 -15.14 3.08 -32.96
C ALA B 44 -14.64 1.76 -32.45
N ILE B 45 -14.55 0.77 -33.33
CA ILE B 45 -14.06 -0.54 -32.95
C ILE B 45 -12.57 -0.48 -32.60
N ASP B 46 -11.79 0.18 -33.44
CA ASP B 46 -10.38 0.45 -33.13
C ASP B 46 -10.28 1.14 -31.77
N GLY B 47 -10.86 2.33 -31.65
CA GLY B 47 -10.78 3.11 -30.44
C GLY B 47 -11.16 2.42 -29.14
N ILE B 48 -12.25 1.67 -29.16
CA ILE B 48 -12.72 0.95 -27.98
C ILE B 48 -11.77 -0.21 -27.67
N THR B 49 -11.35 -0.92 -28.72
CA THR B 49 -10.46 -2.06 -28.57
C THR B 49 -9.13 -1.63 -27.93
N ASN B 50 -8.61 -0.46 -28.29
CA ASN B 50 -7.41 0.06 -27.67
C ASN B 50 -7.64 0.45 -26.21
N LYS B 51 -8.81 1.00 -25.92
CA LYS B 51 -9.20 1.31 -24.57
C LYS B 51 -9.17 0.06 -23.69
N VAL B 52 -9.71 -1.03 -24.20
CA VAL B 52 -9.77 -2.29 -23.46
C VAL B 52 -8.36 -2.84 -23.27
N ASN B 53 -7.54 -2.77 -24.31
CA ASN B 53 -6.18 -3.25 -24.22
C ASN B 53 -5.32 -2.35 -23.37
N SER B 54 -5.58 -1.06 -23.37
CA SER B 54 -4.81 -0.16 -22.51
C SER B 54 -5.06 -0.49 -21.06
N ILE B 55 -6.34 -0.64 -20.71
CA ILE B 55 -6.72 -1.03 -19.36
C ILE B 55 -6.11 -2.36 -18.92
N ILE B 56 -6.36 -3.42 -19.68
CA ILE B 56 -5.74 -4.71 -19.46
C ILE B 56 -4.23 -4.63 -19.23
N ASN B 57 -3.53 -3.83 -20.04
CA ASN B 57 -2.09 -3.66 -19.89
C ASN B 57 -1.73 -2.94 -18.60
N LYS B 58 -2.45 -1.88 -18.27
CA LYS B 58 -2.14 -1.09 -17.10
C LYS B 58 -2.36 -1.91 -15.84
N MET B 59 -3.19 -2.93 -15.93
CA MET B 59 -3.50 -3.75 -14.77
C MET B 59 -2.63 -5.02 -14.71
N ASN B 60 -1.57 -5.06 -15.52
CA ASN B 60 -0.68 -6.22 -15.63
C ASN B 60 0.04 -6.63 -14.35
N THR B 61 0.40 -5.63 -13.55
CA THR B 61 1.07 -5.88 -12.29
C THR B 61 0.12 -6.51 -11.28
N GLN B 62 0.65 -7.39 -10.42
CA GLN B 62 -0.10 -8.00 -9.33
C GLN B 62 0.62 -7.86 -8.01
N PHE B 63 -0.08 -7.38 -6.99
CA PHE B 63 0.42 -7.42 -5.64
C PHE B 63 0.44 -8.88 -5.20
N GLU B 64 1.41 -9.28 -4.38
CA GLU B 64 1.40 -10.67 -3.96
C GLU B 64 1.25 -10.79 -2.45
N ALA B 65 0.16 -11.43 -2.02
CA ALA B 65 0.02 -11.88 -0.65
C ALA B 65 0.87 -13.14 -0.50
N VAL B 66 1.39 -13.35 0.70
CA VAL B 66 2.11 -14.57 0.96
C VAL B 66 1.63 -15.13 2.29
N ASP B 67 1.55 -16.45 2.40
CA ASP B 67 1.14 -17.02 3.67
C ASP B 67 2.39 -17.40 4.43
N HIS B 68 2.66 -16.63 5.48
CA HIS B 68 3.83 -16.81 6.32
C HIS B 68 3.26 -17.05 7.70
N GLU B 69 3.76 -18.08 8.34
CA GLU B 69 3.32 -18.42 9.67
C GLU B 69 3.90 -17.36 10.63
N PHE B 70 3.16 -17.07 11.69
CA PHE B 70 3.56 -16.12 12.72
C PHE B 70 3.28 -16.74 14.09
N SER B 71 4.13 -16.44 15.06
CA SER B 71 4.04 -17.05 16.37
C SER B 71 3.42 -16.07 17.35
N ASN B 72 3.06 -16.56 18.54
CA ASN B 72 2.29 -15.76 19.49
C ASN B 72 3.06 -14.60 20.11
N LEU B 73 4.33 -14.44 19.73
CA LEU B 73 5.11 -13.29 20.14
C LEU B 73 5.35 -12.41 18.93
N GLU B 74 4.53 -12.63 17.92
CA GLU B 74 4.64 -11.89 16.68
C GLU B 74 3.29 -11.36 16.23
N ARG B 75 2.51 -10.86 17.18
CA ARG B 75 1.19 -10.31 16.91
C ARG B 75 1.29 -9.01 16.15
N ARG B 76 2.18 -8.13 16.56
CA ARG B 76 2.30 -6.82 15.91
C ARG B 76 2.68 -6.89 14.40
N ILE B 77 3.68 -7.68 14.04
CA ILE B 77 4.04 -7.77 12.63
C ILE B 77 3.18 -8.75 11.85
N GLY B 78 2.46 -9.62 12.56
CA GLY B 78 1.43 -10.42 11.92
C GLY B 78 0.36 -9.49 11.38
N ASN B 79 -0.11 -8.57 12.23
CA ASN B 79 -1.09 -7.59 11.84
C ASN B 79 -0.55 -6.54 10.88
N LEU B 80 0.76 -6.30 10.91
CA LEU B 80 1.38 -5.40 9.95
C LEU B 80 1.28 -6.03 8.57
N ASN B 81 1.38 -7.34 8.50
CA ASN B 81 1.31 -8.02 7.23
C ASN B 81 -0.11 -8.09 6.72
N LYS B 82 -1.07 -8.11 7.63
CA LYS B 82 -2.47 -8.17 7.27
C LYS B 82 -2.95 -6.81 6.79
N ARG B 83 -2.67 -5.77 7.56
CA ARG B 83 -3.09 -4.43 7.20
C ARG B 83 -2.42 -3.93 5.92
N MET B 84 -1.24 -4.45 5.64
CA MET B 84 -0.55 -4.08 4.42
C MET B 84 -1.24 -4.76 3.25
N GLU B 85 -1.42 -6.07 3.35
CA GLU B 85 -1.99 -6.87 2.27
C GLU B 85 -3.43 -6.50 1.93
N ASP B 86 -4.27 -6.28 2.94
CA ASP B 86 -5.62 -5.80 2.71
C ASP B 86 -5.61 -4.38 2.19
N GLY B 87 -4.64 -3.59 2.65
CA GLY B 87 -4.51 -2.22 2.23
C GLY B 87 -4.36 -2.08 0.73
N PHE B 88 -3.57 -2.96 0.13
CA PHE B 88 -3.38 -2.99 -1.32
C PHE B 88 -4.57 -3.66 -2.00
N LEU B 89 -5.15 -4.65 -1.33
CA LEU B 89 -6.35 -5.29 -1.83
C LEU B 89 -7.50 -4.29 -1.91
N ASP B 90 -7.58 -3.36 -0.96
CA ASP B 90 -8.58 -2.34 -1.02
C ASP B 90 -8.26 -1.23 -2.01
N VAL B 91 -6.98 -1.02 -2.31
CA VAL B 91 -6.59 0.00 -3.27
C VAL B 91 -6.85 -0.45 -4.71
N TRP B 92 -6.65 -1.73 -4.98
CA TRP B 92 -6.82 -2.24 -6.33
C TRP B 92 -8.26 -2.54 -6.64
N THR B 93 -8.97 -3.01 -5.63
CA THR B 93 -10.41 -3.17 -5.76
C THR B 93 -11.03 -1.82 -6.14
N TYR B 94 -10.58 -0.73 -5.52
CA TYR B 94 -11.18 0.56 -5.77
C TYR B 94 -10.84 1.10 -7.13
N ASN B 95 -9.60 0.87 -7.55
CA ASN B 95 -9.17 1.30 -8.87
C ASN B 95 -9.99 0.61 -9.96
N ALA B 96 -10.04 -0.71 -9.94
CA ALA B 96 -10.72 -1.47 -10.96
C ALA B 96 -12.21 -1.21 -10.97
N GLU B 97 -12.78 -0.90 -9.82
CA GLU B 97 -14.21 -0.63 -9.70
C GLU B 97 -14.58 0.79 -10.10
N LEU B 98 -13.78 1.77 -9.72
CA LEU B 98 -14.12 3.13 -10.09
C LEU B 98 -13.84 3.36 -11.54
N LEU B 99 -12.83 2.68 -12.07
CA LEU B 99 -12.44 2.87 -13.46
C LEU B 99 -13.49 2.32 -14.40
N VAL B 100 -13.93 1.09 -14.13
CA VAL B 100 -15.03 0.49 -14.89
C VAL B 100 -16.28 1.37 -14.90
N LEU B 101 -16.72 1.84 -13.74
CA LEU B 101 -17.80 2.82 -13.69
C LEU B 101 -17.58 4.05 -14.56
N LEU B 102 -16.39 4.62 -14.50
CA LEU B 102 -16.06 5.85 -15.20
C LEU B 102 -15.96 5.62 -16.70
N GLU B 103 -15.16 4.63 -17.08
CA GLU B 103 -14.92 4.35 -18.49
C GLU B 103 -16.21 3.90 -19.16
N ASN B 104 -17.07 3.20 -18.42
CA ASN B 104 -18.36 2.82 -18.94
C ASN B 104 -19.26 4.01 -19.23
N GLU B 105 -19.29 4.99 -18.34
CA GLU B 105 -20.00 6.22 -18.64
C GLU B 105 -19.45 6.91 -19.87
N ARG B 106 -18.15 6.84 -20.07
CA ARG B 106 -17.52 7.62 -21.12
C ARG B 106 -17.58 6.93 -22.49
N THR B 107 -17.69 5.61 -22.48
CA THR B 107 -17.71 4.87 -23.73
C THR B 107 -19.13 4.88 -24.29
N LEU B 108 -20.13 5.02 -23.43
CA LEU B 108 -21.48 5.25 -23.89
C LEU B 108 -21.56 6.61 -24.57
N ASP B 109 -20.91 7.63 -24.01
CA ASP B 109 -20.93 8.96 -24.59
C ASP B 109 -20.27 8.99 -25.96
N LEU B 110 -19.17 8.24 -26.10
CA LEU B 110 -18.50 8.17 -27.39
C LEU B 110 -19.37 7.56 -28.48
N HIS B 111 -20.09 6.51 -28.17
CA HIS B 111 -21.00 5.89 -29.11
C HIS B 111 -22.08 6.90 -29.45
N ASP B 112 -22.52 7.64 -28.45
CA ASP B 112 -23.60 8.59 -28.62
C ASP B 112 -23.18 9.85 -29.34
N ALA B 113 -21.87 10.04 -29.46
CA ALA B 113 -21.34 11.18 -30.19
C ALA B 113 -21.15 10.82 -31.66
N ASN B 114 -20.98 9.54 -31.95
CA ASN B 114 -20.71 9.09 -33.29
C ASN B 114 -22.01 9.05 -34.08
N VAL B 115 -23.07 8.68 -33.39
CA VAL B 115 -24.42 8.80 -33.94
C VAL B 115 -24.73 10.28 -34.22
N LYS B 116 -24.62 11.14 -33.22
CA LYS B 116 -24.89 12.55 -33.45
C LYS B 116 -24.03 13.22 -34.53
N ASN B 117 -22.81 12.73 -34.74
CA ASN B 117 -21.93 13.34 -35.74
C ASN B 117 -22.20 12.77 -37.11
N LEU B 118 -22.70 11.54 -37.14
CA LEU B 118 -23.18 10.92 -38.37
C LEU B 118 -24.37 11.70 -38.89
N TYR B 119 -25.39 11.84 -38.06
CA TYR B 119 -26.56 12.65 -38.37
C TYR B 119 -26.26 14.12 -38.69
N GLU B 120 -25.22 14.69 -38.13
CA GLU B 120 -24.97 16.09 -38.43
C GLU B 120 -24.26 16.23 -39.76
N LYS B 121 -23.54 15.18 -40.13
CA LYS B 121 -22.88 15.07 -41.42
C LYS B 121 -23.90 15.11 -42.54
N VAL B 122 -24.87 14.19 -42.48
CA VAL B 122 -25.95 14.13 -43.43
C VAL B 122 -26.77 15.41 -43.42
N LYS B 123 -27.18 15.88 -42.26
CA LYS B 123 -28.02 17.06 -42.19
C LYS B 123 -27.41 18.31 -42.80
N SER B 124 -26.10 18.37 -42.89
CA SER B 124 -25.44 19.56 -43.42
C SER B 124 -25.30 19.48 -44.92
N GLN B 125 -25.33 18.25 -45.44
CA GLN B 125 -25.37 17.99 -46.87
C GLN B 125 -26.72 18.31 -47.49
N LEU B 126 -27.79 17.81 -46.88
CA LEU B 126 -29.13 17.89 -47.43
C LEU B 126 -29.68 19.30 -47.45
N ARG B 127 -29.40 20.08 -46.40
CA ARG B 127 -29.87 21.45 -46.30
C ARG B 127 -31.38 21.41 -46.45
N ASP B 128 -31.92 22.25 -47.34
CA ASP B 128 -33.38 22.31 -47.54
C ASP B 128 -33.92 21.39 -48.64
N ASN B 129 -33.07 20.59 -49.26
CA ASN B 129 -33.52 19.57 -50.20
C ASN B 129 -34.36 18.53 -49.48
N ALA B 130 -34.04 18.28 -48.22
CA ALA B 130 -34.76 17.28 -47.44
C ALA B 130 -35.55 17.87 -46.30
N ASN B 131 -36.77 17.36 -46.12
CA ASN B 131 -37.58 17.72 -44.97
C ASN B 131 -37.12 16.95 -43.73
N ASP B 132 -37.23 17.55 -42.56
CA ASP B 132 -36.90 16.83 -41.35
C ASP B 132 -38.15 16.30 -40.64
N LEU B 133 -38.31 14.99 -40.65
CA LEU B 133 -39.22 14.30 -39.75
C LEU B 133 -38.44 14.13 -38.47
N GLY B 134 -39.02 13.49 -37.47
CA GLY B 134 -38.29 13.22 -36.23
C GLY B 134 -37.47 11.95 -36.27
N ASN B 135 -36.86 11.59 -35.15
CA ASN B 135 -36.04 10.37 -35.03
C ASN B 135 -34.82 10.35 -35.98
N GLY B 136 -34.30 11.53 -36.31
CA GLY B 136 -33.15 11.60 -37.19
C GLY B 136 -33.45 11.09 -38.59
N CYS B 137 -34.69 11.32 -39.01
CA CYS B 137 -35.16 10.89 -40.32
C CYS B 137 -35.36 12.08 -41.24
N PHE B 138 -34.92 11.96 -42.49
CA PHE B 138 -35.19 12.99 -43.50
C PHE B 138 -36.06 12.50 -44.64
N GLU B 139 -37.05 13.31 -45.01
CA GLU B 139 -37.79 13.08 -46.25
C GLU B 139 -37.25 13.99 -47.36
N PHE B 140 -36.88 13.40 -48.49
CA PHE B 140 -36.35 14.20 -49.61
C PHE B 140 -37.47 14.95 -50.32
N TRP B 141 -37.24 16.24 -50.59
CA TRP B 141 -38.13 17.01 -51.44
C TRP B 141 -37.93 16.67 -52.93
N HIS B 142 -37.10 15.68 -53.22
CA HIS B 142 -36.87 15.26 -54.58
C HIS B 142 -36.81 13.74 -54.64
N LYS B 143 -36.58 13.18 -55.82
CA LYS B 143 -36.44 11.75 -55.93
C LYS B 143 -35.03 11.42 -55.47
N CYS B 144 -34.81 10.16 -55.11
CA CYS B 144 -33.48 9.76 -54.78
C CYS B 144 -33.31 8.29 -55.05
N ASP B 145 -32.72 7.95 -56.19
CA ASP B 145 -32.44 6.55 -56.50
C ASP B 145 -31.35 6.02 -55.57
N ASN B 146 -30.92 4.78 -55.77
CA ASN B 146 -29.92 4.18 -54.90
C ASN B 146 -28.65 4.98 -55.00
N GLU B 147 -28.31 5.38 -56.21
CA GLU B 147 -27.11 6.18 -56.48
C GLU B 147 -27.13 7.46 -55.65
N CYS B 148 -28.32 8.01 -55.40
CA CYS B 148 -28.41 9.26 -54.65
C CYS B 148 -28.28 8.97 -53.17
N MET B 149 -28.89 7.86 -52.75
CA MET B 149 -28.75 7.42 -51.37
C MET B 149 -27.30 7.17 -51.04
N GLU B 150 -26.63 6.39 -51.88
CA GLU B 150 -25.21 6.13 -51.71
C GLU B 150 -24.40 7.42 -51.57
N SER B 151 -24.67 8.40 -52.42
CA SER B 151 -23.93 9.66 -52.36
C SER B 151 -24.04 10.39 -51.01
N VAL B 152 -25.13 10.16 -50.29
CA VAL B 152 -25.31 10.77 -48.97
C VAL B 152 -24.49 9.99 -47.95
N LYS B 153 -24.55 8.66 -48.08
CA LYS B 153 -23.79 7.77 -47.24
C LYS B 153 -22.28 7.92 -47.45
N ASN B 154 -21.87 8.19 -48.69
CA ASN B 154 -20.46 8.33 -49.08
C ASN B 154 -19.91 9.74 -48.90
N GLY B 155 -20.74 10.64 -48.39
CA GLY B 155 -20.35 12.01 -48.16
C GLY B 155 -20.12 12.82 -49.43
N THR B 156 -20.69 12.37 -50.54
CA THR B 156 -20.49 13.04 -51.85
C THR B 156 -21.80 13.49 -52.51
N TYR B 157 -22.78 13.86 -51.69
CA TYR B 157 -24.11 14.22 -52.17
C TYR B 157 -24.17 15.58 -52.85
N ASP B 158 -24.91 15.63 -53.95
CA ASP B 158 -24.97 16.78 -54.85
C ASP B 158 -26.21 17.64 -54.61
N TYR B 159 -26.05 18.74 -53.89
CA TYR B 159 -27.17 19.60 -53.56
C TYR B 159 -27.72 20.45 -54.71
N PRO B 160 -26.85 21.03 -55.57
CA PRO B 160 -27.37 21.75 -56.75
C PRO B 160 -28.11 20.88 -57.74
N LYS B 161 -27.65 19.65 -57.93
CA LYS B 161 -28.27 18.70 -58.84
C LYS B 161 -29.76 18.63 -58.61
N TYR B 162 -30.16 18.54 -57.34
CA TYR B 162 -31.56 18.36 -57.01
C TYR B 162 -32.20 19.60 -56.37
N GLN B 163 -31.54 20.75 -56.44
CA GLN B 163 -32.06 21.90 -55.70
C GLN B 163 -33.29 22.48 -56.33
N LYS B 164 -33.31 22.50 -57.66
CA LYS B 164 -34.45 22.97 -58.42
C LYS B 164 -35.65 22.04 -58.19
N GLU B 165 -35.43 20.74 -58.38
CA GLU B 165 -36.45 19.72 -58.20
C GLU B 165 -37.10 19.79 -56.83
N SER B 166 -36.28 19.96 -55.80
CA SER B 166 -36.72 20.08 -54.41
C SER B 166 -37.50 21.34 -54.16
N LYS B 167 -37.05 22.45 -54.75
CA LYS B 167 -37.68 23.73 -54.46
C LYS B 167 -39.13 23.76 -54.95
N LEU B 168 -39.39 23.31 -56.17
CA LEU B 168 -40.76 23.29 -56.67
C LEU B 168 -41.65 22.38 -55.83
N ASN B 169 -41.17 21.17 -55.56
CA ASN B 169 -41.95 20.20 -54.82
C ASN B 169 -42.32 20.78 -53.46
N ARG B 170 -41.39 21.53 -52.87
CA ARG B 170 -41.62 22.23 -51.62
C ARG B 170 -42.66 23.32 -51.73
N GLN B 171 -42.63 24.08 -52.83
CA GLN B 171 -43.59 25.18 -53.03
C GLN B 171 -45.00 24.61 -53.07
N GLY B 172 -45.16 23.47 -53.74
CA GLY B 172 -46.46 22.87 -53.94
C GLY B 172 -47.17 22.52 -52.64
N ILE B 173 -46.41 22.03 -51.66
CA ILE B 173 -46.97 21.72 -50.35
C ILE B 173 -47.05 22.98 -49.49
N GLY C 4 -17.22 33.55 -53.97
CA GLY C 4 -17.45 34.75 -53.20
C GLY C 4 -16.44 34.86 -52.07
N ASP C 5 -16.72 35.72 -51.11
CA ASP C 5 -15.87 35.85 -49.93
C ASP C 5 -16.01 34.65 -48.97
N LYS C 6 -14.91 34.17 -48.44
CA LYS C 6 -14.92 33.05 -47.55
C LYS C 6 -14.49 33.33 -46.14
N ILE C 7 -15.27 32.84 -45.18
CA ILE C 7 -14.74 32.79 -43.82
C ILE C 7 -14.82 31.36 -43.33
N CYS C 8 -13.70 30.90 -42.79
CA CYS C 8 -13.54 29.53 -42.36
C CYS C 8 -13.20 29.48 -40.88
N ILE C 9 -13.39 28.32 -40.29
CA ILE C 9 -12.97 28.09 -38.90
C ILE C 9 -12.03 26.90 -38.87
N GLY C 10 -10.96 27.02 -38.07
CA GLY C 10 -10.03 25.93 -37.98
C GLY C 10 -9.08 25.99 -36.80
N TYR C 11 -7.96 25.30 -36.94
CA TYR C 11 -7.08 25.06 -35.84
C TYR C 11 -5.60 24.98 -36.19
N HIS C 12 -4.78 24.91 -35.16
CA HIS C 12 -3.34 25.11 -35.27
C HIS C 12 -2.57 23.86 -35.72
N ALA C 13 -1.47 24.07 -36.43
CA ALA C 13 -0.57 22.99 -36.77
C ALA C 13 0.86 23.49 -36.80
N ASN C 14 1.80 22.57 -36.70
CA ASN C 14 3.20 22.91 -36.64
C ASN C 14 4.02 21.67 -36.98
N ASN C 15 5.33 21.81 -37.09
CA ASN C 15 6.22 20.73 -37.54
C ASN C 15 6.53 19.71 -36.45
N SER C 16 5.79 19.76 -35.34
CA SER C 16 5.92 18.78 -34.27
C SER C 16 5.69 17.36 -34.74
N THR C 17 6.63 16.51 -34.35
CA THR C 17 6.58 15.10 -34.66
C THR C 17 6.57 14.31 -33.36
N THR C 18 6.41 15.04 -32.26
CA THR C 18 6.27 14.47 -30.92
C THR C 18 4.90 13.85 -30.73
N GLN C 19 4.87 12.57 -30.36
CA GLN C 19 3.61 11.85 -30.14
C GLN C 19 3.25 11.54 -28.66
N VAL C 20 1.96 11.61 -28.34
CA VAL C 20 1.49 11.13 -27.05
C VAL C 20 0.69 9.86 -27.25
N ASP C 21 0.16 9.31 -26.17
CA ASP C 21 -0.64 8.12 -26.21
C ASP C 21 -1.96 8.39 -25.52
N THR C 22 -2.93 7.54 -25.79
CA THR C 22 -4.30 7.74 -25.33
C THR C 22 -4.97 6.38 -25.09
N LEU C 23 -6.06 6.37 -24.34
CA LEU C 23 -6.77 5.12 -24.12
C LEU C 23 -7.36 4.65 -25.44
N LEU C 24 -7.81 5.60 -26.26
CA LEU C 24 -8.43 5.29 -27.54
C LEU C 24 -7.44 5.13 -28.67
N GLU C 25 -6.35 5.88 -28.62
CA GLU C 25 -5.45 5.92 -29.76
C GLU C 25 -3.99 5.94 -29.34
N LYS C 26 -3.12 5.33 -30.13
CA LYS C 26 -1.69 5.32 -29.87
C LYS C 26 -0.95 6.18 -30.89
N ASN C 27 0.19 6.74 -30.51
CA ASN C 27 1.12 7.37 -31.45
C ASN C 27 0.52 8.63 -32.07
N VAL C 28 -0.27 9.34 -31.27
CA VAL C 28 -0.95 10.54 -31.73
C VAL C 28 -0.06 11.78 -31.71
N THR C 29 0.28 12.30 -32.89
CA THR C 29 1.09 13.52 -32.96
C THR C 29 0.27 14.73 -32.53
N VAL C 30 0.88 15.62 -31.76
CA VAL C 30 0.20 16.79 -31.22
C VAL C 30 1.06 18.02 -31.40
N THR C 31 0.55 19.19 -31.05
CA THR C 31 1.25 20.42 -31.39
C THR C 31 2.17 20.89 -30.29
N HIS C 32 1.79 20.61 -29.06
CA HIS C 32 2.54 21.00 -27.89
C HIS C 32 2.34 19.92 -26.85
N SER C 33 3.40 19.60 -26.11
CA SER C 33 3.26 18.61 -25.05
C SER C 33 4.36 18.77 -24.01
N VAL C 34 4.17 18.12 -22.87
CA VAL C 34 5.08 18.22 -21.74
C VAL C 34 5.48 16.86 -21.22
N GLU C 35 6.78 16.55 -21.27
CA GLU C 35 7.29 15.35 -20.60
C GLU C 35 7.36 15.58 -19.11
N LEU C 36 6.86 14.62 -18.34
CA LEU C 36 6.74 14.78 -16.90
C LEU C 36 7.75 13.90 -16.13
N LEU C 37 8.59 13.17 -16.86
CA LEU C 37 9.50 12.20 -16.28
C LEU C 37 10.97 12.41 -16.65
N GLU C 38 11.85 12.17 -15.67
CA GLU C 38 13.28 12.35 -15.85
C GLU C 38 13.98 11.00 -15.85
N ASN C 39 14.70 10.71 -16.93
CA ASN C 39 15.43 9.45 -17.07
C ASN C 39 16.94 9.63 -17.02
N GLN C 40 17.36 10.84 -16.68
CA GLN C 40 18.75 11.32 -16.75
C GLN C 40 19.35 11.68 -15.37
N LYS C 41 20.66 11.43 -15.20
CA LYS C 41 21.30 11.14 -13.88
C LYS C 41 22.80 11.37 -14.00
N GLU C 42 23.34 12.27 -13.19
CA GLU C 42 24.80 12.38 -13.07
C GLU C 42 25.28 11.19 -12.25
N LYS C 43 26.13 10.35 -12.82
CA LYS C 43 26.53 9.15 -12.10
C LYS C 43 27.65 9.45 -11.10
N ARG C 44 27.33 10.20 -10.06
CA ARG C 44 28.27 10.54 -8.99
C ARG C 44 27.54 10.90 -7.68
N PHE C 45 28.28 11.03 -6.59
CA PHE C 45 27.71 11.48 -5.32
C PHE C 45 28.10 12.91 -5.01
N CYS C 46 27.19 13.68 -4.42
CA CYS C 46 27.42 15.10 -4.21
C CYS C 46 27.01 15.55 -2.83
N LYS C 47 27.30 16.82 -2.51
CA LYS C 47 26.88 17.38 -1.24
C LYS C 47 25.38 17.65 -1.24
N ILE C 48 24.72 17.26 -0.15
CA ILE C 48 23.30 17.51 0.03
C ILE C 48 23.13 18.43 1.22
N MET C 49 22.56 19.60 0.98
CA MET C 49 22.38 20.65 1.99
C MET C 49 23.74 21.28 2.27
N ASN C 50 24.64 21.11 1.31
CA ASN C 50 26.02 21.62 1.36
C ASN C 50 26.83 20.91 2.46
N LYS C 51 26.47 19.66 2.71
CA LYS C 51 27.09 18.80 3.71
C LYS C 51 27.58 17.53 3.03
N ALA C 52 28.90 17.39 2.88
CA ALA C 52 29.48 16.27 2.13
C ALA C 52 29.17 14.92 2.76
N PRO C 53 29.20 13.84 1.95
CA PRO C 53 29.00 12.50 2.50
C PRO C 53 30.25 11.94 3.20
N LEU C 54 30.06 10.87 3.95
CA LEU C 54 31.16 10.13 4.54
C LEU C 54 31.50 8.93 3.69
N ASP C 55 32.70 8.95 3.11
CA ASP C 55 33.22 7.84 2.35
C ASP C 55 33.98 6.88 3.29
N LEU C 56 33.42 5.70 3.55
CA LEU C 56 34.04 4.73 4.45
C LEU C 56 35.16 3.95 3.74
N LYS C 57 35.44 4.30 2.50
CA LYS C 57 36.58 3.80 1.74
C LYS C 57 36.73 2.29 1.75
N ASP C 58 37.81 1.79 2.33
CA ASP C 58 38.10 0.36 2.32
C ASP C 58 37.54 -0.31 3.58
N CYS C 59 36.78 0.43 4.38
CA CYS C 59 36.20 -0.07 5.62
C CYS C 59 34.68 -0.26 5.54
N THR C 60 34.15 -1.28 6.22
CA THR C 60 32.69 -1.44 6.33
C THR C 60 32.20 -0.69 7.57
N ILE C 61 30.88 -0.60 7.74
CA ILE C 61 30.30 0.11 8.91
C ILE C 61 30.77 -0.53 10.24
N GLU C 62 30.84 -1.85 10.31
CA GLU C 62 31.40 -2.51 11.49
C GLU C 62 32.86 -2.09 11.71
N GLY C 63 33.61 -2.01 10.63
CA GLY C 63 35.00 -1.59 10.70
C GLY C 63 35.20 -0.16 11.12
N TRP C 64 34.34 0.74 10.69
CA TRP C 64 34.51 2.15 10.99
C TRP C 64 34.29 2.39 12.46
N ILE C 65 33.18 1.85 12.96
CA ILE C 65 32.58 2.34 14.19
C ILE C 65 33.05 1.51 15.40
N LEU C 66 33.37 0.25 15.18
CA LEU C 66 34.05 -0.57 16.18
C LEU C 66 35.49 -0.09 16.37
N GLY C 67 36.10 0.40 15.29
CA GLY C 67 37.42 0.97 15.33
C GLY C 67 38.53 0.07 14.86
N ASN C 68 38.30 -0.68 13.78
CA ASN C 68 39.33 -1.52 13.19
C ASN C 68 40.61 -0.69 12.97
N PRO C 69 41.76 -1.24 13.35
CA PRO C 69 43.06 -0.54 13.22
C PRO C 69 43.39 -0.08 11.79
N LYS C 70 42.83 -0.73 10.77
CA LYS C 70 43.11 -0.31 9.39
C LYS C 70 42.14 0.77 8.90
N CYS C 71 41.31 1.28 9.81
CA CYS C 71 40.32 2.28 9.48
C CYS C 71 40.62 3.57 10.20
N ASP C 72 41.87 3.77 10.59
CA ASP C 72 42.23 4.91 11.43
C ASP C 72 42.03 6.23 10.73
N LEU C 73 41.83 6.17 9.42
CA LEU C 73 41.56 7.35 8.61
C LEU C 73 40.25 8.02 9.06
N LEU C 74 39.37 7.23 9.65
CA LEU C 74 37.99 7.64 9.92
C LEU C 74 37.80 8.06 11.39
N LEU C 75 38.91 8.14 12.11
CA LEU C 75 38.90 7.99 13.58
C LEU C 75 38.27 9.12 14.42
N GLY C 76 38.36 10.38 14.03
CA GLY C 76 37.87 11.43 14.91
C GLY C 76 36.36 11.58 15.07
N ASP C 77 35.88 12.83 15.10
CA ASP C 77 34.47 13.15 14.89
C ASP C 77 34.12 13.12 13.41
N GLN C 78 32.84 13.00 13.10
CA GLN C 78 32.36 12.95 11.72
C GLN C 78 31.02 13.64 11.57
N SER C 79 30.88 14.46 10.52
CA SER C 79 29.58 15.06 10.15
C SER C 79 29.21 14.68 8.73
N TRP C 80 28.12 13.96 8.56
CA TRP C 80 27.72 13.51 7.23
C TRP C 80 26.27 13.83 6.91
N SER C 81 25.96 13.84 5.62
CA SER C 81 24.58 14.03 5.14
C SER C 81 24.04 12.71 4.63
N TYR C 82 24.97 11.80 4.34
CA TYR C 82 24.70 10.39 4.10
C TYR C 82 26.01 9.59 4.09
N ILE C 83 25.91 8.27 4.12
CA ILE C 83 27.09 7.43 4.18
C ILE C 83 27.24 6.57 2.93
N VAL C 84 28.39 6.63 2.29
CA VAL C 84 28.66 5.74 1.17
C VAL C 84 29.51 4.57 1.68
N GLU C 85 29.02 3.36 1.54
CA GLU C 85 29.80 2.19 1.91
C GLU C 85 30.14 1.38 0.68
N ARG C 86 31.42 1.39 0.30
CA ARG C 86 31.85 0.67 -0.88
C ARG C 86 31.64 -0.81 -0.68
N PRO C 87 31.09 -1.49 -1.70
CA PRO C 87 30.63 -2.87 -1.57
C PRO C 87 31.73 -3.86 -1.22
N ASN C 88 32.91 -3.62 -1.78
CA ASN C 88 34.01 -4.58 -1.71
C ASN C 88 34.99 -4.31 -0.54
N ALA C 89 34.59 -3.43 0.39
CA ALA C 89 35.44 -3.06 1.51
C ALA C 89 35.79 -4.31 2.30
N GLN C 90 37.06 -4.43 2.71
CA GLN C 90 37.54 -5.68 3.30
C GLN C 90 37.89 -5.55 4.77
N ASN C 91 37.87 -4.32 5.28
CA ASN C 91 38.15 -4.05 6.68
C ASN C 91 36.90 -3.94 7.54
N GLY C 92 36.49 -5.05 8.17
CA GLY C 92 35.40 -4.99 9.12
C GLY C 92 35.69 -5.61 10.48
N ILE C 93 35.01 -6.71 10.78
CA ILE C 93 35.19 -7.40 12.05
C ILE C 93 36.37 -8.35 11.92
N CYS C 94 37.54 -7.89 12.35
CA CYS C 94 38.79 -8.60 12.16
C CYS C 94 38.93 -9.79 13.11
N TYR C 95 38.73 -9.58 14.41
CA TYR C 95 38.64 -10.70 15.33
C TYR C 95 37.28 -11.36 15.16
N PRO C 96 37.25 -12.62 14.71
CA PRO C 96 36.01 -13.30 14.33
C PRO C 96 34.99 -13.36 15.45
N GLY C 97 33.72 -13.24 15.09
CA GLY C 97 32.63 -13.27 16.04
C GLY C 97 31.48 -12.44 15.51
N VAL C 98 30.36 -12.49 16.21
CA VAL C 98 29.12 -11.81 15.82
C VAL C 98 28.98 -10.46 16.51
N LEU C 99 28.61 -9.44 15.75
CA LEU C 99 28.15 -8.20 16.35
C LEU C 99 26.63 -8.31 16.47
N ASN C 100 26.12 -8.42 17.70
CA ASN C 100 24.71 -8.68 17.89
C ASN C 100 23.84 -7.47 17.60
N GLU C 101 22.64 -7.75 17.13
CA GLU C 101 21.76 -6.73 16.54
C GLU C 101 22.49 -5.87 15.51
N LEU C 102 23.11 -6.52 14.53
CA LEU C 102 23.90 -5.82 13.52
C LEU C 102 23.03 -4.85 12.72
N GLU C 103 21.94 -5.38 12.18
CA GLU C 103 21.04 -4.63 11.32
C GLU C 103 20.35 -3.47 12.03
N GLU C 104 20.04 -3.65 13.30
CA GLU C 104 19.44 -2.57 14.09
C GLU C 104 20.43 -1.43 14.31
N LEU C 105 21.73 -1.74 14.28
CA LEU C 105 22.81 -0.78 14.49
C LEU C 105 23.16 -0.01 13.22
N LYS C 106 23.30 -0.71 12.09
CA LYS C 106 23.39 -0.08 10.77
C LYS C 106 22.18 0.88 10.61
N ALA C 107 21.00 0.43 11.01
CA ALA C 107 19.82 1.32 10.99
C ALA C 107 19.99 2.56 11.87
N PHE C 108 20.51 2.35 13.08
CA PHE C 108 20.64 3.43 14.04
C PHE C 108 21.74 4.43 13.61
N ILE C 109 22.82 3.90 13.03
CA ILE C 109 23.89 4.76 12.59
C ILE C 109 23.37 5.60 11.40
N GLY C 110 22.53 4.98 10.57
CA GLY C 110 21.93 5.66 9.42
C GLY C 110 21.09 6.87 9.77
N SER C 111 20.37 6.79 10.88
CA SER C 111 19.55 7.91 11.36
C SER C 111 20.37 9.15 11.71
N GLY C 112 21.61 8.95 12.18
CA GLY C 112 22.44 10.06 12.62
C GLY C 112 23.06 11.00 11.59
N GLU C 113 23.33 12.23 11.99
CA GLU C 113 24.10 13.17 11.16
C GLU C 113 25.49 13.51 11.71
N ARG C 114 25.75 13.19 12.98
CA ARG C 114 27.06 13.45 13.59
C ARG C 114 27.40 12.56 14.79
N VAL C 115 28.67 12.18 14.93
CA VAL C 115 29.15 11.47 16.12
C VAL C 115 30.43 12.13 16.59
N GLU C 116 30.58 12.26 17.91
CA GLU C 116 31.82 12.77 18.49
C GLU C 116 32.48 11.69 19.33
N ARG C 117 33.70 11.31 18.96
CA ARG C 117 34.44 10.31 19.72
C ARG C 117 34.98 10.87 21.04
N PHE C 118 34.88 10.07 22.09
CA PHE C 118 35.43 10.43 23.39
C PHE C 118 35.75 9.18 24.20
N GLU C 119 36.65 9.32 25.18
CA GLU C 119 37.10 8.21 26.00
C GLU C 119 36.13 7.98 27.13
N MET C 120 35.33 6.93 27.03
CA MET C 120 34.26 6.72 27.98
C MET C 120 34.79 6.06 29.24
N PHE C 121 35.65 5.05 29.06
CA PHE C 121 36.22 4.33 30.18
C PHE C 121 37.73 4.21 30.04
N PRO C 122 38.46 5.17 30.62
CA PRO C 122 39.93 5.16 30.63
C PRO C 122 40.45 3.84 31.14
N LYS C 123 41.62 3.40 30.69
CA LYS C 123 42.17 2.10 31.08
C LYS C 123 42.36 1.96 32.60
N SER C 124 42.57 3.09 33.27
CA SER C 124 42.73 3.10 34.71
C SER C 124 41.45 2.77 35.47
N THR C 125 40.32 2.71 34.77
CA THR C 125 39.04 2.35 35.37
C THR C 125 39.09 0.93 35.92
N TRP C 126 39.94 0.09 35.36
CA TRP C 126 39.98 -1.31 35.76
C TRP C 126 41.26 -1.58 36.55
N ALA C 127 41.12 -1.71 37.85
CA ALA C 127 42.26 -1.93 38.72
C ALA C 127 42.66 -3.39 38.85
N GLY C 128 43.97 -3.65 38.80
CA GLY C 128 44.51 -4.96 39.10
C GLY C 128 44.62 -5.89 37.91
N VAL C 129 44.37 -5.33 36.73
CA VAL C 129 44.35 -6.08 35.50
C VAL C 129 45.18 -5.39 34.41
N ASP C 130 45.51 -6.14 33.38
CA ASP C 130 46.37 -5.67 32.29
C ASP C 130 45.64 -5.08 31.08
N THR C 131 45.54 -3.75 31.01
CA THR C 131 45.01 -3.06 29.82
C THR C 131 45.93 -3.10 28.62
N SER C 132 47.23 -3.02 28.87
CA SER C 132 48.28 -2.99 27.84
C SER C 132 48.48 -4.24 26.96
N ARG C 133 48.33 -5.44 27.50
CA ARG C 133 48.71 -6.66 26.79
C ARG C 133 47.83 -7.08 25.60
N GLY C 134 46.54 -6.80 25.61
CA GLY C 134 45.66 -7.47 24.66
C GLY C 134 45.50 -6.93 23.25
N VAL C 135 46.03 -7.70 22.30
CA VAL C 135 46.03 -7.39 20.87
C VAL C 135 46.11 -8.72 20.12
N THR C 136 45.75 -8.74 18.84
CA THR C 136 45.66 -9.98 18.09
C THR C 136 46.36 -9.88 16.75
N ASN C 137 46.88 -11.00 16.24
CA ASN C 137 47.43 -11.01 14.89
C ASN C 137 46.31 -10.99 13.84
N ALA C 138 45.07 -11.25 14.28
CA ALA C 138 43.91 -11.21 13.38
C ALA C 138 43.48 -9.78 13.15
N CYS C 139 44.04 -8.85 13.91
CA CYS C 139 43.64 -7.47 13.80
C CYS C 139 44.86 -6.58 13.58
N PRO C 140 45.57 -6.79 12.47
CA PRO C 140 46.71 -5.91 12.25
C PRO C 140 46.31 -4.52 11.83
N SER C 141 47.10 -3.56 12.24
CA SER C 141 47.15 -2.24 11.66
C SER C 141 48.02 -2.35 10.42
N TYR C 142 48.09 -1.30 9.63
CA TYR C 142 49.00 -1.28 8.48
C TYR C 142 50.46 -1.36 8.97
N THR C 143 50.78 -0.58 9.99
CA THR C 143 52.07 -0.63 10.69
C THR C 143 52.34 -1.84 11.61
N ILE C 144 51.35 -2.27 12.41
CA ILE C 144 51.62 -3.28 13.43
C ILE C 144 50.88 -4.59 13.20
N ASP C 145 51.61 -5.70 13.23
CA ASP C 145 51.04 -7.01 12.97
C ASP C 145 49.96 -7.40 13.98
N SER C 146 50.17 -7.02 15.24
CA SER C 146 49.19 -7.27 16.29
C SER C 146 48.69 -5.99 16.92
N SER C 147 47.37 -5.79 16.89
CA SER C 147 46.74 -4.59 17.45
C SER C 147 45.30 -4.93 17.83
N PHE C 148 44.48 -3.91 18.08
CA PHE C 148 43.09 -4.16 18.42
C PHE C 148 42.22 -2.94 18.10
N TYR C 149 40.91 -3.10 18.14
CA TYR C 149 39.97 -2.01 17.91
C TYR C 149 40.22 -0.79 18.78
N ARG C 150 40.25 0.41 18.19
CA ARG C 150 40.53 1.61 18.96
C ARG C 150 39.40 2.03 19.88
N ASN C 151 38.35 1.25 19.96
CA ASN C 151 37.20 1.62 20.78
C ASN C 151 36.97 0.59 21.89
N LEU C 152 37.83 -0.43 21.92
CA LEU C 152 37.72 -1.51 22.88
C LEU C 152 39.09 -1.89 23.44
N VAL C 153 39.10 -2.40 24.68
CA VAL C 153 40.31 -2.86 25.32
C VAL C 153 40.21 -4.34 25.68
N TRP C 154 41.00 -5.19 25.04
CA TRP C 154 41.01 -6.61 25.40
C TRP C 154 41.79 -6.77 26.70
N ILE C 155 41.12 -6.57 27.82
CA ILE C 155 41.72 -6.68 29.13
C ILE C 155 42.08 -8.13 29.45
N VAL C 156 43.29 -8.30 29.98
CA VAL C 156 43.84 -9.59 30.37
C VAL C 156 44.32 -9.43 31.82
N LYS C 157 44.51 -10.55 32.49
CA LYS C 157 44.97 -10.56 33.86
C LYS C 157 46.46 -10.24 33.89
N THR C 158 46.93 -9.75 35.03
CA THR C 158 48.32 -9.40 35.19
C THR C 158 49.14 -10.65 35.45
N ASP C 159 50.45 -10.48 35.59
CA ASP C 159 51.34 -11.61 35.81
C ASP C 159 50.89 -12.35 37.07
N SER C 160 50.39 -11.59 38.04
CA SER C 160 49.86 -12.19 39.26
C SER C 160 48.72 -13.06 38.76
N ALA C 161 48.53 -14.22 39.36
CA ALA C 161 47.52 -15.16 38.89
C ALA C 161 46.06 -14.75 38.87
N THR C 162 45.56 -14.10 39.91
CA THR C 162 44.15 -13.74 39.94
C THR C 162 43.70 -12.55 39.10
N TYR C 163 42.49 -12.66 38.56
CA TYR C 163 41.85 -11.61 37.79
C TYR C 163 40.79 -11.20 38.79
N PRO C 164 40.89 -9.91 39.30
CA PRO C 164 39.89 -9.58 40.31
C PRO C 164 38.65 -8.89 39.79
N VAL C 165 37.57 -8.99 40.52
CA VAL C 165 36.39 -8.29 40.08
C VAL C 165 36.79 -6.88 39.76
N ILE C 166 36.42 -6.41 38.56
CA ILE C 166 36.73 -5.06 38.10
C ILE C 166 35.42 -4.33 37.85
N LYS C 167 35.40 -3.05 38.15
CA LYS C 167 34.17 -2.28 38.12
C LYS C 167 34.38 -0.89 37.57
N GLY C 168 33.44 -0.44 36.73
CA GLY C 168 33.44 0.94 36.29
C GLY C 168 32.05 1.50 36.14
N THR C 169 31.93 2.82 36.27
CA THR C 169 30.67 3.50 35.98
C THR C 169 30.92 4.72 35.08
N TYR C 170 29.90 5.07 34.30
CA TYR C 170 29.95 6.32 33.56
C TYR C 170 28.57 6.96 33.62
N ASN C 171 28.53 8.22 34.03
CA ASN C 171 27.27 8.94 34.18
C ASN C 171 27.05 9.90 33.01
N ASN C 172 25.97 9.72 32.25
CA ASN C 172 25.71 10.61 31.12
C ASN C 172 24.96 11.84 31.55
N THR C 173 25.75 12.82 31.94
CA THR C 173 25.27 14.12 32.37
C THR C 173 25.08 14.99 31.15
N GLY C 174 25.39 14.43 29.99
CA GLY C 174 25.32 15.12 28.71
C GLY C 174 23.93 15.36 28.12
N THR C 175 23.91 16.16 27.07
CA THR C 175 22.64 16.45 26.42
C THR C 175 22.39 15.46 25.28
N GLN C 176 23.40 14.67 24.94
CA GLN C 176 23.32 13.81 23.75
C GLN C 176 23.44 12.33 24.06
N PRO C 177 22.91 11.47 23.19
CA PRO C 177 23.03 10.03 23.43
C PRO C 177 24.44 9.50 23.19
N ILE C 178 24.75 8.34 23.76
CA ILE C 178 26.08 7.77 23.66
C ILE C 178 26.04 6.35 23.12
N LEU C 179 26.64 6.16 21.94
CA LEU C 179 26.73 4.84 21.34
C LEU C 179 28.04 4.18 21.75
N TYR C 180 27.94 3.08 22.50
CA TYR C 180 29.13 2.42 22.99
C TYR C 180 29.08 0.94 22.69
N PHE C 181 30.24 0.31 22.71
CA PHE C 181 30.34 -1.10 22.35
C PHE C 181 31.04 -1.85 23.47
N TRP C 182 30.94 -3.17 23.46
CA TRP C 182 31.69 -4.00 24.37
C TRP C 182 31.64 -5.41 23.83
N GLY C 183 32.23 -6.35 24.54
CA GLY C 183 32.22 -7.73 24.10
C GLY C 183 32.65 -8.76 25.11
N VAL C 184 32.56 -10.03 24.72
CA VAL C 184 32.80 -11.17 25.59
C VAL C 184 33.70 -12.20 24.90
N HIS C 185 34.95 -12.31 25.34
CA HIS C 185 35.86 -13.27 24.74
C HIS C 185 35.39 -14.71 25.02
N HIS C 186 35.57 -15.61 24.06
CA HIS C 186 35.14 -17.00 24.16
C HIS C 186 36.22 -17.96 23.73
N PRO C 187 37.19 -18.25 24.61
CA PRO C 187 38.37 -19.03 24.20
C PRO C 187 38.05 -20.42 23.67
N LEU C 188 38.90 -20.94 22.80
CA LEU C 188 38.74 -22.26 22.24
C LEU C 188 39.06 -23.38 23.25
N ASP C 189 39.74 -23.01 24.32
CA ASP C 189 40.37 -23.98 25.20
C ASP C 189 40.06 -23.67 26.63
N THR C 190 40.25 -24.65 27.51
CA THR C 190 40.35 -24.34 28.92
C THR C 190 41.74 -23.78 29.23
N THR C 191 42.71 -24.16 28.41
CA THR C 191 44.09 -23.70 28.56
C THR C 191 44.25 -22.20 28.30
N VAL C 192 43.56 -21.67 27.29
CA VAL C 192 43.61 -20.24 26.99
C VAL C 192 42.84 -19.43 28.04
N GLN C 193 41.73 -19.99 28.51
CA GLN C 193 40.93 -19.34 29.51
C GLN C 193 41.76 -19.09 30.77
N ASP C 194 42.48 -20.12 31.24
CA ASP C 194 43.27 -19.98 32.47
C ASP C 194 44.50 -19.09 32.29
N ASN C 195 45.05 -19.05 31.08
CA ASN C 195 46.23 -18.22 30.83
C ASN C 195 45.93 -16.74 30.85
N LEU C 196 44.76 -16.37 30.36
CA LEU C 196 44.39 -14.97 30.21
C LEU C 196 43.57 -14.49 31.41
N TYR C 197 42.77 -15.39 31.96
CA TYR C 197 41.88 -15.02 33.05
C TYR C 197 42.08 -15.96 34.23
N GLY C 198 41.43 -15.66 35.35
CA GLY C 198 41.65 -16.42 36.57
C GLY C 198 41.24 -17.88 36.47
N SER C 199 41.22 -18.54 37.62
CA SER C 199 40.60 -19.86 37.72
C SER C 199 39.15 -19.67 38.14
N GLY C 200 38.27 -20.55 37.67
CA GLY C 200 36.88 -20.55 38.10
C GLY C 200 35.93 -19.84 37.16
N ASP C 201 34.62 -20.00 37.41
CA ASP C 201 33.57 -19.42 36.58
C ASP C 201 33.65 -17.90 36.44
N LYS C 202 33.72 -17.42 35.20
CA LYS C 202 33.83 -16.00 34.93
C LYS C 202 32.50 -15.44 34.42
N TYR C 203 32.33 -14.13 34.55
CA TYR C 203 31.10 -13.47 34.10
C TYR C 203 31.30 -12.05 33.59
N VAL C 204 30.44 -11.62 32.68
CA VAL C 204 30.41 -10.21 32.31
C VAL C 204 29.02 -9.69 32.54
N ARG C 205 28.92 -8.51 33.12
CA ARG C 205 27.64 -7.97 33.52
C ARG C 205 27.69 -6.47 33.45
N MET C 206 26.59 -5.90 32.98
CA MET C 206 26.46 -4.48 32.75
C MET C 206 25.02 -4.08 32.93
N GLY C 207 24.79 -2.86 33.36
CA GLY C 207 23.44 -2.45 33.64
C GLY C 207 23.29 -0.96 33.67
N THR C 208 22.10 -0.51 33.26
CA THR C 208 21.72 0.89 33.35
C THR C 208 20.33 0.92 33.95
N GLU C 209 19.71 2.09 34.00
CA GLU C 209 18.35 2.22 34.49
C GLU C 209 17.40 1.38 33.63
N SER C 210 17.59 1.43 32.31
CA SER C 210 16.73 0.70 31.38
C SER C 210 17.31 -0.55 30.74
N MET C 211 18.53 -0.94 31.12
CA MET C 211 19.14 -2.14 30.56
C MET C 211 19.60 -3.15 31.61
N ASN C 212 19.81 -4.39 31.14
CA ASN C 212 20.45 -5.45 31.88
C ASN C 212 21.18 -6.31 30.85
N PHE C 213 22.46 -6.58 31.08
CA PHE C 213 23.20 -7.53 30.26
C PHE C 213 23.90 -8.51 31.17
N ALA C 214 24.18 -9.70 30.66
CA ALA C 214 24.84 -10.72 31.45
C ALA C 214 25.22 -11.88 30.55
N LYS C 215 26.48 -12.26 30.60
CA LYS C 215 26.98 -13.33 29.77
C LYS C 215 28.19 -13.99 30.42
N SER C 216 28.39 -15.25 30.10
CA SER C 216 29.55 -16.02 30.56
C SER C 216 30.17 -16.72 29.36
N PRO C 217 31.51 -16.89 29.36
CA PRO C 217 32.15 -17.50 28.19
C PRO C 217 31.66 -18.90 27.82
N GLU C 218 31.38 -19.07 26.54
CA GLU C 218 31.10 -20.36 25.93
C GLU C 218 32.39 -20.85 25.35
N ILE C 219 32.96 -21.90 25.92
CA ILE C 219 34.30 -22.32 25.56
C ILE C 219 34.32 -23.52 24.62
N ALA C 220 34.75 -23.29 23.37
CA ALA C 220 34.90 -24.35 22.38
C ALA C 220 35.62 -23.85 21.12
N ALA C 221 36.15 -24.78 20.33
CA ALA C 221 36.84 -24.43 19.10
C ALA C 221 35.83 -24.29 17.97
N ARG C 222 35.74 -23.09 17.42
CA ARG C 222 35.00 -22.87 16.19
C ARG C 222 36.03 -22.92 15.09
N PRO C 223 35.60 -23.15 13.84
CA PRO C 223 36.57 -23.18 12.73
C PRO C 223 37.43 -21.93 12.60
N ALA C 224 38.66 -22.12 12.12
CA ALA C 224 39.61 -21.03 12.02
C ALA C 224 39.07 -19.96 11.11
N VAL C 225 38.99 -18.75 11.63
CA VAL C 225 38.67 -17.58 10.82
C VAL C 225 39.68 -16.52 11.19
N ASN C 226 40.55 -16.16 10.24
CA ASN C 226 41.65 -15.25 10.52
C ASN C 226 42.62 -15.92 11.48
N ASP C 227 42.65 -17.24 11.41
CA ASP C 227 43.53 -18.10 12.21
C ASP C 227 43.10 -18.16 13.68
N GLN C 228 41.85 -17.78 13.93
CA GLN C 228 41.30 -17.78 15.28
C GLN C 228 40.22 -18.84 15.38
N ARG C 229 40.32 -19.68 16.40
CA ARG C 229 39.33 -20.71 16.63
C ARG C 229 38.52 -20.32 17.88
N SER C 230 38.86 -19.17 18.43
CA SER C 230 38.08 -18.55 19.48
C SER C 230 37.14 -17.53 18.84
N ARG C 231 36.26 -16.93 19.64
CA ARG C 231 35.36 -15.92 19.13
C ARG C 231 35.22 -14.76 20.11
N ILE C 232 34.79 -13.61 19.60
CA ILE C 232 34.32 -12.52 20.46
C ILE C 232 32.90 -12.14 20.10
N ASP C 233 32.01 -12.19 21.10
CA ASP C 233 30.68 -11.63 20.96
C ASP C 233 30.77 -10.12 21.11
N TYR C 234 30.38 -9.35 20.10
CA TYR C 234 30.37 -7.90 20.26
C TYR C 234 28.96 -7.43 20.57
N TYR C 235 28.84 -6.31 21.27
CA TYR C 235 27.53 -5.78 21.65
C TYR C 235 27.54 -4.25 21.52
N TRP C 236 26.37 -3.68 21.22
CA TRP C 236 26.22 -2.24 21.18
C TRP C 236 25.06 -1.84 22.05
N SER C 237 25.02 -0.58 22.48
CA SER C 237 23.84 -0.02 23.12
C SER C 237 23.98 1.49 23.24
N VAL C 238 22.87 2.15 23.52
CA VAL C 238 22.80 3.60 23.56
C VAL C 238 22.42 4.11 24.94
N LEU C 239 23.37 4.75 25.60
CA LEU C 239 23.15 5.39 26.89
C LEU C 239 22.34 6.67 26.69
N ARG C 240 21.11 6.68 27.15
CA ARG C 240 20.29 7.88 27.02
C ARG C 240 20.85 8.99 27.89
N PRO C 241 20.52 10.26 27.60
CA PRO C 241 21.04 11.33 28.46
C PRO C 241 20.44 11.20 29.84
N GLY C 242 21.24 11.37 30.88
CA GLY C 242 20.72 11.22 32.23
C GLY C 242 20.87 9.81 32.75
N GLU C 243 21.23 8.88 31.88
CA GLU C 243 21.40 7.48 32.28
C GLU C 243 22.82 7.21 32.79
N THR C 244 23.02 6.03 33.37
CA THR C 244 24.29 5.66 33.98
C THR C 244 24.61 4.22 33.64
N LEU C 245 25.87 3.93 33.34
CA LEU C 245 26.27 2.55 33.08
C LEU C 245 27.19 2.00 34.17
N ASN C 246 26.85 0.80 34.66
CA ASN C 246 27.72 0.12 35.59
C ASN C 246 28.29 -1.11 34.92
N VAL C 247 29.61 -1.24 34.92
CA VAL C 247 30.23 -2.40 34.32
C VAL C 247 30.86 -3.24 35.41
N GLU C 248 30.76 -4.55 35.28
CA GLU C 248 31.26 -5.44 36.32
C GLU C 248 31.57 -6.81 35.76
N SER C 249 32.82 -7.22 35.87
CA SER C 249 33.26 -8.51 35.37
C SER C 249 34.41 -9.05 36.17
N ASN C 250 34.58 -10.37 36.15
CA ASN C 250 35.75 -11.02 36.74
C ASN C 250 36.60 -11.71 35.69
N GLY C 251 36.36 -11.41 34.43
CA GLY C 251 37.08 -12.05 33.33
C GLY C 251 36.29 -12.03 32.04
N ASN C 252 37.02 -12.22 30.93
CA ASN C 252 36.49 -12.31 29.58
C ASN C 252 35.85 -11.03 29.05
N LEU C 253 35.94 -9.92 29.78
CA LEU C 253 35.39 -8.67 29.29
C LEU C 253 36.27 -8.01 28.26
N ILE C 254 35.71 -7.73 27.08
CA ILE C 254 36.34 -6.78 26.16
C ILE C 254 35.63 -5.47 26.36
N ALA C 255 36.35 -4.53 26.95
CA ALA C 255 35.69 -3.40 27.57
C ALA C 255 35.41 -2.29 26.61
N PRO C 256 34.41 -1.47 26.92
CA PRO C 256 34.28 -0.23 26.22
C PRO C 256 35.47 0.63 26.55
N TRP C 257 36.02 1.30 25.56
CA TRP C 257 37.08 2.25 25.80
C TRP C 257 36.60 3.61 25.36
N TYR C 258 36.23 3.69 24.08
CA TYR C 258 35.78 4.92 23.47
C TYR C 258 34.35 4.75 22.96
N ALA C 259 33.57 5.81 23.11
CA ALA C 259 32.17 5.82 22.71
C ALA C 259 31.89 7.10 21.92
N TYR C 260 30.78 7.15 21.20
CA TYR C 260 30.44 8.35 20.43
C TYR C 260 29.24 9.11 20.99
N LYS C 261 29.39 10.40 21.24
CA LYS C 261 28.21 11.23 21.42
C LYS C 261 27.59 11.38 20.06
N PHE C 262 26.29 11.08 19.98
CA PHE C 262 25.61 10.82 18.73
C PHE C 262 24.51 11.82 18.52
N VAL C 263 24.52 12.54 17.41
CA VAL C 263 23.43 13.48 17.10
C VAL C 263 22.47 12.92 16.06
N SER C 264 21.18 12.95 16.35
CA SER C 264 20.15 12.43 15.44
C SER C 264 19.61 13.49 14.48
N LYS C 268 15.47 12.45 7.58
CA LYS C 268 15.80 11.07 7.24
C LYS C 268 17.18 11.02 6.62
N GLY C 269 17.91 9.95 6.89
CA GLY C 269 19.24 9.80 6.33
C GLY C 269 19.36 8.46 5.65
N ALA C 270 20.41 8.28 4.87
CA ALA C 270 20.63 7.02 4.17
C ALA C 270 22.05 6.47 4.20
N VAL C 271 22.17 5.17 3.92
CA VAL C 271 23.47 4.54 3.71
C VAL C 271 23.46 3.85 2.36
N PHE C 272 24.23 4.40 1.42
CA PHE C 272 24.34 3.89 0.06
C PHE C 272 25.52 2.93 -0.14
N LYS C 273 25.24 1.71 -0.58
CA LYS C 273 26.30 0.81 -1.03
C LYS C 273 26.51 0.99 -2.54
N SER C 274 27.71 1.39 -2.93
CA SER C 274 27.92 1.99 -4.25
C SER C 274 29.37 2.14 -4.69
N ASP C 275 29.58 2.12 -6.00
CA ASP C 275 30.89 2.34 -6.61
C ASP C 275 31.19 3.80 -6.89
N LEU C 276 30.15 4.62 -6.92
CA LEU C 276 30.24 5.95 -7.53
C LEU C 276 31.20 6.88 -6.81
N PRO C 277 31.88 7.74 -7.56
CA PRO C 277 32.79 8.77 -7.06
C PRO C 277 32.09 9.89 -6.32
N ILE C 278 32.81 10.48 -5.38
CA ILE C 278 32.35 11.63 -4.62
C ILE C 278 33.16 12.85 -5.04
N GLU C 279 32.54 13.76 -5.79
CA GLU C 279 33.27 14.86 -6.40
C GLU C 279 32.95 16.21 -5.75
N ASN C 280 33.66 17.26 -6.11
CA ASN C 280 33.38 18.57 -5.53
C ASN C 280 32.19 19.23 -6.23
N CYS C 281 31.01 18.72 -5.89
CA CYS C 281 29.77 19.14 -6.53
C CYS C 281 28.58 19.18 -5.56
N ASP C 282 27.64 20.07 -5.79
CA ASP C 282 26.44 20.12 -4.96
C ASP C 282 25.28 19.39 -5.61
N ALA C 283 24.34 18.97 -4.78
CA ALA C 283 23.14 18.31 -5.27
C ALA C 283 21.94 18.74 -4.44
N THR C 284 20.76 18.55 -4.99
CA THR C 284 19.53 18.83 -4.29
C THR C 284 18.73 17.55 -4.20
N CYS C 285 19.00 16.62 -5.11
CA CYS C 285 18.46 15.27 -5.04
C CYS C 285 19.52 14.24 -5.37
N GLN C 286 19.84 13.37 -4.42
CA GLN C 286 20.83 12.33 -4.65
C GLN C 286 20.22 10.94 -4.58
N THR C 287 20.33 10.15 -5.63
CA THR C 287 19.86 8.77 -5.59
C THR C 287 21.05 7.82 -5.54
N ILE C 288 20.81 6.55 -5.25
CA ILE C 288 21.89 5.56 -5.13
C ILE C 288 22.60 5.26 -6.46
N THR C 289 22.09 5.83 -7.55
CA THR C 289 22.69 5.64 -8.88
C THR C 289 23.01 6.96 -9.56
N GLY C 290 22.66 8.07 -8.91
CA GLY C 290 23.10 9.35 -9.39
C GLY C 290 22.35 10.56 -8.90
N VAL C 291 22.90 11.73 -9.20
CA VAL C 291 22.24 13.00 -8.94
C VAL C 291 21.09 13.24 -9.93
N LEU C 292 20.02 13.86 -9.48
CA LEU C 292 18.93 14.28 -10.36
C LEU C 292 18.85 15.80 -10.42
N ARG C 293 19.38 16.37 -11.49
CA ARG C 293 19.27 17.81 -11.67
C ARG C 293 18.18 18.04 -12.72
N THR C 294 16.97 18.28 -12.20
CA THR C 294 15.73 18.13 -12.93
C THR C 294 14.64 18.97 -12.29
N ASN C 295 13.57 19.20 -13.03
CA ASN C 295 12.37 19.84 -12.51
C ASN C 295 11.17 18.97 -12.79
N LYS C 296 11.43 17.80 -13.36
CA LYS C 296 10.36 16.89 -13.72
C LYS C 296 9.66 16.37 -12.49
N THR C 297 8.48 15.80 -12.70
CA THR C 297 7.64 15.34 -11.60
C THR C 297 7.92 13.88 -11.26
N PHE C 298 8.25 13.08 -12.27
CA PHE C 298 8.57 11.68 -12.05
C PHE C 298 9.99 11.35 -12.44
N GLN C 299 10.47 10.21 -11.97
CA GLN C 299 11.77 9.70 -12.36
C GLN C 299 11.76 8.18 -12.36
N ASN C 300 12.51 7.57 -13.26
CA ASN C 300 12.59 6.12 -13.32
C ASN C 300 14.00 5.66 -12.93
N VAL C 301 14.73 6.54 -12.24
CA VAL C 301 16.14 6.31 -11.93
C VAL C 301 16.34 5.34 -10.77
N SER C 302 15.86 5.68 -9.57
CA SER C 302 15.95 4.78 -8.43
C SER C 302 15.00 5.20 -7.30
N PRO C 303 14.42 4.22 -6.59
CA PRO C 303 13.55 4.48 -5.44
C PRO C 303 14.32 4.90 -4.18
N LEU C 304 15.64 4.78 -4.23
CA LEU C 304 16.47 5.06 -3.07
C LEU C 304 17.19 6.39 -3.23
N TRP C 305 16.77 7.38 -2.47
CA TRP C 305 17.35 8.71 -2.54
C TRP C 305 17.36 9.43 -1.19
N ILE C 306 17.97 10.60 -1.18
CA ILE C 306 17.87 11.51 -0.05
C ILE C 306 17.79 12.94 -0.61
N GLY C 307 17.07 13.82 0.07
CA GLY C 307 16.86 15.16 -0.42
C GLY C 307 15.51 15.28 -1.10
N GLU C 308 15.31 16.39 -1.80
CA GLU C 308 14.08 16.62 -2.55
C GLU C 308 14.17 15.94 -3.92
N CYS C 309 13.45 14.84 -4.11
CA CYS C 309 13.42 14.20 -5.43
C CYS C 309 12.01 13.96 -5.97
N PRO C 310 11.89 13.81 -7.30
CA PRO C 310 10.65 13.38 -7.94
C PRO C 310 10.24 11.94 -7.60
N LYS C 311 8.95 11.65 -7.74
CA LYS C 311 8.39 10.35 -7.42
C LYS C 311 8.96 9.26 -8.33
N TYR C 312 9.23 8.09 -7.77
CA TYR C 312 9.84 7.04 -8.56
C TYR C 312 8.78 6.09 -9.11
N VAL C 313 8.79 5.91 -10.43
CA VAL C 313 7.92 4.97 -11.15
C VAL C 313 8.74 4.19 -12.18
N LYS C 314 8.21 3.06 -12.64
CA LYS C 314 8.86 2.24 -13.65
C LYS C 314 8.50 2.64 -15.08
N SER C 315 7.92 3.83 -15.25
CA SER C 315 7.49 4.29 -16.57
C SER C 315 8.65 4.83 -17.39
N GLU C 316 8.66 4.50 -18.68
CA GLU C 316 9.70 4.96 -19.58
C GLU C 316 9.43 6.40 -19.98
N SER C 317 8.15 6.75 -20.06
CA SER C 317 7.71 8.09 -20.45
C SER C 317 6.39 8.40 -19.83
N LEU C 318 6.21 9.66 -19.44
CA LEU C 318 4.89 10.11 -19.01
C LEU C 318 4.55 11.46 -19.64
N ARG C 319 4.28 11.43 -20.94
CA ARG C 319 4.11 12.66 -21.72
C ARG C 319 2.67 13.10 -21.86
N LEU C 320 2.35 14.19 -21.18
CA LEU C 320 1.04 14.83 -21.29
C LEU C 320 0.93 15.66 -22.53
N ALA C 321 -0.30 15.78 -23.04
CA ALA C 321 -0.55 16.57 -24.22
C ALA C 321 -1.18 17.88 -23.77
N THR C 322 -0.78 18.98 -24.39
CA THR C 322 -1.34 20.28 -24.05
C THR C 322 -1.85 20.98 -25.30
N GLY C 323 -1.59 20.36 -26.44
CA GLY C 323 -1.96 20.90 -27.73
C GLY C 323 -2.83 19.93 -28.48
N LEU C 324 -3.48 20.42 -29.51
CA LEU C 324 -4.37 19.62 -30.34
C LEU C 324 -3.62 18.68 -31.25
N ARG C 325 -4.35 17.78 -31.89
CA ARG C 325 -3.76 16.83 -32.80
C ARG C 325 -3.12 17.66 -33.90
N ASN C 326 -1.95 17.21 -34.35
CA ASN C 326 -1.17 17.92 -35.35
C ASN C 326 -1.45 17.33 -36.72
N VAL C 327 -2.30 18.02 -37.49
CA VAL C 327 -2.61 17.61 -38.84
C VAL C 327 -2.29 18.73 -39.82
N PRO C 328 -0.99 18.93 -40.12
CA PRO C 328 -0.56 19.99 -41.03
C PRO C 328 -0.80 19.65 -42.50
N GLN C 329 -0.76 20.66 -43.35
CA GLN C 329 -0.99 20.47 -44.78
C GLN C 329 0.18 19.72 -45.42
N ILE C 330 -0.14 18.74 -46.26
CA ILE C 330 0.88 17.93 -46.91
C ILE C 330 1.38 18.50 -48.23
N ALA C 331 2.61 19.00 -48.23
CA ALA C 331 3.22 19.56 -49.43
C ALA C 331 3.71 18.44 -50.34
N GLY D 1 -12.50 13.00 -34.74
CA GLY D 1 -12.61 13.92 -33.64
C GLY D 1 -13.53 13.08 -32.86
N ILE D 2 -13.95 13.49 -31.65
CA ILE D 2 -15.20 12.98 -31.03
C ILE D 2 -16.36 13.98 -31.20
N PHE D 3 -16.07 15.27 -31.04
CA PHE D 3 -16.91 16.36 -31.52
C PHE D 3 -16.92 16.43 -33.05
N GLY D 4 -15.90 15.88 -33.69
CA GLY D 4 -15.92 15.73 -35.13
C GLY D 4 -15.35 16.86 -35.96
N ALA D 5 -15.07 17.99 -35.33
CA ALA D 5 -14.40 19.09 -36.01
C ALA D 5 -12.94 18.80 -36.40
N ILE D 6 -12.12 18.38 -35.46
CA ILE D 6 -10.69 18.20 -35.70
C ILE D 6 -10.40 16.80 -36.25
N ALA D 7 -9.68 16.75 -37.37
CA ALA D 7 -9.38 15.50 -38.06
C ALA D 7 -10.71 14.85 -38.42
N GLY D 8 -11.71 15.70 -38.65
CA GLY D 8 -13.05 15.25 -38.98
C GLY D 8 -13.67 15.99 -40.14
N PHE D 9 -14.76 16.69 -39.90
CA PHE D 9 -15.35 17.51 -40.94
C PHE D 9 -14.48 18.74 -41.27
N ILE D 10 -13.59 19.14 -40.38
CA ILE D 10 -12.56 20.13 -40.72
C ILE D 10 -11.24 19.38 -40.89
N GLU D 11 -10.99 18.94 -42.11
CA GLU D 11 -9.97 17.93 -42.43
C GLU D 11 -8.55 18.22 -41.93
N GLY D 12 -8.21 19.48 -41.75
CA GLY D 12 -6.84 19.80 -41.36
C GLY D 12 -6.57 21.07 -40.57
N GLY D 13 -5.29 21.26 -40.24
CA GLY D 13 -4.87 22.39 -39.44
C GLY D 13 -4.12 23.43 -40.26
N TRP D 14 -3.87 24.57 -39.63
CA TRP D 14 -3.30 25.70 -40.33
C TRP D 14 -1.93 26.01 -39.79
N THR D 15 -0.90 25.50 -40.46
CA THR D 15 0.46 25.86 -40.16
C THR D 15 0.60 27.38 -40.27
N GLY D 16 -0.20 27.98 -41.14
CA GLY D 16 -0.20 29.43 -41.34
C GLY D 16 -0.74 30.24 -40.18
N MET D 17 -1.54 29.62 -39.33
CA MET D 17 -2.06 30.28 -38.13
C MET D 17 -1.16 30.05 -36.93
N ILE D 18 -0.35 31.03 -36.58
CA ILE D 18 0.64 30.81 -35.53
C ILE D 18 0.47 31.63 -34.25
N ASP D 19 -0.67 32.26 -34.06
CA ASP D 19 -0.86 33.06 -32.85
C ASP D 19 -1.97 32.53 -31.96
N GLY D 20 -2.39 31.29 -32.18
CA GLY D 20 -3.40 30.69 -31.33
C GLY D 20 -3.63 29.24 -31.69
N TRP D 21 -4.35 28.53 -30.83
CA TRP D 21 -4.82 27.19 -31.15
C TRP D 21 -6.02 27.11 -32.11
N TYR D 22 -7.01 28.01 -31.94
CA TYR D 22 -8.25 27.97 -32.71
C TYR D 22 -8.49 29.32 -33.36
N GLY D 23 -8.98 29.31 -34.60
CA GLY D 23 -9.00 30.52 -35.39
C GLY D 23 -9.90 30.64 -36.60
N TYR D 24 -9.83 31.81 -37.24
CA TYR D 24 -10.52 32.04 -38.49
C TYR D 24 -9.53 32.27 -39.62
N HIS D 25 -9.86 31.71 -40.79
CA HIS D 25 -9.25 32.10 -42.05
C HIS D 25 -10.26 32.82 -42.92
N HIS D 26 -9.88 33.97 -43.45
CA HIS D 26 -10.80 34.70 -44.29
C HIS D 26 -10.21 34.99 -45.66
N GLU D 27 -11.08 35.14 -46.65
CA GLU D 27 -10.72 35.72 -47.95
C GLU D 27 -11.81 36.67 -48.46
N ASN D 28 -11.40 37.88 -48.82
CA ASN D 28 -12.29 38.90 -49.36
C ASN D 28 -11.49 39.84 -50.26
N SER D 29 -12.18 40.61 -51.08
CA SER D 29 -11.55 41.44 -52.12
C SER D 29 -10.35 42.28 -51.61
N GLN D 30 -10.28 42.49 -50.30
CA GLN D 30 -9.24 43.31 -49.66
C GLN D 30 -8.04 42.48 -49.23
N GLY D 31 -8.19 41.16 -49.22
CA GLY D 31 -7.11 40.26 -48.85
C GLY D 31 -7.55 38.97 -48.15
N SER D 32 -6.57 38.17 -47.75
CA SER D 32 -6.87 36.93 -47.03
C SER D 32 -5.83 36.65 -45.97
N GLY D 33 -6.18 35.80 -45.01
CA GLY D 33 -5.26 35.48 -43.96
C GLY D 33 -5.74 34.49 -42.92
N TYR D 34 -4.98 34.38 -41.84
CA TYR D 34 -5.31 33.48 -40.76
C TYR D 34 -5.27 34.17 -39.41
N ALA D 35 -6.42 34.29 -38.75
CA ALA D 35 -6.50 35.06 -37.51
C ALA D 35 -7.04 34.22 -36.36
N ALA D 36 -6.19 33.96 -35.36
CA ALA D 36 -6.55 33.19 -34.16
C ALA D 36 -7.56 33.89 -33.27
N ASP D 37 -8.46 33.11 -32.69
CA ASP D 37 -9.43 33.65 -31.74
C ASP D 37 -8.83 33.70 -30.35
N ARG D 38 -8.47 34.90 -29.92
CA ARG D 38 -7.73 35.10 -28.68
C ARG D 38 -8.47 34.61 -27.42
N GLU D 39 -9.76 34.88 -27.33
CA GLU D 39 -10.50 34.53 -26.12
C GLU D 39 -10.62 33.03 -25.92
N SER D 40 -10.86 32.27 -26.99
CA SER D 40 -11.06 30.85 -26.83
C SER D 40 -9.74 30.11 -26.81
N THR D 41 -8.67 30.82 -27.16
CA THR D 41 -7.34 30.25 -27.09
C THR D 41 -6.77 30.53 -25.71
N GLN D 42 -7.03 31.72 -25.20
CA GLN D 42 -6.61 32.07 -23.85
C GLN D 42 -7.27 31.14 -22.87
N LYS D 43 -8.61 31.10 -22.87
CA LYS D 43 -9.36 30.27 -21.92
C LYS D 43 -8.97 28.79 -21.95
N ALA D 44 -8.43 28.33 -23.07
CA ALA D 44 -7.98 26.95 -23.16
C ALA D 44 -6.60 26.79 -22.62
N ILE D 45 -5.79 27.84 -22.76
CA ILE D 45 -4.45 27.86 -22.20
C ILE D 45 -4.47 27.91 -20.66
N ASP D 46 -5.26 28.82 -20.09
CA ASP D 46 -5.45 28.84 -18.65
C ASP D 46 -5.92 27.50 -18.11
N GLY D 47 -6.76 26.82 -18.87
CA GLY D 47 -7.35 25.58 -18.43
C GLY D 47 -6.43 24.39 -18.54
N ILE D 48 -5.70 24.29 -19.63
CA ILE D 48 -4.82 23.15 -19.82
C ILE D 48 -3.64 23.29 -18.86
N THR D 49 -3.14 24.51 -18.74
CA THR D 49 -2.12 24.83 -17.75
C THR D 49 -2.56 24.37 -16.34
N ASN D 50 -3.74 24.77 -15.90
CA ASN D 50 -4.25 24.39 -14.60
C ASN D 50 -4.31 22.87 -14.46
N LYS D 51 -4.69 22.18 -15.52
CA LYS D 51 -4.69 20.72 -15.51
C LYS D 51 -3.30 20.17 -15.25
N VAL D 52 -2.32 20.67 -16.01
CA VAL D 52 -0.92 20.30 -15.83
C VAL D 52 -0.47 20.59 -14.39
N ASN D 53 -0.79 21.77 -13.88
CA ASN D 53 -0.42 22.15 -12.53
C ASN D 53 -1.13 21.33 -11.47
N SER D 54 -2.40 21.03 -11.72
CA SER D 54 -3.16 20.22 -10.79
C SER D 54 -2.53 18.85 -10.65
N ILE D 55 -2.18 18.23 -11.77
CA ILE D 55 -1.60 16.89 -11.74
C ILE D 55 -0.21 16.91 -11.10
N ILE D 56 0.62 17.87 -11.48
CA ILE D 56 1.90 18.09 -10.84
C ILE D 56 1.75 18.17 -9.32
N ASN D 57 0.88 19.04 -8.83
CA ASN D 57 0.68 19.16 -7.39
C ASN D 57 0.21 17.88 -6.72
N LYS D 58 -0.75 17.18 -7.32
CA LYS D 58 -1.27 15.97 -6.70
C LYS D 58 -0.21 14.90 -6.65
N MET D 59 0.66 14.91 -7.65
CA MET D 59 1.71 13.92 -7.79
C MET D 59 3.02 14.24 -7.01
N ASN D 60 3.01 15.23 -6.13
CA ASN D 60 4.24 15.61 -5.45
C ASN D 60 4.33 14.96 -4.08
N THR D 61 4.06 13.67 -4.07
CA THR D 61 4.14 12.89 -2.84
C THR D 61 4.94 11.62 -3.11
N GLN D 62 6.12 11.52 -2.50
CA GLN D 62 6.99 10.40 -2.79
C GLN D 62 6.89 9.29 -1.75
N PHE D 63 7.06 8.06 -2.20
CA PHE D 63 7.20 6.92 -1.31
C PHE D 63 8.68 6.65 -1.15
N GLU D 64 9.15 6.60 0.09
CA GLU D 64 10.58 6.48 0.31
C GLU D 64 10.92 5.04 0.69
N ALA D 65 11.58 4.35 -0.23
CA ALA D 65 12.10 3.01 0.01
C ALA D 65 13.33 3.13 0.90
N VAL D 66 13.70 2.05 1.58
CA VAL D 66 14.83 2.12 2.51
C VAL D 66 15.91 1.07 2.32
N ASP D 67 17.11 1.46 2.75
CA ASP D 67 18.33 0.67 2.64
C ASP D 67 18.51 -0.46 3.67
N HIS D 68 17.53 -0.64 4.55
CA HIS D 68 17.65 -1.57 5.66
C HIS D 68 18.07 -2.98 5.29
N GLU D 69 18.89 -3.56 6.15
CA GLU D 69 19.38 -4.92 6.02
C GLU D 69 18.56 -5.91 6.84
N PHE D 70 18.74 -7.19 6.58
CA PHE D 70 17.98 -8.22 7.26
C PHE D 70 18.79 -9.48 7.47
N SER D 71 18.68 -10.08 8.63
CA SER D 71 19.54 -11.20 8.94
C SER D 71 19.04 -12.47 8.28
N ASN D 72 19.68 -13.59 8.58
CA ASN D 72 19.28 -14.89 8.04
C ASN D 72 18.06 -15.43 8.77
N LEU D 73 17.66 -14.76 9.84
CA LEU D 73 16.43 -15.07 10.55
C LEU D 73 15.32 -14.04 10.34
N GLU D 74 15.49 -13.19 9.33
CA GLU D 74 14.57 -12.09 9.09
C GLU D 74 14.10 -12.08 7.65
N ARG D 75 14.01 -13.27 7.08
CA ARG D 75 13.52 -13.43 5.73
C ARG D 75 12.09 -12.93 5.60
N ARG D 76 11.23 -13.32 6.53
CA ARG D 76 9.83 -12.89 6.49
C ARG D 76 9.61 -11.37 6.60
N ILE D 77 10.32 -10.68 7.47
CA ILE D 77 10.09 -9.23 7.55
C ILE D 77 10.80 -8.52 6.42
N GLY D 78 11.72 -9.22 5.77
CA GLY D 78 12.49 -8.61 4.70
C GLY D 78 11.68 -8.64 3.42
N ASN D 79 11.09 -9.80 3.15
CA ASN D 79 10.16 -9.96 2.05
C ASN D 79 8.89 -9.12 2.25
N LEU D 80 8.50 -8.93 3.50
CA LEU D 80 7.36 -8.05 3.80
C LEU D 80 7.70 -6.61 3.39
N ASN D 81 8.96 -6.24 3.52
CA ASN D 81 9.38 -4.91 3.14
C ASN D 81 9.44 -4.77 1.62
N LYS D 82 9.81 -5.84 0.94
CA LYS D 82 9.99 -5.82 -0.51
C LYS D 82 8.63 -5.73 -1.19
N ARG D 83 7.67 -6.51 -0.71
CA ARG D 83 6.35 -6.49 -1.30
C ARG D 83 5.65 -5.15 -1.04
N MET D 84 5.84 -4.60 0.15
CA MET D 84 5.37 -3.27 0.49
C MET D 84 5.87 -2.25 -0.53
N GLU D 85 7.18 -2.22 -0.77
CA GLU D 85 7.78 -1.19 -1.59
C GLU D 85 7.48 -1.39 -3.07
N ASP D 86 7.34 -2.64 -3.51
CA ASP D 86 6.94 -2.92 -4.87
C ASP D 86 5.46 -2.64 -5.07
N GLY D 87 4.68 -2.85 -4.02
CA GLY D 87 3.25 -2.57 -4.03
C GLY D 87 2.93 -1.10 -4.26
N PHE D 88 3.51 -0.22 -3.47
CA PHE D 88 3.32 1.21 -3.66
C PHE D 88 3.95 1.65 -4.98
N LEU D 89 4.88 0.86 -5.48
CA LEU D 89 5.50 1.21 -6.74
C LEU D 89 4.52 0.92 -7.88
N ASP D 90 3.95 -0.27 -7.86
CA ASP D 90 2.98 -0.65 -8.86
C ASP D 90 1.74 0.26 -8.80
N VAL D 91 1.38 0.71 -7.60
CA VAL D 91 0.20 1.53 -7.44
C VAL D 91 0.43 2.93 -7.99
N TRP D 92 1.64 3.45 -7.89
CA TRP D 92 1.89 4.80 -8.41
C TRP D 92 2.27 4.82 -9.88
N THR D 93 2.88 3.74 -10.35
CA THR D 93 3.17 3.58 -11.77
C THR D 93 1.84 3.49 -12.53
N TYR D 94 0.92 2.68 -12.03
CA TYR D 94 -0.45 2.67 -12.55
C TYR D 94 -1.06 4.07 -12.51
N ASN D 95 -1.21 4.62 -11.31
CA ASN D 95 -1.80 5.94 -11.14
C ASN D 95 -1.32 7.03 -12.11
N ALA D 96 -0.14 6.89 -12.69
CA ALA D 96 0.41 7.91 -13.59
C ALA D 96 0.27 7.51 -15.03
N GLU D 97 0.60 6.26 -15.33
CA GLU D 97 0.46 5.76 -16.67
C GLU D 97 -1.00 5.84 -17.13
N LEU D 98 -1.92 5.41 -16.28
CA LEU D 98 -3.34 5.49 -16.57
C LEU D 98 -3.88 6.92 -16.63
N LEU D 99 -3.52 7.76 -15.67
CA LEU D 99 -3.98 9.14 -15.70
C LEU D 99 -3.56 9.88 -16.96
N VAL D 100 -2.38 9.57 -17.48
CA VAL D 100 -1.86 10.22 -18.67
C VAL D 100 -2.58 9.74 -19.94
N LEU D 101 -2.92 8.46 -19.98
CA LEU D 101 -3.68 7.93 -21.10
C LEU D 101 -5.08 8.52 -21.07
N LEU D 102 -5.62 8.75 -19.89
CA LEU D 102 -6.96 9.28 -19.76
C LEU D 102 -6.99 10.76 -20.06
N GLU D 103 -6.14 11.52 -19.40
CA GLU D 103 -6.18 12.98 -19.51
C GLU D 103 -5.83 13.50 -20.90
N ASN D 104 -5.06 12.71 -21.64
CA ASN D 104 -4.74 13.07 -23.01
C ASN D 104 -5.98 12.95 -23.90
N GLU D 105 -6.68 11.83 -23.79
CA GLU D 105 -7.95 11.66 -24.44
C GLU D 105 -8.87 12.83 -24.19
N ARG D 106 -9.04 13.22 -22.94
CA ARG D 106 -10.00 14.25 -22.61
C ARG D 106 -9.50 15.62 -23.01
N THR D 107 -8.20 15.73 -23.22
CA THR D 107 -7.60 17.00 -23.62
C THR D 107 -7.80 17.20 -25.12
N LEU D 108 -7.59 16.13 -25.90
CA LEU D 108 -7.84 16.18 -27.33
C LEU D 108 -9.32 16.49 -27.58
N ASP D 109 -10.20 15.92 -26.77
CA ASP D 109 -11.64 16.20 -26.86
C ASP D 109 -11.93 17.66 -26.58
N LEU D 110 -11.26 18.23 -25.58
CA LEU D 110 -11.45 19.62 -25.20
C LEU D 110 -11.15 20.59 -26.32
N HIS D 111 -10.08 20.33 -27.06
CA HIS D 111 -9.75 21.14 -28.22
C HIS D 111 -10.78 20.99 -29.33
N ASP D 112 -11.13 19.74 -29.62
CA ASP D 112 -12.10 19.39 -30.65
C ASP D 112 -13.43 20.09 -30.40
N ALA D 113 -13.74 20.34 -29.14
CA ALA D 113 -14.99 20.98 -28.75
C ALA D 113 -14.91 22.49 -28.86
N ASN D 114 -13.71 23.05 -28.77
CA ASN D 114 -13.54 24.50 -28.86
C ASN D 114 -13.48 24.95 -30.31
N VAL D 115 -13.01 24.07 -31.18
CA VAL D 115 -13.12 24.29 -32.62
C VAL D 115 -14.58 24.23 -33.05
N LYS D 116 -15.24 23.14 -32.65
CA LYS D 116 -16.65 22.91 -32.92
C LYS D 116 -17.54 24.06 -32.48
N ASN D 117 -17.34 24.57 -31.28
CA ASN D 117 -18.17 25.67 -30.80
C ASN D 117 -17.89 26.99 -31.53
N LEU D 118 -16.67 27.15 -32.04
CA LEU D 118 -16.34 28.35 -32.78
C LEU D 118 -17.03 28.28 -34.12
N TYR D 119 -17.09 27.07 -34.67
CA TYR D 119 -17.75 26.82 -35.94
C TYR D 119 -19.25 27.05 -35.84
N GLU D 120 -19.84 26.75 -34.69
CA GLU D 120 -21.27 26.95 -34.55
C GLU D 120 -21.63 28.36 -34.18
N LYS D 121 -20.68 29.09 -33.64
CA LYS D 121 -20.93 30.43 -33.16
C LYS D 121 -20.99 31.36 -34.37
N VAL D 122 -20.38 30.93 -35.47
CA VAL D 122 -20.45 31.66 -36.72
C VAL D 122 -21.65 31.22 -37.55
N LYS D 123 -21.85 29.91 -37.69
CA LYS D 123 -22.97 29.39 -38.47
C LYS D 123 -24.34 29.87 -38.00
N SER D 124 -24.52 30.15 -36.71
CA SER D 124 -25.80 30.66 -36.25
C SER D 124 -25.90 32.17 -36.48
N GLN D 125 -24.83 32.78 -36.95
CA GLN D 125 -24.82 34.22 -37.24
C GLN D 125 -25.09 34.51 -38.71
N LEU D 126 -24.55 33.67 -39.60
CA LEU D 126 -24.68 33.90 -41.03
C LEU D 126 -26.02 33.43 -41.61
N ARG D 127 -26.61 32.40 -41.00
CA ARG D 127 -27.85 31.82 -41.52
C ARG D 127 -27.80 31.58 -43.03
N ASP D 128 -28.75 32.14 -43.77
CA ASP D 128 -28.80 31.90 -45.22
C ASP D 128 -28.11 33.02 -46.02
N ASN D 129 -27.53 34.00 -45.33
CA ASN D 129 -26.64 35.00 -45.93
C ASN D 129 -25.33 34.41 -46.45
N ALA D 130 -24.97 33.23 -45.97
CA ALA D 130 -23.76 32.54 -46.40
C ALA D 130 -24.06 31.11 -46.81
N ASN D 131 -23.23 30.57 -47.70
CA ASN D 131 -23.38 29.21 -48.18
C ASN D 131 -22.33 28.30 -47.53
N ASP D 132 -22.75 27.16 -47.01
CA ASP D 132 -21.80 26.29 -46.33
C ASP D 132 -21.08 25.36 -47.29
N LEU D 133 -19.78 25.61 -47.47
CA LEU D 133 -18.91 24.76 -48.27
C LEU D 133 -18.40 23.67 -47.34
N GLY D 134 -17.41 22.88 -47.77
CA GLY D 134 -16.86 21.87 -46.89
C GLY D 134 -15.86 22.43 -45.88
N ASN D 135 -15.29 21.54 -45.07
CA ASN D 135 -14.25 21.88 -44.09
C ASN D 135 -14.47 23.12 -43.21
N GLY D 136 -15.67 23.25 -42.64
CA GLY D 136 -16.00 24.36 -41.78
C GLY D 136 -15.68 25.71 -42.39
N CYS D 137 -15.96 25.81 -43.68
CA CYS D 137 -15.64 27.02 -44.41
C CYS D 137 -16.96 27.59 -44.97
N PHE D 138 -17.15 28.92 -44.98
CA PHE D 138 -18.42 29.52 -45.46
C PHE D 138 -18.25 30.56 -46.58
N GLU D 139 -19.05 30.45 -47.64
CA GLU D 139 -19.01 31.46 -48.69
C GLU D 139 -20.21 32.39 -48.60
N PHE D 140 -19.94 33.67 -48.36
CA PHE D 140 -21.00 34.68 -48.24
C PHE D 140 -21.78 34.87 -49.53
N TRP D 141 -23.06 35.19 -49.41
CA TRP D 141 -23.89 35.53 -50.55
C TRP D 141 -23.80 37.01 -50.85
N HIS D 142 -23.06 37.72 -50.00
CA HIS D 142 -22.87 39.14 -50.17
C HIS D 142 -21.38 39.46 -50.13
N LYS D 143 -21.04 40.74 -50.24
CA LYS D 143 -19.67 41.17 -50.10
C LYS D 143 -19.37 41.36 -48.62
N CYS D 144 -18.32 40.73 -48.11
CA CYS D 144 -18.00 40.96 -46.72
C CYS D 144 -16.74 41.77 -46.54
N ASP D 145 -16.95 42.96 -46.02
CA ASP D 145 -15.91 43.90 -45.68
C ASP D 145 -14.92 43.27 -44.71
N ASN D 146 -13.81 43.96 -44.46
CA ASN D 146 -12.94 43.54 -43.38
C ASN D 146 -13.67 43.75 -42.07
N GLU D 147 -14.41 44.86 -42.00
CA GLU D 147 -15.17 45.21 -40.83
C GLU D 147 -16.41 44.32 -40.71
N CYS D 148 -16.65 43.55 -41.77
CA CYS D 148 -17.65 42.49 -41.78
C CYS D 148 -17.04 41.25 -41.17
N MET D 149 -15.88 40.87 -41.70
CA MET D 149 -15.13 39.73 -41.19
C MET D 149 -14.92 39.92 -39.68
N GLU D 150 -14.69 41.17 -39.29
CA GLU D 150 -14.41 41.52 -37.89
C GLU D 150 -15.63 41.31 -37.00
N SER D 151 -16.81 41.61 -37.54
CA SER D 151 -18.04 41.50 -36.76
C SER D 151 -18.45 40.03 -36.62
N VAL D 152 -18.18 39.22 -37.63
CA VAL D 152 -18.42 37.78 -37.52
C VAL D 152 -17.60 37.18 -36.40
N LYS D 153 -16.34 37.59 -36.33
CA LYS D 153 -15.42 37.12 -35.30
C LYS D 153 -15.85 37.55 -33.90
N ASN D 154 -15.99 38.87 -33.69
CA ASN D 154 -16.30 39.37 -32.36
C ASN D 154 -17.79 39.33 -32.04
N GLY D 155 -18.55 38.57 -32.82
CA GLY D 155 -19.95 38.31 -32.54
C GLY D 155 -20.97 39.42 -32.76
N THR D 156 -20.63 40.44 -33.55
CA THR D 156 -21.56 41.54 -33.81
C THR D 156 -21.98 41.63 -35.28
N TYR D 157 -22.15 40.47 -35.89
CA TYR D 157 -22.55 40.36 -37.28
C TYR D 157 -23.94 40.92 -37.49
N ASP D 158 -24.13 41.66 -38.57
CA ASP D 158 -25.41 42.30 -38.87
C ASP D 158 -26.15 41.57 -39.98
N TYR D 159 -26.92 40.55 -39.61
CA TYR D 159 -27.68 39.79 -40.59
C TYR D 159 -28.70 40.58 -41.41
N PRO D 160 -29.55 41.41 -40.76
CA PRO D 160 -30.51 42.16 -41.56
C PRO D 160 -29.85 43.00 -42.64
N LYS D 161 -28.75 43.64 -42.25
CA LYS D 161 -28.00 44.54 -43.10
C LYS D 161 -27.71 43.98 -44.48
N TYR D 162 -27.46 42.67 -44.56
CA TYR D 162 -27.05 42.05 -45.82
C TYR D 162 -28.10 41.06 -46.34
N GLN D 163 -29.30 41.10 -45.77
CA GLN D 163 -30.37 40.16 -46.11
C GLN D 163 -30.84 40.31 -47.57
N LYS D 164 -31.14 41.52 -48.00
CA LYS D 164 -31.65 41.73 -49.37
C LYS D 164 -30.54 41.60 -50.41
N GLU D 165 -29.31 41.92 -50.03
CA GLU D 165 -28.17 41.77 -50.94
C GLU D 165 -27.94 40.29 -51.21
N SER D 166 -28.15 39.48 -50.19
CA SER D 166 -27.92 38.05 -50.27
C SER D 166 -28.97 37.35 -51.12
N LYS D 167 -30.24 37.58 -50.79
CA LYS D 167 -31.37 36.98 -51.50
C LYS D 167 -31.31 37.17 -53.01
N LEU D 168 -31.01 38.39 -53.43
CA LEU D 168 -30.91 38.73 -54.84
C LEU D 168 -29.82 37.92 -55.52
N ASN D 169 -28.72 37.73 -54.78
CA ASN D 169 -27.57 36.99 -55.26
C ASN D 169 -27.74 35.47 -55.14
N ARG D 170 -28.33 35.03 -54.04
CA ARG D 170 -28.39 33.60 -53.71
C ARG D 170 -29.14 32.75 -54.73
N GLN D 171 -30.26 33.23 -55.24
CA GLN D 171 -30.99 32.47 -56.25
C GLN D 171 -30.98 33.09 -57.64
N GLY D 172 -30.13 34.09 -57.84
CA GLY D 172 -29.92 34.65 -59.16
C GLY D 172 -29.41 33.56 -60.09
N ILE D 173 -28.55 32.70 -59.54
CA ILE D 173 -28.03 31.55 -60.26
C ILE D 173 -29.13 30.58 -60.70
N PRO E 3 -39.63 42.66 -31.69
CA PRO E 3 -41.06 42.81 -31.47
C PRO E 3 -41.76 41.46 -31.30
N GLY E 4 -41.19 40.42 -31.88
CA GLY E 4 -41.78 39.11 -31.86
C GLY E 4 -41.72 38.44 -30.51
N ASP E 5 -42.68 37.57 -30.25
CA ASP E 5 -42.67 36.74 -29.07
C ASP E 5 -41.40 35.90 -29.03
N LYS E 6 -40.87 35.61 -27.83
CA LYS E 6 -39.61 34.86 -27.72
C LYS E 6 -39.70 33.77 -26.67
N ILE E 7 -39.18 32.58 -26.97
CA ILE E 7 -38.88 31.61 -25.92
C ILE E 7 -37.37 31.39 -25.92
N CYS E 8 -36.76 31.43 -24.74
CA CYS E 8 -35.32 31.27 -24.60
C CYS E 8 -35.03 29.96 -23.89
N ILE E 9 -33.81 29.45 -24.07
CA ILE E 9 -33.35 28.34 -23.25
C ILE E 9 -32.21 28.84 -22.40
N GLY E 10 -32.22 28.43 -21.13
CA GLY E 10 -31.20 28.83 -20.18
C GLY E 10 -31.14 27.91 -18.99
N TYR E 11 -30.48 28.38 -17.93
CA TYR E 11 -30.22 27.52 -16.79
C TYR E 11 -30.30 28.25 -15.45
N HIS E 12 -30.37 27.48 -14.37
CA HIS E 12 -30.55 28.02 -13.02
C HIS E 12 -29.41 28.89 -12.52
N ALA E 13 -29.75 29.85 -11.66
CA ALA E 13 -28.77 30.61 -10.91
C ALA E 13 -29.26 30.80 -9.48
N ASN E 14 -28.38 31.18 -8.57
CA ASN E 14 -28.74 31.40 -7.17
C ASN E 14 -27.73 32.25 -6.41
N ASN E 15 -28.06 32.62 -5.18
CA ASN E 15 -27.22 33.52 -4.38
C ASN E 15 -25.94 32.87 -3.84
N SER E 16 -25.53 31.75 -4.43
CA SER E 16 -24.39 30.97 -3.93
C SER E 16 -23.06 31.65 -4.15
N THR E 17 -22.16 31.36 -3.21
CA THR E 17 -20.79 31.84 -3.20
C THR E 17 -19.84 30.66 -2.91
N THR E 18 -20.43 29.47 -2.71
CA THR E 18 -19.67 28.25 -2.45
C THR E 18 -18.88 27.84 -3.69
N GLN E 19 -17.59 27.53 -3.53
CA GLN E 19 -16.75 27.25 -4.68
C GLN E 19 -16.17 25.84 -4.71
N VAL E 20 -15.77 25.43 -5.91
CA VAL E 20 -15.09 24.16 -6.11
C VAL E 20 -13.90 24.33 -7.03
N ASP E 21 -13.09 23.28 -7.12
CA ASP E 21 -11.96 23.25 -8.03
C ASP E 21 -12.21 22.13 -9.02
N THR E 22 -11.71 22.31 -10.23
CA THR E 22 -11.72 21.26 -11.25
C THR E 22 -10.31 21.19 -11.80
N LEU E 23 -10.00 20.13 -12.53
CA LEU E 23 -8.70 20.05 -13.16
C LEU E 23 -8.44 21.30 -14.00
N LEU E 24 -9.47 21.83 -14.70
CA LEU E 24 -9.30 22.98 -15.61
C LEU E 24 -9.48 24.36 -15.01
N GLU E 25 -10.08 24.46 -13.83
CA GLU E 25 -10.30 25.78 -13.25
C GLU E 25 -10.46 25.75 -11.72
N LYS E 26 -9.93 26.77 -11.07
CA LYS E 26 -10.05 26.89 -9.61
C LYS E 26 -11.09 27.92 -9.21
N ASN E 27 -11.65 27.76 -8.02
CA ASN E 27 -12.55 28.72 -7.42
C ASN E 27 -13.76 28.95 -8.29
N VAL E 28 -14.29 27.87 -8.87
CA VAL E 28 -15.51 27.97 -9.67
C VAL E 28 -16.76 27.90 -8.79
N THR E 29 -17.41 29.04 -8.59
CA THR E 29 -18.68 29.09 -7.88
C THR E 29 -19.72 28.20 -8.56
N VAL E 30 -20.52 27.51 -7.75
CA VAL E 30 -21.42 26.49 -8.25
C VAL E 30 -22.72 26.57 -7.46
N THR E 31 -23.85 26.27 -8.08
CA THR E 31 -25.18 26.47 -7.49
C THR E 31 -25.50 25.46 -6.37
N HIS E 32 -24.98 24.24 -6.48
CA HIS E 32 -25.26 23.22 -5.49
C HIS E 32 -24.07 22.29 -5.36
N SER E 33 -23.50 22.24 -4.16
CA SER E 33 -22.42 21.31 -3.91
C SER E 33 -22.55 20.49 -2.62
N VAL E 34 -21.79 19.41 -2.56
CA VAL E 34 -21.74 18.56 -1.39
C VAL E 34 -20.32 18.52 -0.87
N GLU E 35 -20.15 18.72 0.43
CA GLU E 35 -18.84 18.62 1.05
C GLU E 35 -18.73 17.22 1.62
N LEU E 36 -17.70 16.50 1.17
CA LEU E 36 -17.51 15.11 1.54
C LEU E 36 -16.57 14.88 2.71
N LEU E 37 -15.97 15.96 3.22
CA LEU E 37 -14.94 15.79 4.25
C LEU E 37 -15.28 16.53 5.53
N GLU E 38 -15.05 15.82 6.62
CA GLU E 38 -15.40 16.27 7.96
C GLU E 38 -14.19 16.75 8.72
N ASN E 39 -14.24 17.96 9.24
CA ASN E 39 -13.07 18.53 9.88
C ASN E 39 -13.35 19.04 11.29
N GLN E 40 -14.45 18.59 11.88
CA GLN E 40 -14.81 18.99 13.22
C GLN E 40 -14.90 17.76 14.13
N LYS E 41 -14.80 17.98 15.44
CA LYS E 41 -14.79 16.88 16.39
C LYS E 41 -15.21 17.37 17.77
N GLU E 42 -15.75 16.46 18.57
CA GLU E 42 -15.93 16.73 19.99
C GLU E 42 -14.67 16.31 20.74
N LYS E 43 -13.93 17.27 21.29
CA LYS E 43 -12.72 16.94 22.05
C LYS E 43 -12.98 16.25 23.39
N ARG E 44 -13.22 14.94 23.33
CA ARG E 44 -13.55 14.16 24.51
C ARG E 44 -13.68 12.70 24.14
N PHE E 45 -13.72 11.85 25.15
CA PHE E 45 -13.90 10.41 24.93
C PHE E 45 -15.30 9.99 25.35
N CYS E 46 -15.99 9.25 24.49
CA CYS E 46 -17.35 8.81 24.76
C CYS E 46 -17.48 7.30 24.60
N LYS E 47 -18.60 6.77 25.02
CA LYS E 47 -18.79 5.32 24.94
C LYS E 47 -18.81 4.87 23.49
N ILE E 48 -18.50 3.60 23.25
CA ILE E 48 -18.65 3.01 21.93
C ILE E 48 -19.52 1.76 22.00
N MET E 49 -20.58 1.72 21.19
CA MET E 49 -21.52 0.61 21.23
C MET E 49 -22.15 0.50 22.60
N ASN E 50 -22.33 1.67 23.20
CA ASN E 50 -22.91 1.85 24.52
C ASN E 50 -22.05 1.17 25.61
N LYS E 51 -20.75 1.12 25.36
CA LYS E 51 -19.78 0.59 26.31
C LYS E 51 -18.73 1.63 26.66
N ALA E 52 -18.47 1.80 27.95
CA ALA E 52 -17.61 2.86 28.42
C ALA E 52 -16.13 2.50 28.22
N PRO E 53 -15.28 3.51 28.05
CA PRO E 53 -13.87 3.21 27.90
C PRO E 53 -13.24 3.02 29.28
N LEU E 54 -12.05 2.41 29.32
CA LEU E 54 -11.34 2.17 30.57
C LEU E 54 -10.32 3.27 30.83
N ASP E 55 -10.50 3.98 31.94
CA ASP E 55 -9.62 5.08 32.30
C ASP E 55 -8.59 4.52 33.27
N LEU E 56 -7.38 4.33 32.78
CA LEU E 56 -6.27 3.91 33.62
C LEU E 56 -5.86 5.02 34.59
N LYS E 57 -6.13 6.27 34.21
CA LYS E 57 -5.86 7.44 35.04
C LYS E 57 -4.38 7.58 35.35
N ASP E 58 -4.05 7.57 36.63
CA ASP E 58 -2.66 7.72 37.12
C ASP E 58 -1.80 6.49 36.86
N CYS E 59 -2.44 5.41 36.45
CA CYS E 59 -1.76 4.15 36.22
C CYS E 59 -1.43 3.90 34.73
N THR E 60 -0.24 3.42 34.42
CA THR E 60 0.07 2.97 33.06
C THR E 60 -0.46 1.54 32.86
N ILE E 61 -0.36 1.00 31.65
CA ILE E 61 -0.89 -0.34 31.42
C ILE E 61 -0.14 -1.34 32.29
N GLU E 62 1.18 -1.20 32.37
CA GLU E 62 1.99 -2.05 33.24
C GLU E 62 1.55 -1.95 34.70
N GLY E 63 1.36 -0.73 35.17
CA GLY E 63 0.88 -0.51 36.52
C GLY E 63 -0.44 -1.21 36.81
N TRP E 64 -1.34 -1.18 35.82
CA TRP E 64 -2.66 -1.78 35.97
C TRP E 64 -2.64 -3.32 36.04
N ILE E 65 -2.04 -4.03 35.08
CA ILE E 65 -2.18 -5.49 35.05
C ILE E 65 -1.17 -6.27 35.89
N LEU E 66 -0.12 -5.61 36.35
CA LEU E 66 0.84 -6.26 37.24
C LEU E 66 0.30 -6.22 38.66
N GLY E 67 -0.34 -5.11 39.01
CA GLY E 67 -1.01 -5.00 40.29
C GLY E 67 -0.33 -4.02 41.21
N ASN E 68 0.22 -2.96 40.63
CA ASN E 68 0.88 -1.93 41.41
C ASN E 68 -0.04 -1.52 42.54
N PRO E 69 0.48 -1.56 43.78
CA PRO E 69 -0.24 -1.16 44.98
C PRO E 69 -1.03 0.13 44.82
N LYS E 70 -0.51 1.08 44.06
CA LYS E 70 -1.22 2.36 43.89
C LYS E 70 -2.26 2.34 42.79
N CYS E 71 -2.41 1.20 42.13
CA CYS E 71 -3.39 1.01 41.07
C CYS E 71 -4.55 0.19 41.58
N ASP E 72 -4.87 0.36 42.85
CA ASP E 72 -5.84 -0.53 43.47
C ASP E 72 -7.24 -0.27 42.95
N LEU E 73 -7.57 0.98 42.63
CA LEU E 73 -8.91 1.26 42.15
C LEU E 73 -9.21 0.61 40.78
N LEU E 74 -8.18 0.13 40.09
CA LEU E 74 -8.36 -0.55 38.81
C LEU E 74 -8.45 -2.05 39.02
N LEU E 75 -8.26 -2.48 40.26
CA LEU E 75 -8.10 -3.91 40.53
C LEU E 75 -9.42 -4.63 40.41
N GLY E 76 -9.38 -5.85 39.90
CA GLY E 76 -10.57 -6.66 39.81
C GLY E 76 -10.95 -6.96 38.39
N ASP E 77 -12.25 -7.04 38.14
CA ASP E 77 -12.77 -7.30 36.80
C ASP E 77 -12.84 -5.99 36.04
N GLN E 78 -12.57 -6.05 34.74
CA GLN E 78 -12.81 -4.93 33.84
C GLN E 78 -13.34 -5.39 32.50
N SER E 79 -14.21 -4.57 31.93
CA SER E 79 -14.62 -4.72 30.54
C SER E 79 -14.55 -3.34 29.90
N TRP E 80 -14.12 -3.26 28.65
CA TRP E 80 -13.91 -1.98 28.01
C TRP E 80 -14.20 -2.00 26.51
N SER E 81 -14.52 -0.83 25.96
CA SER E 81 -14.70 -0.67 24.53
C SER E 81 -13.41 -0.17 23.91
N TYR E 82 -12.65 0.57 24.71
CA TYR E 82 -11.27 0.91 24.40
C TYR E 82 -10.56 1.36 25.67
N ILE E 83 -9.25 1.59 25.60
CA ILE E 83 -8.47 1.95 26.77
C ILE E 83 -7.91 3.37 26.63
N VAL E 84 -7.89 4.12 27.72
CA VAL E 84 -7.27 5.44 27.71
C VAL E 84 -6.18 5.53 28.76
N GLU E 85 -4.93 5.48 28.31
CA GLU E 85 -3.77 5.68 29.15
C GLU E 85 -3.30 7.13 29.10
N ARG E 86 -3.23 7.78 30.26
CA ARG E 86 -2.86 9.19 30.33
C ARG E 86 -1.35 9.30 30.14
N PRO E 87 -0.89 10.41 29.55
CA PRO E 87 0.52 10.56 29.19
C PRO E 87 1.48 10.69 30.38
N ASN E 88 1.01 11.31 31.45
CA ASN E 88 1.84 11.50 32.62
C ASN E 88 1.47 10.58 33.78
N ALA E 89 0.88 9.44 33.46
CA ALA E 89 0.58 8.45 34.46
C ALA E 89 1.89 7.97 35.08
N GLN E 90 1.99 8.07 36.41
CA GLN E 90 3.23 7.81 37.12
C GLN E 90 3.35 6.41 37.69
N ASN E 91 2.25 5.73 37.95
CA ASN E 91 2.35 4.42 38.56
C ASN E 91 2.42 3.26 37.58
N GLY E 92 3.63 2.75 37.37
CA GLY E 92 3.84 1.63 36.47
C GLY E 92 4.60 0.49 37.13
N ILE E 93 5.80 0.22 36.65
CA ILE E 93 6.65 -0.78 37.29
C ILE E 93 7.35 -0.11 38.45
N CYS E 94 6.95 -0.49 39.66
CA CYS E 94 7.43 0.16 40.88
C CYS E 94 8.77 -0.41 41.37
N TYR E 95 8.90 -1.72 41.33
CA TYR E 95 10.18 -2.34 41.55
C TYR E 95 10.90 -2.46 40.21
N PRO E 96 12.09 -1.85 40.13
CA PRO E 96 12.86 -1.66 38.91
C PRO E 96 13.14 -2.96 38.16
N GLY E 97 13.25 -2.86 36.84
CA GLY E 97 13.35 -4.06 36.03
C GLY E 97 12.62 -3.91 34.72
N VAL E 98 12.68 -4.96 33.91
CA VAL E 98 12.22 -4.96 32.52
C VAL E 98 11.07 -5.93 32.31
N LEU E 99 9.90 -5.43 31.93
CA LEU E 99 8.82 -6.31 31.50
C LEU E 99 9.14 -6.83 30.10
N ASN E 100 9.59 -8.07 30.02
CA ASN E 100 10.00 -8.67 28.75
C ASN E 100 8.84 -8.94 27.80
N GLU E 101 9.03 -8.56 26.54
CA GLU E 101 8.01 -8.53 25.50
C GLU E 101 6.88 -7.57 25.87
N LEU E 102 7.28 -6.37 26.28
CA LEU E 102 6.38 -5.30 26.67
C LEU E 102 5.44 -4.87 25.57
N GLU E 103 5.99 -4.70 24.37
CA GLU E 103 5.22 -4.16 23.26
C GLU E 103 4.18 -5.14 22.77
N GLU E 104 4.63 -6.37 22.59
CA GLU E 104 3.78 -7.48 22.25
C GLU E 104 2.63 -7.71 23.27
N LEU E 105 2.93 -7.54 24.57
CA LEU E 105 1.92 -7.62 25.63
C LEU E 105 0.92 -6.48 25.50
N LYS E 106 1.41 -5.28 25.17
CA LYS E 106 0.56 -4.12 25.02
C LYS E 106 -0.43 -4.41 23.88
N ALA E 107 0.05 -5.04 22.81
CA ALA E 107 -0.79 -5.37 21.65
C ALA E 107 -1.87 -6.38 21.98
N PHE E 108 -1.52 -7.43 22.72
CA PHE E 108 -2.47 -8.47 23.12
C PHE E 108 -3.52 -7.92 24.08
N ILE E 109 -3.09 -7.13 25.05
CA ILE E 109 -4.01 -6.51 25.99
C ILE E 109 -4.92 -5.61 25.18
N GLY E 110 -4.34 -4.98 24.16
CA GLY E 110 -4.97 -3.86 23.49
C GLY E 110 -6.31 -4.30 22.98
N SER E 111 -6.39 -5.52 22.47
CA SER E 111 -7.71 -6.12 22.30
C SER E 111 -7.73 -7.62 22.33
N GLY E 112 -8.63 -8.18 23.13
CA GLY E 112 -9.09 -7.65 24.42
C GLY E 112 -10.35 -6.80 24.52
N GLU E 113 -11.33 -7.29 25.27
CA GLU E 113 -12.50 -6.46 25.63
C GLU E 113 -12.90 -6.56 27.10
N ARG E 114 -12.49 -7.64 27.75
CA ARG E 114 -12.79 -7.85 29.16
C ARG E 114 -11.78 -8.82 29.80
N VAL E 115 -11.42 -8.55 31.06
CA VAL E 115 -10.62 -9.48 31.86
C VAL E 115 -11.29 -9.79 33.20
N GLU E 116 -11.31 -11.06 33.59
CA GLU E 116 -11.79 -11.44 34.92
C GLU E 116 -10.62 -11.93 35.77
N ARG E 117 -10.34 -11.21 36.84
CA ARG E 117 -9.21 -11.52 37.72
C ARG E 117 -9.50 -12.55 38.79
N PHE E 118 -8.63 -13.55 38.89
CA PHE E 118 -8.82 -14.67 39.81
C PHE E 118 -7.48 -15.17 40.38
N GLU E 119 -7.52 -15.81 41.54
CA GLU E 119 -6.31 -16.34 42.16
C GLU E 119 -5.89 -17.64 41.49
N MET E 120 -4.78 -17.61 40.76
CA MET E 120 -4.35 -18.75 39.96
C MET E 120 -3.60 -19.72 40.83
N PHE E 121 -2.60 -19.19 41.51
CA PHE E 121 -1.78 -19.94 42.47
C PHE E 121 -1.94 -19.35 43.85
N PRO E 122 -2.67 -20.05 44.74
CA PRO E 122 -2.77 -19.61 46.13
C PRO E 122 -1.43 -19.76 46.84
N LYS E 123 -1.20 -18.98 47.88
CA LYS E 123 0.06 -19.00 48.59
C LYS E 123 0.28 -20.34 49.30
N SER E 124 -0.79 -21.14 49.41
CA SER E 124 -0.71 -22.48 49.99
C SER E 124 0.27 -23.33 49.17
N THR E 125 0.29 -23.12 47.86
CA THR E 125 1.31 -23.71 46.98
C THR E 125 2.67 -23.29 47.52
N TRP E 126 3.76 -23.84 46.98
CA TRP E 126 5.11 -23.49 47.45
C TRP E 126 5.48 -23.91 48.89
N ALA E 127 5.38 -25.19 49.19
CA ALA E 127 5.58 -25.69 50.54
C ALA E 127 7.00 -25.40 51.10
N GLY E 128 7.02 -24.81 52.30
CA GLY E 128 8.26 -24.56 53.03
C GLY E 128 8.97 -23.24 52.85
N VAL E 129 8.31 -22.28 52.20
CA VAL E 129 8.85 -20.95 51.95
C VAL E 129 7.93 -19.90 52.51
N ASP E 130 8.48 -18.78 52.93
CA ASP E 130 7.68 -17.70 53.47
C ASP E 130 7.10 -16.87 52.32
N THR E 131 5.82 -16.59 52.40
CA THR E 131 5.11 -15.95 51.32
C THR E 131 4.40 -14.75 51.86
N SER E 132 4.97 -14.14 52.89
CA SER E 132 4.30 -13.05 53.56
C SER E 132 5.27 -11.94 53.94
N ARG E 133 6.51 -12.07 53.48
CA ARG E 133 7.55 -11.11 53.81
C ARG E 133 8.07 -10.45 52.55
N GLY E 134 7.46 -10.79 51.42
CA GLY E 134 7.91 -10.25 50.17
C GLY E 134 7.30 -8.90 49.83
N VAL E 135 7.70 -7.87 50.55
CA VAL E 135 7.33 -6.51 50.20
C VAL E 135 8.58 -5.65 49.98
N THR E 136 8.39 -4.35 49.79
CA THR E 136 9.51 -3.46 49.47
C THR E 136 9.10 -1.99 49.51
N ASN E 137 10.04 -1.14 49.89
CA ASN E 137 9.81 0.30 49.99
C ASN E 137 9.67 0.94 48.64
N ALA E 138 10.09 0.22 47.60
CA ALA E 138 9.92 0.65 46.21
C ALA E 138 8.44 0.72 45.77
N CYS E 139 7.61 -0.15 46.34
CA CYS E 139 6.23 -0.32 45.91
C CYS E 139 5.24 -0.01 47.04
N PRO E 140 5.12 1.26 47.42
CA PRO E 140 4.12 1.57 48.43
C PRO E 140 2.69 1.62 47.92
N SER E 141 1.76 1.14 48.73
CA SER E 141 0.34 1.42 48.55
C SER E 141 0.11 2.82 49.10
N TYR E 142 -1.10 3.35 48.96
CA TYR E 142 -1.36 4.68 49.52
C TYR E 142 -1.31 4.66 51.05
N THR E 143 -1.86 3.59 51.62
CA THR E 143 -1.82 3.37 53.07
C THR E 143 -0.45 2.96 53.67
N ILE E 144 0.32 2.12 52.99
CA ILE E 144 1.52 1.55 53.62
C ILE E 144 2.83 1.82 52.85
N ASP E 145 3.91 1.98 53.61
CA ASP E 145 5.21 2.32 53.05
C ASP E 145 5.82 1.21 52.19
N SER E 146 5.66 -0.04 52.59
CA SER E 146 6.26 -1.15 51.86
C SER E 146 5.22 -2.18 51.48
N SER E 147 5.04 -2.38 50.18
CA SER E 147 4.08 -3.36 49.69
C SER E 147 4.62 -4.02 48.43
N PHE E 148 3.73 -4.62 47.65
CA PHE E 148 4.14 -5.29 46.44
C PHE E 148 2.94 -5.44 45.49
N TYR E 149 3.20 -5.98 44.29
CA TYR E 149 2.16 -6.10 43.28
C TYR E 149 1.13 -7.13 43.68
N ARG E 150 -0.13 -6.86 43.38
CA ARG E 150 -1.21 -7.68 43.88
C ARG E 150 -1.33 -8.99 43.11
N ASN E 151 -0.66 -9.06 41.97
CA ASN E 151 -0.78 -10.26 41.14
C ASN E 151 0.41 -11.21 41.30
N LEU E 152 1.44 -10.74 41.98
CA LEU E 152 2.61 -11.56 42.22
C LEU E 152 2.86 -11.77 43.72
N VAL E 153 3.58 -12.83 44.07
CA VAL E 153 4.09 -12.98 45.43
C VAL E 153 5.61 -13.02 45.45
N TRP E 154 6.21 -12.15 46.24
CA TRP E 154 7.65 -12.24 46.46
C TRP E 154 7.99 -13.28 47.53
N ILE E 155 8.59 -14.37 47.10
CA ILE E 155 8.78 -15.51 47.95
C ILE E 155 10.22 -15.52 48.46
N VAL E 156 10.33 -15.65 49.77
CA VAL E 156 11.58 -15.51 50.52
C VAL E 156 11.75 -16.74 51.40
N LYS E 157 12.98 -17.05 51.77
CA LYS E 157 13.34 -18.20 52.60
C LYS E 157 12.76 -18.15 54.02
N THR E 158 12.22 -19.28 54.48
CA THR E 158 11.77 -19.41 55.86
C THR E 158 12.88 -19.04 56.84
N ASP E 159 12.54 -18.36 57.93
CA ASP E 159 13.51 -17.89 58.93
C ASP E 159 14.54 -18.96 59.26
N SER E 160 14.07 -20.20 59.37
CA SER E 160 14.96 -21.34 59.44
C SER E 160 15.14 -21.77 58.01
N ALA E 161 16.35 -21.62 57.50
CA ALA E 161 16.67 -21.98 56.12
C ALA E 161 16.29 -23.44 55.85
N THR E 162 16.33 -23.93 54.60
CA THR E 162 16.66 -23.16 53.41
C THR E 162 15.47 -23.06 52.47
N TYR E 163 15.78 -22.70 51.24
CA TYR E 163 14.81 -22.65 50.17
C TYR E 163 14.79 -24.03 49.55
N PRO E 164 13.63 -24.70 49.60
CA PRO E 164 13.58 -26.03 48.99
C PRO E 164 12.95 -25.97 47.62
N VAL E 165 13.01 -27.08 46.90
CA VAL E 165 12.33 -27.12 45.62
C VAL E 165 10.86 -26.87 45.92
N ILE E 166 10.29 -25.86 45.26
CA ILE E 166 8.87 -25.57 45.38
C ILE E 166 8.20 -25.78 44.04
N LYS E 167 6.94 -26.19 44.06
CA LYS E 167 6.25 -26.58 42.84
C LYS E 167 4.77 -26.21 42.86
N GLY E 168 4.24 -25.87 41.68
CA GLY E 168 2.83 -25.63 41.53
C GLY E 168 2.39 -26.04 40.14
N THR E 169 1.08 -26.16 39.92
CA THR E 169 0.56 -26.45 38.59
C THR E 169 -0.85 -25.94 38.47
N TYR E 170 -1.28 -25.72 37.24
CA TYR E 170 -2.62 -25.23 36.98
C TYR E 170 -3.06 -25.80 35.63
N ASN E 171 -4.13 -26.61 35.64
CA ASN E 171 -4.72 -27.18 34.42
C ASN E 171 -5.95 -26.33 34.13
N ASN E 172 -5.98 -25.74 32.94
CA ASN E 172 -7.01 -24.78 32.54
C ASN E 172 -8.23 -25.47 31.95
N THR E 173 -9.28 -25.58 32.74
CA THR E 173 -10.48 -26.28 32.34
C THR E 173 -11.51 -25.33 31.73
N GLY E 174 -11.36 -24.05 32.02
CA GLY E 174 -12.29 -23.05 31.52
C GLY E 174 -12.39 -22.89 30.01
N THR E 175 -13.02 -21.80 29.60
CA THR E 175 -13.25 -21.50 28.21
C THR E 175 -12.22 -20.52 27.69
N GLN E 176 -11.78 -19.61 28.55
CA GLN E 176 -11.07 -18.43 28.11
C GLN E 176 -9.57 -18.56 28.36
N PRO E 177 -8.74 -17.93 27.50
CA PRO E 177 -7.30 -17.94 27.75
C PRO E 177 -6.97 -17.19 29.04
N ILE E 178 -5.93 -17.63 29.74
CA ILE E 178 -5.51 -16.97 30.97
C ILE E 178 -4.21 -16.20 30.70
N LEU E 179 -4.27 -14.91 31.04
CA LEU E 179 -3.12 -14.05 30.97
C LEU E 179 -2.48 -14.00 32.36
N TYR E 180 -1.19 -14.34 32.45
CA TYR E 180 -0.54 -14.34 33.75
C TYR E 180 0.87 -13.78 33.72
N PHE E 181 1.41 -13.52 34.90
CA PHE E 181 2.72 -12.88 35.01
C PHE E 181 3.55 -13.59 36.06
N TRP E 182 4.87 -13.49 35.93
CA TRP E 182 5.75 -13.92 37.00
C TRP E 182 7.03 -13.10 36.93
N GLY E 183 8.10 -13.60 37.52
CA GLY E 183 9.32 -12.83 37.56
C GLY E 183 10.50 -13.62 38.07
N VAL E 184 11.68 -13.03 37.92
CA VAL E 184 12.87 -13.56 38.53
C VAL E 184 13.56 -12.39 39.21
N HIS E 185 13.91 -12.57 40.48
CA HIS E 185 14.65 -11.54 41.22
C HIS E 185 16.13 -11.54 40.91
N HIS E 186 16.72 -10.36 40.74
CA HIS E 186 18.17 -10.21 40.49
C HIS E 186 18.81 -9.23 41.48
N PRO E 187 19.46 -9.75 42.55
CA PRO E 187 20.04 -8.99 43.66
C PRO E 187 21.37 -8.30 43.34
N LEU E 188 21.74 -7.29 44.13
CA LEU E 188 22.94 -6.53 43.86
C LEU E 188 24.19 -7.15 44.51
N ASP E 189 23.98 -7.99 45.53
CA ASP E 189 25.07 -8.66 46.24
C ASP E 189 24.87 -10.14 46.18
N THR E 190 25.89 -10.89 46.56
CA THR E 190 25.70 -12.29 46.92
C THR E 190 25.19 -12.36 48.35
N THR E 191 25.19 -11.22 49.04
CA THR E 191 24.70 -11.17 50.42
C THR E 191 23.16 -11.11 50.49
N VAL E 192 22.57 -10.24 49.68
CA VAL E 192 21.12 -10.22 49.50
C VAL E 192 20.67 -11.56 48.95
N GLN E 193 21.40 -12.06 47.97
CA GLN E 193 21.09 -13.36 47.38
C GLN E 193 21.06 -14.43 48.44
N ASP E 194 22.06 -14.44 49.31
CA ASP E 194 22.15 -15.43 50.37
C ASP E 194 21.07 -15.20 51.44
N ASN E 195 20.93 -13.96 51.90
CA ASN E 195 19.99 -13.65 52.95
C ASN E 195 18.56 -14.06 52.60
N LEU E 196 18.18 -13.91 51.34
CA LEU E 196 16.78 -14.08 50.91
C LEU E 196 16.48 -15.47 50.40
N TYR E 197 17.47 -16.10 49.77
CA TYR E 197 17.28 -17.43 49.20
C TYR E 197 18.34 -18.33 49.79
N GLY E 198 18.42 -19.57 49.35
CA GLY E 198 19.47 -20.40 49.91
C GLY E 198 20.86 -19.92 49.53
N SER E 199 21.81 -20.84 49.64
CA SER E 199 23.04 -20.70 48.89
C SER E 199 22.84 -21.66 47.74
N GLY E 200 23.82 -21.75 46.85
CA GLY E 200 23.69 -22.69 45.76
C GLY E 200 23.15 -22.06 44.51
N ASP E 201 23.15 -22.86 43.45
CA ASP E 201 22.70 -22.40 42.14
C ASP E 201 21.18 -22.45 42.03
N LYS E 202 20.57 -21.27 41.89
CA LYS E 202 19.13 -21.13 41.86
C LYS E 202 18.56 -21.07 40.43
N TYR E 203 17.35 -21.58 40.25
CA TYR E 203 16.70 -21.60 38.95
C TYR E 203 15.19 -21.33 39.08
N VAL E 204 14.60 -20.92 37.98
CA VAL E 204 13.15 -20.77 37.90
C VAL E 204 12.71 -21.41 36.61
N ARG E 205 11.94 -22.47 36.69
CA ARG E 205 11.56 -23.18 35.47
C ARG E 205 10.05 -23.38 35.28
N MET E 206 9.55 -22.91 34.15
CA MET E 206 8.10 -22.94 33.88
C MET E 206 7.77 -23.57 32.55
N GLY E 207 6.75 -24.42 32.53
CA GLY E 207 6.35 -25.10 31.32
C GLY E 207 4.86 -25.28 31.14
N THR E 208 4.45 -25.36 29.87
CA THR E 208 3.10 -25.71 29.48
C THR E 208 3.29 -26.64 28.30
N GLU E 209 2.20 -27.11 27.72
CA GLU E 209 2.27 -28.01 26.58
C GLU E 209 2.98 -27.34 25.40
N SER E 210 2.75 -26.04 25.23
CA SER E 210 3.37 -25.28 24.14
C SER E 210 4.49 -24.31 24.58
N MET E 211 4.93 -24.37 25.84
CA MET E 211 5.89 -23.38 26.34
C MET E 211 7.05 -24.01 27.13
N ASN E 212 8.19 -23.32 27.13
CA ASN E 212 9.36 -23.65 27.94
C ASN E 212 10.02 -22.39 28.49
N PHE E 213 10.14 -22.28 29.80
CA PHE E 213 10.88 -21.18 30.38
C PHE E 213 12.00 -21.70 31.26
N ALA E 214 13.10 -20.96 31.31
CA ALA E 214 14.21 -21.25 32.21
C ALA E 214 15.09 -20.04 32.38
N LYS E 215 15.29 -19.65 33.62
CA LYS E 215 16.07 -18.47 33.94
C LYS E 215 16.71 -18.64 35.31
N SER E 216 17.97 -18.26 35.45
CA SER E 216 18.62 -18.28 36.75
C SER E 216 19.09 -16.87 37.08
N PRO E 217 19.35 -16.58 38.35
CA PRO E 217 19.71 -15.20 38.69
C PRO E 217 21.05 -14.71 38.15
N GLU E 218 21.08 -13.41 37.87
CA GLU E 218 22.26 -12.73 37.35
C GLU E 218 22.60 -11.59 38.29
N ILE E 219 23.38 -11.92 39.30
CA ILE E 219 23.62 -11.01 40.39
C ILE E 219 24.64 -9.96 39.98
N ALA E 220 24.27 -8.70 40.15
CA ALA E 220 25.16 -7.58 39.92
C ALA E 220 24.47 -6.32 40.41
N ALA E 221 25.20 -5.22 40.49
CA ALA E 221 24.64 -3.98 40.96
C ALA E 221 24.40 -3.01 39.82
N ARG E 222 23.13 -2.72 39.58
CA ARG E 222 22.73 -1.78 38.56
C ARG E 222 22.58 -0.40 39.20
N PRO E 223 22.58 0.67 38.39
CA PRO E 223 22.34 2.01 38.93
C PRO E 223 21.06 2.08 39.73
N ALA E 224 21.03 2.96 40.73
CA ALA E 224 19.90 3.05 41.63
C ALA E 224 18.64 3.57 40.93
N VAL E 225 17.56 2.81 41.02
CA VAL E 225 16.23 3.24 40.56
C VAL E 225 15.21 2.94 41.65
N ASN E 226 14.63 3.99 42.22
CA ASN E 226 13.82 3.87 43.44
C ASN E 226 14.61 3.28 44.61
N ASP E 227 15.84 3.75 44.79
CA ASP E 227 16.73 3.27 45.85
C ASP E 227 17.02 1.78 45.72
N GLN E 228 16.80 1.23 44.53
CA GLN E 228 17.07 -0.19 44.33
C GLN E 228 18.14 -0.43 43.29
N ARG E 229 19.23 -1.07 43.73
CA ARG E 229 20.30 -1.47 42.83
C ARG E 229 20.10 -2.93 42.44
N SER E 230 18.99 -3.51 42.87
CA SER E 230 18.62 -4.83 42.41
C SER E 230 17.56 -4.71 41.31
N ARG E 231 17.35 -5.80 40.59
CA ARG E 231 16.40 -5.82 39.50
C ARG E 231 15.48 -7.03 39.55
N ILE E 232 14.36 -6.93 38.85
CA ILE E 232 13.47 -8.06 38.61
C ILE E 232 13.15 -8.05 37.12
N ASP E 233 13.36 -9.17 36.46
CA ASP E 233 12.84 -9.35 35.11
C ASP E 233 11.45 -9.93 35.21
N TYR E 234 10.46 -9.16 34.74
CA TYR E 234 9.07 -9.63 34.65
C TYR E 234 8.74 -10.31 33.33
N TYR E 235 7.82 -11.25 33.39
CA TYR E 235 7.37 -11.96 32.22
C TYR E 235 5.84 -12.07 32.17
N TRP E 236 5.31 -12.25 30.97
CA TRP E 236 3.90 -12.51 30.81
C TRP E 236 3.70 -13.72 29.92
N SER E 237 2.52 -14.29 29.92
CA SER E 237 2.23 -15.36 29.01
C SER E 237 0.74 -15.58 28.94
N VAL E 238 0.35 -16.58 28.17
CA VAL E 238 -1.06 -16.84 27.97
C VAL E 238 -1.31 -18.34 28.05
N LEU E 239 -1.94 -18.77 29.13
CA LEU E 239 -2.26 -20.17 29.26
C LEU E 239 -3.56 -20.45 28.52
N ARG E 240 -3.44 -21.05 27.34
CA ARG E 240 -4.60 -21.34 26.49
C ARG E 240 -5.53 -22.32 27.20
N PRO E 241 -6.80 -22.34 26.76
CA PRO E 241 -7.76 -23.31 27.33
C PRO E 241 -7.35 -24.75 27.08
N GLY E 242 -7.30 -25.54 28.13
CA GLY E 242 -6.93 -26.94 28.05
C GLY E 242 -5.45 -27.18 28.31
N GLU E 243 -4.73 -26.10 28.59
CA GLU E 243 -3.29 -26.16 28.79
C GLU E 243 -2.93 -26.11 30.26
N THR E 244 -1.99 -26.94 30.67
CA THR E 244 -1.55 -27.00 32.06
C THR E 244 -0.27 -26.19 32.24
N LEU E 245 -0.15 -25.47 33.35
CA LEU E 245 1.06 -24.70 33.65
C LEU E 245 1.84 -25.32 34.82
N ASN E 246 3.07 -25.78 34.58
CA ASN E 246 3.90 -26.31 35.67
C ASN E 246 5.00 -25.32 36.06
N VAL E 247 4.99 -24.92 37.33
CA VAL E 247 6.05 -24.09 37.90
C VAL E 247 6.99 -24.92 38.77
N GLU E 248 8.27 -24.56 38.77
CA GLU E 248 9.24 -25.14 39.69
C GLU E 248 10.42 -24.19 39.85
N SER E 249 10.73 -23.86 41.09
CA SER E 249 11.80 -22.92 41.37
C SER E 249 12.69 -23.35 42.50
N ASN E 250 13.86 -22.74 42.55
CA ASN E 250 14.87 -23.02 43.55
C ASN E 250 15.09 -21.87 44.50
N GLY E 251 14.59 -20.71 44.07
CA GLY E 251 14.74 -19.45 44.77
C GLY E 251 14.74 -18.41 43.66
N ASN E 252 14.46 -17.15 44.02
CA ASN E 252 14.44 -15.99 43.12
C ASN E 252 13.17 -15.85 42.29
N LEU E 253 12.22 -16.76 42.50
CA LEU E 253 10.90 -16.70 41.87
C LEU E 253 9.97 -15.65 42.47
N ILE E 254 9.56 -14.68 41.66
CA ILE E 254 8.42 -13.84 42.00
C ILE E 254 7.19 -14.56 41.42
N ALA E 255 6.44 -15.24 42.28
CA ALA E 255 5.41 -16.17 41.84
C ALA E 255 4.14 -15.52 41.27
N PRO E 256 3.43 -16.26 40.39
CA PRO E 256 2.17 -15.74 39.88
C PRO E 256 1.08 -15.97 40.90
N TRP E 257 0.49 -14.90 41.40
CA TRP E 257 -0.56 -15.01 42.39
C TRP E 257 -1.93 -14.89 41.75
N TYR E 258 -2.10 -13.86 40.93
CA TYR E 258 -3.38 -13.63 40.28
C TYR E 258 -3.19 -13.48 38.77
N ALA E 259 -4.15 -13.97 38.03
CA ALA E 259 -4.14 -13.94 36.58
C ALA E 259 -5.49 -13.49 36.06
N TYR E 260 -5.54 -13.13 34.78
CA TYR E 260 -6.78 -12.68 34.17
C TYR E 260 -7.34 -13.70 33.19
N LYS E 261 -8.60 -14.07 33.39
CA LYS E 261 -9.36 -14.74 32.34
C LYS E 261 -9.55 -13.67 31.30
N PHE E 262 -9.19 -13.97 30.06
CA PHE E 262 -9.08 -12.93 29.04
C PHE E 262 -9.99 -13.18 27.83
N VAL E 263 -10.93 -12.29 27.57
CA VAL E 263 -11.78 -12.47 26.39
C VAL E 263 -11.45 -11.45 25.29
N SER E 264 -11.26 -11.97 24.08
CA SER E 264 -11.05 -11.14 22.89
C SER E 264 -12.34 -10.85 22.13
N LYS E 267 -12.64 -8.23 17.00
CA LYS E 267 -12.93 -6.92 16.43
C LYS E 267 -11.66 -6.08 16.34
N LYS E 268 -11.86 -4.76 16.28
CA LYS E 268 -10.75 -3.81 16.21
C LYS E 268 -10.68 -2.97 17.48
N GLY E 269 -9.50 -2.93 18.09
CA GLY E 269 -9.35 -2.33 19.40
C GLY E 269 -8.28 -1.27 19.55
N ALA E 270 -8.54 -0.33 20.43
CA ALA E 270 -7.67 0.83 20.58
C ALA E 270 -7.11 1.02 21.99
N VAL E 271 -5.87 1.48 22.05
CA VAL E 271 -5.31 2.06 23.26
C VAL E 271 -4.98 3.50 22.95
N PHE E 272 -5.74 4.43 23.51
CA PHE E 272 -5.49 5.82 23.25
C PHE E 272 -4.64 6.37 24.36
N LYS E 273 -3.50 6.96 23.98
CA LYS E 273 -2.69 7.67 24.94
C LYS E 273 -3.09 9.12 24.85
N SER E 274 -3.92 9.55 25.79
CA SER E 274 -4.40 10.91 25.74
C SER E 274 -4.78 11.51 27.07
N ASP E 275 -4.99 12.82 27.09
CA ASP E 275 -5.37 13.51 28.31
C ASP E 275 -6.78 14.08 28.23
N LEU E 276 -7.54 13.68 27.22
CA LEU E 276 -8.90 14.20 27.00
C LEU E 276 -9.88 13.63 28.02
N PRO E 277 -10.90 14.42 28.40
CA PRO E 277 -11.93 13.98 29.34
C PRO E 277 -12.75 12.82 28.81
N ILE E 278 -13.20 11.95 29.70
CA ILE E 278 -14.21 10.98 29.36
C ILE E 278 -15.50 11.50 29.94
N GLU E 279 -16.48 11.79 29.08
CA GLU E 279 -17.72 12.38 29.55
C GLU E 279 -18.84 11.38 29.42
N ASN E 280 -20.01 11.71 29.97
CA ASN E 280 -21.14 10.80 29.94
C ASN E 280 -21.93 10.98 28.65
N CYS E 281 -21.25 10.74 27.53
CA CYS E 281 -21.85 10.87 26.22
C CYS E 281 -21.70 9.58 25.44
N ASP E 282 -22.50 9.42 24.39
CA ASP E 282 -22.37 8.24 23.55
C ASP E 282 -21.87 8.64 22.17
N ALA E 283 -21.34 7.68 21.43
CA ALA E 283 -20.73 7.94 20.13
C ALA E 283 -20.71 6.71 19.24
N THR E 284 -20.50 6.95 17.96
CA THR E 284 -20.48 5.90 16.96
C THR E 284 -19.09 5.88 16.34
N CYS E 285 -18.44 7.03 16.39
CA CYS E 285 -17.03 7.21 16.04
C CYS E 285 -16.20 7.85 17.10
N GLN E 286 -15.14 7.17 17.52
CA GLN E 286 -14.20 7.74 18.46
C GLN E 286 -12.82 7.83 17.86
N THR E 287 -12.22 9.02 18.00
CA THR E 287 -10.90 9.40 17.50
C THR E 287 -9.97 9.70 18.65
N ILE E 288 -8.66 9.48 18.47
CA ILE E 288 -7.70 9.72 19.53
C ILE E 288 -7.66 11.18 19.94
N THR E 289 -8.24 12.06 19.11
CA THR E 289 -8.27 13.49 19.44
C THR E 289 -9.67 14.11 19.51
N GLY E 290 -10.71 13.27 19.47
CA GLY E 290 -12.06 13.77 19.54
C GLY E 290 -13.14 12.83 19.04
N VAL E 291 -14.41 13.18 19.23
CA VAL E 291 -15.51 12.38 18.69
C VAL E 291 -15.87 12.92 17.32
N LEU E 292 -16.27 12.03 16.42
CA LEU E 292 -16.84 12.42 15.13
C LEU E 292 -18.30 11.99 15.04
N ARG E 293 -19.22 12.93 14.91
CA ARG E 293 -20.63 12.56 14.71
C ARG E 293 -21.08 13.11 13.38
N THR E 294 -20.90 12.31 12.33
CA THR E 294 -21.01 12.83 10.99
C THR E 294 -21.39 11.78 9.95
N ASN E 295 -22.00 12.21 8.84
CA ASN E 295 -22.36 11.31 7.75
C ASN E 295 -21.40 11.42 6.57
N LYS E 296 -20.44 12.32 6.68
CA LYS E 296 -19.50 12.57 5.60
C LYS E 296 -18.54 11.39 5.38
N THR E 297 -18.00 11.30 4.17
CA THR E 297 -17.25 10.14 3.69
C THR E 297 -15.79 10.15 4.13
N PHE E 298 -15.23 11.36 4.19
CA PHE E 298 -13.85 11.53 4.57
C PHE E 298 -13.78 12.41 5.79
N GLN E 299 -12.74 12.20 6.60
CA GLN E 299 -12.45 13.07 7.71
C GLN E 299 -10.97 13.38 7.71
N ASN E 300 -10.61 14.57 8.17
CA ASN E 300 -9.23 14.99 8.30
C ASN E 300 -8.71 15.13 9.74
N VAL E 301 -9.41 14.52 10.69
CA VAL E 301 -9.00 14.54 12.10
C VAL E 301 -7.88 13.59 12.57
N SER E 302 -8.02 12.29 12.33
CA SER E 302 -7.02 11.31 12.76
C SER E 302 -7.13 9.98 12.05
N PRO E 303 -5.97 9.35 11.75
CA PRO E 303 -5.82 7.97 11.30
C PRO E 303 -6.16 6.91 12.35
N LEU E 304 -6.12 7.28 13.63
CA LEU E 304 -6.42 6.33 14.72
C LEU E 304 -7.82 6.51 15.28
N TRP E 305 -8.65 5.47 15.17
CA TRP E 305 -10.02 5.54 15.64
C TRP E 305 -10.57 4.17 15.99
N ILE E 306 -11.66 4.16 16.75
CA ILE E 306 -12.44 2.94 16.96
C ILE E 306 -13.91 3.22 16.64
N GLY E 307 -14.59 2.23 16.06
CA GLY E 307 -15.97 2.40 15.61
C GLY E 307 -16.07 2.53 14.10
N GLU E 308 -17.22 3.00 13.61
CA GLU E 308 -17.42 3.20 12.19
C GLU E 308 -17.12 4.64 11.85
N CYS E 309 -15.98 4.86 11.21
CA CYS E 309 -15.49 6.21 11.01
C CYS E 309 -15.30 6.52 9.52
N PRO E 310 -15.35 7.81 9.16
CA PRO E 310 -14.95 8.16 7.81
C PRO E 310 -13.47 7.84 7.56
N LYS E 311 -13.07 7.74 6.29
CA LYS E 311 -11.69 7.48 5.92
C LYS E 311 -10.83 8.71 6.13
N TYR E 312 -9.60 8.51 6.59
CA TYR E 312 -8.76 9.64 6.92
C TYR E 312 -7.90 10.02 5.74
N VAL E 313 -7.86 11.32 5.44
CA VAL E 313 -7.06 11.87 4.36
C VAL E 313 -6.51 13.22 4.82
N LYS E 314 -5.48 13.70 4.12
CA LYS E 314 -4.83 14.95 4.50
C LYS E 314 -5.51 16.20 3.94
N SER E 315 -6.58 16.02 3.19
CA SER E 315 -7.24 17.12 2.50
C SER E 315 -7.96 18.08 3.44
N GLU E 316 -7.82 19.38 3.20
CA GLU E 316 -8.60 20.36 3.93
C GLU E 316 -10.07 20.36 3.52
N SER E 317 -10.33 20.20 2.23
CA SER E 317 -11.70 20.12 1.72
C SER E 317 -11.83 19.10 0.59
N LEU E 318 -13.00 18.45 0.53
CA LEU E 318 -13.32 17.57 -0.59
C LEU E 318 -14.76 17.81 -1.08
N ARG E 319 -14.95 18.85 -1.88
CA ARG E 319 -16.28 19.29 -2.29
C ARG E 319 -16.64 18.95 -3.74
N LEU E 320 -17.75 18.25 -3.93
CA LEU E 320 -18.17 17.78 -5.25
C LEU E 320 -19.24 18.73 -5.72
N ALA E 321 -19.15 19.19 -6.96
CA ALA E 321 -20.24 19.97 -7.53
C ALA E 321 -21.41 19.03 -7.82
N THR E 322 -22.63 19.43 -7.44
CA THR E 322 -23.82 18.72 -7.87
C THR E 322 -24.58 19.60 -8.87
N GLY E 323 -24.76 20.86 -8.49
CA GLY E 323 -25.35 21.86 -9.35
C GLY E 323 -24.44 22.21 -10.50
N LEU E 324 -24.55 23.44 -10.99
CA LEU E 324 -23.86 23.83 -12.21
C LEU E 324 -23.19 25.16 -11.99
N ARG E 325 -22.39 25.57 -12.95
CA ARG E 325 -21.67 26.83 -12.86
C ARG E 325 -22.62 28.00 -12.63
N ASN E 326 -22.39 28.72 -11.53
CA ASN E 326 -23.27 29.80 -11.09
C ASN E 326 -22.94 31.15 -11.73
N VAL E 327 -23.70 31.54 -12.75
CA VAL E 327 -23.50 32.87 -13.34
C VAL E 327 -24.81 33.67 -13.24
N PRO E 328 -25.03 34.33 -12.11
CA PRO E 328 -26.22 35.17 -11.92
C PRO E 328 -26.09 36.57 -12.52
N GLN E 329 -27.21 37.29 -12.60
CA GLN E 329 -27.20 38.67 -13.07
C GLN E 329 -27.44 39.65 -11.92
N GLY F 1 -17.55 27.41 -22.05
CA GLY F 1 -17.99 26.16 -21.45
C GLY F 1 -17.66 25.19 -22.52
N ILE F 2 -17.57 23.88 -22.24
CA ILE F 2 -17.16 22.89 -23.27
C ILE F 2 -18.17 22.63 -24.41
N PHE F 3 -19.46 22.56 -24.08
CA PHE F 3 -20.53 22.36 -25.06
C PHE F 3 -21.05 23.70 -25.54
N GLY F 4 -20.40 24.77 -25.09
CA GLY F 4 -20.65 26.10 -25.57
C GLY F 4 -21.80 26.83 -24.93
N ALA F 5 -22.72 26.11 -24.31
CA ALA F 5 -23.95 26.72 -23.82
C ALA F 5 -23.80 27.51 -22.53
N ILE F 6 -23.34 26.85 -21.47
CA ILE F 6 -23.17 27.51 -20.17
C ILE F 6 -21.94 28.39 -20.17
N ALA F 7 -22.10 29.61 -19.66
CA ALA F 7 -21.08 30.66 -19.76
C ALA F 7 -20.44 30.68 -21.15
N GLY F 8 -21.29 30.54 -22.15
CA GLY F 8 -20.93 30.58 -23.55
C GLY F 8 -21.95 31.42 -24.30
N PHE F 9 -22.60 30.86 -25.33
CA PHE F 9 -23.55 31.66 -26.11
C PHE F 9 -24.78 32.01 -25.30
N ILE F 10 -25.08 31.22 -24.27
CA ILE F 10 -26.04 31.62 -23.25
C ILE F 10 -25.23 32.15 -22.10
N GLU F 11 -25.12 33.46 -22.05
CA GLU F 11 -24.10 34.15 -21.28
C GLU F 11 -24.23 33.95 -19.79
N GLY F 12 -25.45 34.09 -19.28
CA GLY F 12 -25.68 33.97 -17.86
C GLY F 12 -26.81 33.04 -17.55
N GLY F 13 -27.23 33.04 -16.30
CA GLY F 13 -28.29 32.14 -15.87
C GLY F 13 -29.42 32.95 -15.30
N TRP F 14 -30.42 32.25 -14.80
CA TRP F 14 -31.64 32.91 -14.40
C TRP F 14 -31.95 32.71 -12.94
N THR F 15 -31.62 33.72 -12.13
CA THR F 15 -32.00 33.72 -10.72
C THR F 15 -33.50 33.64 -10.50
N GLY F 16 -34.27 33.65 -11.59
CA GLY F 16 -35.72 33.63 -11.51
C GLY F 16 -36.29 32.28 -11.83
N MET F 17 -35.51 31.42 -12.48
CA MET F 17 -35.97 30.05 -12.66
C MET F 17 -35.56 29.21 -11.47
N ILE F 18 -36.49 29.11 -10.52
CA ILE F 18 -36.27 28.57 -9.17
C ILE F 18 -36.47 27.07 -9.06
N ASP F 19 -37.28 26.50 -9.94
CA ASP F 19 -37.74 25.13 -9.82
C ASP F 19 -36.88 24.08 -10.52
N GLY F 20 -35.81 24.47 -11.20
CA GLY F 20 -35.04 23.54 -11.99
C GLY F 20 -33.64 24.00 -12.31
N TRP F 21 -32.79 23.07 -12.75
CA TRP F 21 -31.49 23.41 -13.34
C TRP F 21 -31.54 24.01 -14.74
N TYR F 22 -32.34 23.41 -15.63
CA TYR F 22 -32.45 23.83 -17.05
C TYR F 22 -33.88 24.27 -17.39
N GLY F 23 -34.02 25.34 -18.16
CA GLY F 23 -35.33 25.95 -18.36
C GLY F 23 -35.63 26.86 -19.53
N TYR F 24 -36.87 27.34 -19.58
CA TYR F 24 -37.28 28.32 -20.58
C TYR F 24 -37.71 29.70 -20.07
N HIS F 25 -37.17 30.77 -20.66
CA HIS F 25 -37.69 32.14 -20.52
C HIS F 25 -38.50 32.51 -21.76
N HIS F 26 -39.76 32.89 -21.57
CA HIS F 26 -40.57 33.28 -22.70
C HIS F 26 -41.02 34.71 -22.53
N GLU F 27 -41.41 35.35 -23.63
CA GLU F 27 -42.09 36.64 -23.56
C GLU F 27 -43.30 36.65 -24.48
N ASN F 28 -44.33 37.37 -24.08
CA ASN F 28 -45.65 37.31 -24.69
C ASN F 28 -46.41 38.59 -24.50
N SER F 29 -47.52 38.75 -25.20
CA SER F 29 -48.44 39.85 -24.92
C SER F 29 -49.12 39.60 -23.59
N GLN F 30 -49.05 38.37 -23.11
CA GLN F 30 -49.62 37.96 -21.84
C GLN F 30 -48.60 38.03 -20.71
N GLY F 31 -47.32 38.20 -21.05
CA GLY F 31 -46.28 38.33 -20.06
C GLY F 31 -45.04 37.48 -20.29
N SER F 32 -44.09 37.52 -19.36
CA SER F 32 -42.85 36.75 -19.47
C SER F 32 -42.60 35.93 -18.21
N GLY F 33 -41.88 34.83 -18.34
CA GLY F 33 -41.60 33.98 -17.18
C GLY F 33 -40.48 32.97 -17.32
N TYR F 34 -40.27 32.22 -16.24
CA TYR F 34 -39.29 31.13 -16.22
C TYR F 34 -39.97 29.81 -15.94
N ALA F 35 -39.48 28.75 -16.54
CA ALA F 35 -40.11 27.46 -16.36
C ALA F 35 -39.14 26.33 -16.66
N ALA F 36 -38.93 25.48 -15.68
CA ALA F 36 -37.96 24.41 -15.80
C ALA F 36 -38.50 23.26 -16.65
N ASP F 37 -37.58 22.46 -17.15
CA ASP F 37 -37.90 21.24 -17.87
C ASP F 37 -37.70 20.07 -16.91
N ARG F 38 -38.80 19.50 -16.40
CA ARG F 38 -38.70 18.47 -15.37
C ARG F 38 -37.93 17.25 -15.86
N GLU F 39 -38.22 16.80 -17.07
CA GLU F 39 -37.61 15.58 -17.59
C GLU F 39 -36.09 15.62 -17.55
N SER F 40 -35.49 16.68 -18.09
CA SER F 40 -34.05 16.79 -18.16
C SER F 40 -33.44 17.14 -16.80
N THR F 41 -34.16 17.92 -16.01
CA THR F 41 -33.69 18.24 -14.66
C THR F 41 -33.70 17.00 -13.78
N GLN F 42 -34.83 16.30 -13.73
CA GLN F 42 -34.94 15.15 -12.84
C GLN F 42 -34.08 14.01 -13.33
N LYS F 43 -33.74 13.98 -14.62
CA LYS F 43 -32.85 12.93 -15.08
C LYS F 43 -31.40 13.29 -14.76
N ALA F 44 -31.13 14.58 -14.61
CA ALA F 44 -29.80 15.04 -14.27
C ALA F 44 -29.52 14.84 -12.80
N ILE F 45 -30.47 15.30 -11.97
CA ILE F 45 -30.50 14.99 -10.55
C ILE F 45 -30.29 13.51 -10.28
N ASP F 46 -31.01 12.65 -11.00
CA ASP F 46 -30.86 11.21 -10.81
C ASP F 46 -29.44 10.75 -11.05
N GLY F 47 -28.85 11.31 -12.10
CA GLY F 47 -27.48 10.97 -12.48
C GLY F 47 -26.45 11.47 -11.50
N ILE F 48 -26.46 12.77 -11.25
CA ILE F 48 -25.54 13.38 -10.29
C ILE F 48 -25.60 12.69 -8.91
N THR F 49 -26.82 12.48 -8.41
CA THR F 49 -27.05 11.72 -7.20
C THR F 49 -26.37 10.35 -7.25
N ASN F 50 -26.51 9.65 -8.36
CA ASN F 50 -25.96 8.30 -8.42
C ASN F 50 -24.45 8.32 -8.52
N LYS F 51 -23.92 9.44 -9.00
CA LYS F 51 -22.48 9.60 -9.09
C LYS F 51 -21.95 9.76 -7.68
N VAL F 52 -22.59 10.64 -6.92
CA VAL F 52 -22.20 10.92 -5.56
C VAL F 52 -22.21 9.64 -4.70
N ASN F 53 -23.22 8.81 -4.86
CA ASN F 53 -23.32 7.54 -4.16
C ASN F 53 -22.38 6.47 -4.68
N SER F 54 -22.00 6.57 -5.94
CA SER F 54 -21.04 5.62 -6.49
C SER F 54 -19.69 5.93 -5.87
N ILE F 55 -19.43 7.21 -5.67
CA ILE F 55 -18.19 7.69 -5.12
C ILE F 55 -18.11 7.33 -3.64
N ILE F 56 -19.10 7.79 -2.88
CA ILE F 56 -19.23 7.46 -1.47
C ILE F 56 -19.13 5.94 -1.19
N ASN F 57 -19.85 5.12 -1.95
CA ASN F 57 -19.73 3.68 -1.75
C ASN F 57 -18.36 3.10 -2.03
N LYS F 58 -17.69 3.59 -3.07
CA LYS F 58 -16.37 3.09 -3.44
C LYS F 58 -15.36 3.45 -2.35
N MET F 59 -15.59 4.59 -1.71
CA MET F 59 -14.71 5.12 -0.69
C MET F 59 -15.07 4.59 0.72
N ASN F 60 -15.94 3.58 0.79
CA ASN F 60 -16.39 3.06 2.08
C ASN F 60 -15.32 2.35 2.92
N THR F 61 -14.43 1.59 2.29
CA THR F 61 -13.40 0.87 3.06
C THR F 61 -12.41 1.84 3.68
N GLN F 62 -12.01 1.58 4.92
CA GLN F 62 -10.97 2.43 5.53
C GLN F 62 -9.62 1.73 5.50
N PHE F 63 -8.60 2.46 5.91
CA PHE F 63 -7.31 1.85 6.20
C PHE F 63 -7.04 2.06 7.69
N GLU F 64 -6.73 0.97 8.38
CA GLU F 64 -6.66 1.07 9.83
C GLU F 64 -5.22 1.19 10.27
N ALA F 65 -4.84 2.38 10.73
CA ALA F 65 -3.58 2.60 11.43
C ALA F 65 -3.71 2.11 12.88
N VAL F 66 -2.59 1.78 13.52
CA VAL F 66 -2.68 1.08 14.80
C VAL F 66 -2.00 1.71 16.00
N ASP F 67 -0.95 2.47 15.80
CA ASP F 67 -0.18 3.01 16.91
C ASP F 67 0.21 1.92 17.90
N HIS F 68 0.83 0.86 17.40
CA HIS F 68 1.48 -0.12 18.24
C HIS F 68 2.75 0.52 18.76
N GLU F 69 3.39 -0.12 19.73
CA GLU F 69 4.66 0.35 20.23
C GLU F 69 5.82 -0.49 19.74
N PHE F 70 6.98 0.14 19.63
CA PHE F 70 8.16 -0.57 19.16
C PHE F 70 9.32 -0.28 20.10
N SER F 71 10.24 -1.23 20.23
CA SER F 71 11.31 -1.07 21.21
C SER F 71 12.51 -0.38 20.59
N ASN F 72 13.61 -0.26 21.31
CA ASN F 72 14.81 0.36 20.74
C ASN F 72 15.66 -0.64 19.97
N LEU F 73 15.20 -1.88 19.92
CA LEU F 73 15.75 -2.87 18.99
C LEU F 73 14.80 -3.13 17.80
N GLU F 74 13.89 -2.20 17.60
CA GLU F 74 12.81 -2.34 16.62
C GLU F 74 12.64 -1.09 15.76
N ARG F 75 13.76 -0.45 15.41
CA ARG F 75 13.70 0.76 14.63
C ARG F 75 13.33 0.50 13.17
N ARG F 76 13.80 -0.61 12.63
CA ARG F 76 13.47 -0.99 11.26
C ARG F 76 11.96 -1.21 11.05
N ILE F 77 11.35 -2.16 11.75
CA ILE F 77 9.93 -2.41 11.52
C ILE F 77 9.04 -1.29 12.00
N GLY F 78 9.50 -0.51 12.98
CA GLY F 78 8.71 0.59 13.49
C GLY F 78 8.64 1.69 12.45
N ASN F 79 9.65 1.72 11.60
CA ASN F 79 9.73 2.66 10.48
C ASN F 79 9.03 2.08 9.26
N LEU F 80 9.16 0.77 9.10
CA LEU F 80 8.47 0.04 8.06
C LEU F 80 6.98 0.31 8.20
N ASN F 81 6.48 0.22 9.41
CA ASN F 81 5.08 0.54 9.70
C ASN F 81 4.71 1.99 9.34
N LYS F 82 5.54 2.96 9.69
CA LYS F 82 5.26 4.37 9.44
C LYS F 82 5.22 4.75 7.95
N ARG F 83 6.17 4.21 7.19
CA ARG F 83 6.20 4.40 5.75
C ARG F 83 4.95 3.77 5.18
N MET F 84 4.68 2.53 5.57
CA MET F 84 3.48 1.82 5.19
C MET F 84 2.19 2.61 5.49
N GLU F 85 2.03 3.08 6.72
CA GLU F 85 0.80 3.81 7.05
C GLU F 85 0.68 5.16 6.36
N ASP F 86 1.80 5.86 6.17
CA ASP F 86 1.74 7.11 5.45
C ASP F 86 1.71 6.86 3.95
N GLY F 87 2.07 5.65 3.55
CA GLY F 87 1.98 5.24 2.17
C GLY F 87 0.56 5.21 1.70
N PHE F 88 -0.29 4.49 2.41
CA PHE F 88 -1.70 4.40 2.07
C PHE F 88 -2.42 5.73 2.31
N LEU F 89 -1.99 6.47 3.32
CA LEU F 89 -2.46 7.83 3.51
C LEU F 89 -2.18 8.71 2.29
N ASP F 90 -1.03 8.51 1.65
CA ASP F 90 -0.63 9.38 0.57
C ASP F 90 -1.38 8.98 -0.69
N VAL F 91 -1.73 7.70 -0.78
CA VAL F 91 -2.46 7.19 -1.94
C VAL F 91 -3.93 7.59 -1.87
N TRP F 92 -4.58 7.34 -0.76
CA TRP F 92 -6.00 7.67 -0.64
C TRP F 92 -6.26 9.18 -0.65
N THR F 93 -5.30 9.97 -0.19
CA THR F 93 -5.40 11.43 -0.29
C THR F 93 -5.32 11.86 -1.75
N TYR F 94 -4.53 11.15 -2.54
CA TYR F 94 -4.44 11.44 -3.95
C TYR F 94 -5.74 11.04 -4.61
N ASN F 95 -6.14 9.79 -4.42
CA ASN F 95 -7.38 9.28 -5.02
C ASN F 95 -8.57 10.18 -4.82
N ALA F 96 -8.80 10.60 -3.59
CA ALA F 96 -9.89 11.50 -3.32
C ALA F 96 -9.71 12.80 -4.06
N GLU F 97 -8.63 13.51 -3.78
CA GLU F 97 -8.43 14.86 -4.30
C GLU F 97 -8.47 14.94 -5.82
N LEU F 98 -8.03 13.88 -6.47
CA LEU F 98 -7.95 13.86 -7.92
C LEU F 98 -9.31 13.57 -8.49
N LEU F 99 -9.98 12.56 -7.96
CA LEU F 99 -11.34 12.21 -8.35
C LEU F 99 -12.26 13.43 -8.30
N VAL F 100 -12.35 14.03 -7.13
CA VAL F 100 -13.06 15.29 -6.96
C VAL F 100 -12.71 16.35 -8.01
N LEU F 101 -11.45 16.46 -8.40
CA LEU F 101 -11.05 17.49 -9.37
C LEU F 101 -11.53 17.17 -10.80
N LEU F 102 -11.47 15.89 -11.11
CA LEU F 102 -11.85 15.35 -12.41
C LEU F 102 -13.33 15.38 -12.55
N GLU F 103 -14.02 14.77 -11.59
CA GLU F 103 -15.47 14.72 -11.55
C GLU F 103 -16.12 16.09 -11.51
N ASN F 104 -15.49 17.05 -10.86
CA ASN F 104 -16.00 18.42 -10.94
C ASN F 104 -15.92 18.98 -12.37
N GLU F 105 -14.82 18.74 -13.05
CA GLU F 105 -14.69 19.12 -14.44
C GLU F 105 -15.78 18.46 -15.29
N ARG F 106 -16.03 17.18 -15.04
CA ARG F 106 -16.91 16.44 -15.91
C ARG F 106 -18.36 16.73 -15.61
N THR F 107 -18.66 17.08 -14.38
CA THR F 107 -20.03 17.36 -13.98
C THR F 107 -20.48 18.72 -14.53
N LEU F 108 -19.58 19.69 -14.50
CA LEU F 108 -19.90 21.00 -15.08
C LEU F 108 -20.22 20.88 -16.57
N ASP F 109 -19.55 19.96 -17.26
CA ASP F 109 -19.80 19.73 -18.68
C ASP F 109 -21.12 19.01 -18.93
N LEU F 110 -21.50 18.13 -18.02
CA LEU F 110 -22.77 17.45 -18.15
C LEU F 110 -23.93 18.44 -18.19
N HIS F 111 -23.96 19.34 -17.22
CA HIS F 111 -24.93 20.42 -17.21
C HIS F 111 -24.84 21.25 -18.49
N ASP F 112 -23.63 21.48 -18.99
CA ASP F 112 -23.46 22.18 -20.28
C ASP F 112 -24.07 21.38 -21.42
N ALA F 113 -23.84 20.08 -21.43
CA ALA F 113 -24.38 19.22 -22.48
C ALA F 113 -25.90 19.22 -22.44
N ASN F 114 -26.45 19.17 -21.23
CA ASN F 114 -27.89 19.09 -21.05
C ASN F 114 -28.63 20.38 -21.40
N VAL F 115 -27.95 21.52 -21.26
CA VAL F 115 -28.53 22.79 -21.66
C VAL F 115 -28.46 22.92 -23.18
N LYS F 116 -27.37 22.44 -23.78
CA LYS F 116 -27.25 22.42 -25.24
C LYS F 116 -28.33 21.57 -25.92
N ASN F 117 -28.61 20.39 -25.39
CA ASN F 117 -29.57 19.50 -26.01
C ASN F 117 -30.98 19.92 -25.74
N LEU F 118 -31.15 20.93 -24.88
CA LEU F 118 -32.45 21.49 -24.65
C LEU F 118 -32.69 22.48 -25.77
N TYR F 119 -31.66 23.27 -26.02
CA TYR F 119 -31.69 24.28 -27.06
C TYR F 119 -31.85 23.63 -28.43
N GLU F 120 -31.20 22.50 -28.65
CA GLU F 120 -31.35 21.78 -29.92
C GLU F 120 -32.75 21.20 -30.10
N LYS F 121 -33.37 20.77 -29.02
CA LYS F 121 -34.73 20.22 -29.04
C LYS F 121 -35.77 21.25 -29.46
N VAL F 122 -35.67 22.45 -28.88
CA VAL F 122 -36.52 23.57 -29.26
C VAL F 122 -36.24 24.05 -30.68
N LYS F 123 -34.97 24.17 -31.05
CA LYS F 123 -34.58 24.65 -32.37
C LYS F 123 -35.12 23.75 -33.47
N SER F 124 -35.07 22.44 -33.24
CA SER F 124 -35.51 21.48 -34.23
C SER F 124 -37.01 21.59 -34.47
N GLN F 125 -37.76 21.83 -33.41
CA GLN F 125 -39.21 21.96 -33.49
C GLN F 125 -39.64 23.18 -34.29
N LEU F 126 -39.09 24.33 -33.93
CA LEU F 126 -39.52 25.59 -34.51
C LEU F 126 -39.20 25.70 -36.00
N ARG F 127 -38.03 25.21 -36.41
CA ARG F 127 -37.53 25.38 -37.78
C ARG F 127 -37.56 26.85 -38.22
N ASP F 128 -38.20 27.14 -39.36
CA ASP F 128 -38.21 28.50 -39.91
C ASP F 128 -39.35 29.39 -39.39
N ASN F 129 -40.18 28.84 -38.50
CA ASN F 129 -41.20 29.58 -37.77
C ASN F 129 -40.62 30.60 -36.82
N ALA F 130 -39.44 30.31 -36.29
CA ALA F 130 -38.76 31.25 -35.41
C ALA F 130 -37.35 31.52 -35.88
N ASN F 131 -36.84 32.68 -35.49
CA ASN F 131 -35.48 33.08 -35.83
C ASN F 131 -34.50 32.91 -34.65
N ASP F 132 -33.38 32.22 -34.89
CA ASP F 132 -32.44 31.89 -33.82
C ASP F 132 -31.46 33.02 -33.57
N LEU F 133 -31.66 33.73 -32.47
CA LEU F 133 -30.74 34.76 -32.05
C LEU F 133 -29.46 34.06 -31.58
N GLY F 134 -28.40 34.83 -31.32
CA GLY F 134 -27.17 34.23 -30.86
C GLY F 134 -27.25 33.48 -29.53
N ASN F 135 -28.08 33.99 -28.63
CA ASN F 135 -28.05 33.62 -27.23
C ASN F 135 -28.91 32.48 -26.76
N GLY F 136 -29.26 31.54 -27.64
CA GLY F 136 -30.16 30.47 -27.21
C GLY F 136 -31.61 30.90 -27.13
N CYS F 137 -31.89 32.13 -27.55
CA CYS F 137 -33.25 32.66 -27.57
C CYS F 137 -33.82 32.65 -28.98
N PHE F 138 -35.13 32.46 -29.11
CA PHE F 138 -35.77 32.38 -30.42
C PHE F 138 -36.87 33.44 -30.58
N GLU F 139 -36.80 34.25 -31.65
CA GLU F 139 -37.87 35.21 -31.93
C GLU F 139 -38.86 34.62 -32.93
N PHE F 140 -40.11 34.45 -32.51
CA PHE F 140 -41.15 33.88 -33.36
C PHE F 140 -41.57 34.81 -34.50
N TRP F 141 -41.71 34.21 -35.69
CA TRP F 141 -42.29 34.90 -36.84
C TRP F 141 -43.80 34.87 -36.77
N HIS F 142 -44.35 34.57 -35.60
CA HIS F 142 -45.80 34.63 -35.42
C HIS F 142 -46.19 35.00 -34.00
N LYS F 143 -47.48 34.98 -33.70
CA LYS F 143 -47.92 35.25 -32.35
C LYS F 143 -48.08 33.94 -31.62
N CYS F 144 -47.36 33.81 -30.50
CA CYS F 144 -47.34 32.55 -29.80
C CYS F 144 -48.08 32.66 -28.45
N ASP F 145 -49.21 31.95 -28.36
CA ASP F 145 -50.09 31.93 -27.20
C ASP F 145 -49.42 31.16 -26.06
N ASN F 146 -49.79 31.45 -24.80
CA ASN F 146 -49.35 30.60 -23.69
C ASN F 146 -49.54 29.13 -24.00
N GLU F 147 -50.54 28.80 -24.82
CA GLU F 147 -50.76 27.43 -25.26
C GLU F 147 -49.64 27.03 -26.21
N CYS F 148 -49.24 27.97 -27.05
CA CYS F 148 -48.17 27.74 -28.01
C CYS F 148 -46.85 27.51 -27.27
N MET F 149 -46.54 28.38 -26.31
CA MET F 149 -45.32 28.25 -25.53
C MET F 149 -45.32 26.89 -24.86
N GLU F 150 -46.37 26.61 -24.08
CA GLU F 150 -46.59 25.30 -23.45
C GLU F 150 -46.32 24.11 -24.36
N SER F 151 -46.58 24.26 -25.65
CA SER F 151 -46.43 23.14 -26.57
C SER F 151 -44.99 22.93 -26.97
N VAL F 152 -44.24 24.03 -27.03
CA VAL F 152 -42.82 23.98 -27.35
C VAL F 152 -42.06 23.21 -26.28
N LYS F 153 -42.40 23.51 -25.04
CA LYS F 153 -41.89 22.80 -23.88
C LYS F 153 -42.33 21.34 -23.87
N ASN F 154 -43.65 21.09 -23.94
CA ASN F 154 -44.19 19.74 -24.01
C ASN F 154 -43.60 18.89 -25.13
N GLY F 155 -43.06 19.54 -26.16
CA GLY F 155 -42.51 18.84 -27.30
C GLY F 155 -43.56 18.43 -28.30
N THR F 156 -44.69 19.10 -28.24
CA THR F 156 -45.83 18.80 -29.12
C THR F 156 -46.20 19.98 -30.00
N TYR F 157 -45.19 20.68 -30.50
CA TYR F 157 -45.38 21.91 -31.24
C TYR F 157 -45.86 21.68 -32.66
N ASP F 158 -46.98 22.32 -33.03
CA ASP F 158 -47.55 22.16 -34.36
C ASP F 158 -46.91 23.11 -35.36
N TYR F 159 -45.92 22.63 -36.10
CA TYR F 159 -45.24 23.46 -37.09
C TYR F 159 -46.06 23.87 -38.32
N PRO F 160 -46.79 22.93 -38.96
CA PRO F 160 -47.57 23.39 -40.12
C PRO F 160 -48.61 24.44 -39.71
N LYS F 161 -49.14 24.29 -38.51
CA LYS F 161 -50.22 25.12 -38.01
C LYS F 161 -49.91 26.59 -38.11
N TYR F 162 -48.66 26.95 -37.84
CA TYR F 162 -48.24 28.34 -37.88
C TYR F 162 -47.38 28.68 -39.11
N GLN F 163 -47.21 27.71 -40.01
CA GLN F 163 -46.26 27.88 -41.12
C GLN F 163 -46.62 29.05 -42.03
N LYS F 164 -47.88 29.12 -42.45
CA LYS F 164 -48.34 30.13 -43.41
C LYS F 164 -48.25 31.53 -42.78
N GLU F 165 -48.71 31.68 -41.55
CA GLU F 165 -48.58 32.94 -40.83
C GLU F 165 -47.11 33.37 -40.75
N SER F 166 -46.22 32.39 -40.66
CA SER F 166 -44.80 32.65 -40.50
C SER F 166 -44.13 33.04 -41.81
N LYS F 167 -44.50 32.36 -42.89
CA LYS F 167 -43.96 32.67 -44.21
C LYS F 167 -44.19 34.15 -44.56
N LEU F 168 -45.38 34.66 -44.26
CA LEU F 168 -45.69 36.07 -44.49
C LEU F 168 -44.72 37.05 -43.85
N ASN F 169 -44.73 37.10 -42.52
CA ASN F 169 -43.93 38.10 -41.80
C ASN F 169 -42.44 37.89 -41.98
N ARG F 170 -42.04 36.64 -42.19
CA ARG F 170 -40.63 36.32 -42.47
C ARG F 170 -40.14 37.06 -43.72
N GLN F 171 -41.05 37.24 -44.68
CA GLN F 171 -40.73 37.90 -45.94
C GLN F 171 -41.41 39.27 -46.08
N GLY F 172 -42.44 39.52 -45.28
CA GLY F 172 -43.08 40.82 -45.25
C GLY F 172 -42.28 41.88 -44.50
#